data_6ARV
#
_entry.id   6ARV
#
_cell.length_a   75.230
_cell.length_b   99.120
_cell.length_c   208.850
_cell.angle_alpha   90.000
_cell.angle_beta   90.000
_cell.angle_gamma   90.000
#
_symmetry.space_group_name_H-M   'P 21 21 2'
#
loop_
_entity.id
_entity.type
_entity.pdbx_description
1 polymer 'Histone-arginine methyltransferase CARM1'
2 non-polymer S-ADENOSYL-L-HOMOCYSTEINE
3 non-polymer (2R)-1-amino-3-{3-[4-(morpholin-4-yl)-1-(propan-2-yl)-1H-pyrazolo[3,4-b]pyridin-6-yl]phenoxy}propan-2-ol
4 non-polymer GLYCEROL
5 water water
#
_entity_poly.entity_id   1
_entity_poly.type   'polypeptide(L)'
_entity_poly.pdbx_seq_one_letter_code
;SIARSVFSERTEESSAVQYFQFYGYLSQQQNMMQDYVRTGTYQRAILQNHTDFKDKIVLDVGCGSGILSFFAAQAGARKI
YAVEASTMAQHAEVLVKSNNLTDRIVVIPGKVEEVSLPEQVDIIISEPMGYMLFNERMLESYLHAKKYLKPSGNMFPTIG
DVHLAPFTDEQLYMEQFTKANFWYQPSFHGVDLSALRGAAVDEYFRQPVVDTFDIRILMAKSVKYTVNFLEAKEGDLHRI
EIPFKFHMLHSGLVHGLAFWFDVAFIGSIMTVWLSTAPTEPLTHWYQVRCLFQSPLFAKAGDTLSGTCLLIANKRQSYDI
SIVAQVDQTGSKSSNLLDLKNPFFRYTGT
;
_entity_poly.pdbx_strand_id   A,B,C,D
#
loop_
_chem_comp.id
_chem_comp.type
_chem_comp.name
_chem_comp.formula
BW7 non-polymer (2R)-1-amino-3-{3-[4-(morpholin-4-yl)-1-(propan-2-yl)-1H-pyrazolo[3,4-b]pyridin-6-yl]phenoxy}propan-2-ol 'C22 H29 N5 O3'
GOL non-polymer GLYCEROL 'C3 H8 O3'
#
# COMPACT_ATOMS: atom_id res chain seq x y z
N ARG A 4 -42.80 12.19 -19.06
CA ARG A 4 -44.28 11.99 -19.05
C ARG A 4 -44.73 11.41 -17.70
N SER A 5 -44.35 10.15 -17.45
CA SER A 5 -44.77 9.35 -16.29
C SER A 5 -43.92 9.58 -15.04
N VAL A 6 -44.34 9.01 -13.90
CA VAL A 6 -43.53 9.07 -12.67
C VAL A 6 -42.13 8.47 -12.92
N PHE A 7 -42.09 7.37 -13.69
CA PHE A 7 -40.83 6.75 -14.04
C PHE A 7 -39.90 7.64 -14.85
N SER A 8 -40.33 8.08 -16.03
CA SER A 8 -39.43 8.88 -16.88
C SER A 8 -38.95 10.17 -16.19
N GLU A 9 -39.79 10.77 -15.36
CA GLU A 9 -39.41 11.94 -14.56
C GLU A 9 -38.22 11.72 -13.59
N ARG A 10 -38.08 10.52 -13.04
CA ARG A 10 -37.03 10.20 -12.05
C ARG A 10 -35.82 9.50 -12.72
N THR A 11 -35.94 9.19 -14.02
CA THR A 11 -34.99 8.28 -14.67
C THR A 11 -34.42 8.83 -15.98
N GLU A 12 -33.09 8.97 -16.05
CA GLU A 12 -32.49 9.40 -17.30
C GLU A 12 -32.61 8.31 -18.38
N GLU A 13 -32.74 8.77 -19.62
CA GLU A 13 -32.93 7.95 -20.80
C GLU A 13 -31.92 6.82 -20.86
N SER A 14 -30.65 7.19 -20.82
CA SER A 14 -29.56 6.24 -21.01
C SER A 14 -29.54 5.14 -19.95
N SER A 15 -29.86 5.52 -18.70
CA SER A 15 -29.95 4.54 -17.63
C SER A 15 -31.05 3.50 -17.93
N ALA A 16 -32.27 3.98 -18.21
CA ALA A 16 -33.43 3.11 -18.54
C ALA A 16 -33.15 2.17 -19.71
N VAL A 17 -32.62 2.71 -20.82
CA VAL A 17 -32.29 1.88 -21.98
C VAL A 17 -31.35 0.72 -21.62
N GLN A 18 -30.25 1.03 -20.95
CA GLN A 18 -29.27 0.06 -20.48
C GLN A 18 -29.85 -0.96 -19.48
N TYR A 19 -30.72 -0.48 -18.61
CA TYR A 19 -31.32 -1.29 -17.55
C TYR A 19 -32.27 -2.34 -18.14
N PHE A 20 -33.16 -1.95 -19.04
CA PHE A 20 -34.10 -2.91 -19.64
C PHE A 20 -33.46 -3.85 -20.67
N GLN A 21 -32.38 -3.40 -21.31
CA GLN A 21 -31.57 -4.29 -22.14
C GLN A 21 -30.97 -5.44 -21.32
N PHE A 22 -30.36 -5.11 -20.18
CA PHE A 22 -29.80 -6.09 -19.24
C PHE A 22 -30.82 -7.16 -18.82
N TYR A 23 -32.03 -6.75 -18.47
CA TYR A 23 -33.04 -7.72 -17.99
C TYR A 23 -33.77 -8.41 -19.13
N GLY A 24 -33.57 -7.89 -20.35
CA GLY A 24 -34.16 -8.48 -21.52
C GLY A 24 -33.44 -9.76 -21.97
N TYR A 25 -32.27 -10.07 -21.39
CA TYR A 25 -31.52 -11.28 -21.76
C TYR A 25 -31.97 -12.51 -20.97
N LEU A 26 -32.24 -13.60 -21.68
CA LEU A 26 -32.61 -14.89 -21.04
C LEU A 26 -31.54 -15.36 -20.06
N SER A 27 -30.28 -15.04 -20.37
CA SER A 27 -29.18 -15.40 -19.47
C SER A 27 -29.24 -14.71 -18.11
N GLN A 28 -29.69 -13.47 -18.08
CA GLN A 28 -29.84 -12.78 -16.79
CA GLN A 28 -29.84 -12.77 -16.79
C GLN A 28 -31.01 -13.34 -15.98
N GLN A 29 -32.13 -13.61 -16.66
CA GLN A 29 -33.28 -14.21 -15.99
C GLN A 29 -32.87 -15.57 -15.38
N GLN A 30 -32.19 -16.40 -16.19
CA GLN A 30 -31.64 -17.67 -15.73
C GLN A 30 -30.79 -17.55 -14.46
N ASN A 31 -29.85 -16.60 -14.45
CA ASN A 31 -29.03 -16.36 -13.29
C ASN A 31 -29.83 -16.14 -12.00
N MET A 32 -30.88 -15.33 -12.07
CA MET A 32 -31.76 -15.12 -10.93
C MET A 32 -32.59 -16.39 -10.63
N MET A 33 -33.12 -17.04 -11.67
CA MET A 33 -33.96 -18.23 -11.46
C MET A 33 -33.17 -19.35 -10.77
N GLN A 34 -31.90 -19.45 -11.14
CA GLN A 34 -31.06 -20.54 -10.66
C GLN A 34 -30.44 -20.27 -9.28
N ASP A 35 -30.67 -19.08 -8.72
CA ASP A 35 -30.38 -18.83 -7.29
C ASP A 35 -31.45 -19.61 -6.50
N TYR A 36 -31.10 -20.81 -6.06
CA TYR A 36 -32.09 -21.72 -5.46
C TYR A 36 -32.64 -21.15 -4.14
N VAL A 37 -31.78 -20.53 -3.34
CA VAL A 37 -32.22 -19.96 -2.06
C VAL A 37 -33.31 -18.89 -2.33
N ARG A 38 -33.06 -18.03 -3.31
CA ARG A 38 -34.02 -17.03 -3.75
C ARG A 38 -35.31 -17.63 -4.31
N THR A 39 -35.18 -18.51 -5.30
CA THR A 39 -36.36 -18.97 -6.01
C THR A 39 -37.16 -19.99 -5.14
N GLY A 40 -36.45 -20.82 -4.39
CA GLY A 40 -37.10 -21.81 -3.51
C GLY A 40 -37.83 -21.11 -2.38
N THR A 41 -37.28 -19.99 -1.91
CA THR A 41 -37.86 -19.29 -0.74
C THR A 41 -39.12 -18.54 -1.16
N TYR A 42 -39.05 -17.87 -2.31
CA TYR A 42 -40.24 -17.27 -2.93
C TYR A 42 -41.36 -18.33 -3.13
N GLN A 43 -41.04 -19.49 -3.69
CA GLN A 43 -42.06 -20.50 -3.93
C GLN A 43 -42.68 -20.98 -2.62
N ARG A 44 -41.84 -21.24 -1.62
CA ARG A 44 -42.28 -21.69 -0.30
C ARG A 44 -43.14 -20.66 0.43
N ALA A 45 -42.74 -19.39 0.39
CA ALA A 45 -43.53 -18.31 0.98
C ALA A 45 -44.91 -18.21 0.39
N ILE A 46 -44.98 -18.38 -0.93
CA ILE A 46 -46.22 -18.29 -1.65
C ILE A 46 -47.08 -19.55 -1.41
N LEU A 47 -46.51 -20.76 -1.59
CA LEU A 47 -47.29 -21.99 -1.43
C LEU A 47 -47.70 -22.28 0.00
N GLN A 48 -46.83 -21.99 0.97
CA GLN A 48 -47.19 -22.23 2.38
C GLN A 48 -48.22 -21.18 2.86
N ASN A 49 -48.34 -20.07 2.14
CA ASN A 49 -49.41 -19.08 2.39
C ASN A 49 -50.53 -19.10 1.34
N HIS A 50 -50.98 -20.30 0.96
CA HIS A 50 -51.93 -20.48 -0.14
C HIS A 50 -53.22 -19.73 0.03
N THR A 51 -53.75 -19.66 1.26
CA THR A 51 -54.96 -18.86 1.51
C THR A 51 -54.79 -17.37 1.16
N ASP A 52 -53.57 -16.87 1.13
CA ASP A 52 -53.33 -15.50 0.62
C ASP A 52 -53.45 -15.36 -0.91
N PHE A 53 -53.48 -16.49 -1.61
CA PHE A 53 -53.56 -16.49 -3.07
C PHE A 53 -54.85 -17.09 -3.62
N LYS A 54 -55.40 -18.05 -2.88
CA LYS A 54 -56.51 -18.87 -3.36
C LYS A 54 -57.69 -17.98 -3.74
N ASP A 55 -58.12 -18.08 -5.00
CA ASP A 55 -59.19 -17.27 -5.61
C ASP A 55 -58.99 -15.77 -5.52
N LYS A 56 -57.73 -15.34 -5.41
CA LYS A 56 -57.40 -13.92 -5.26
C LYS A 56 -56.89 -13.30 -6.56
N ILE A 57 -56.82 -11.97 -6.59
CA ILE A 57 -56.31 -11.20 -7.75
C ILE A 57 -54.93 -10.70 -7.38
N VAL A 58 -53.95 -10.99 -8.25
CA VAL A 58 -52.54 -10.78 -7.95
C VAL A 58 -51.92 -9.84 -8.98
N LEU A 59 -51.01 -8.98 -8.54
CA LEU A 59 -50.11 -8.23 -9.43
C LEU A 59 -48.65 -8.64 -9.15
N ASP A 60 -47.96 -9.05 -10.20
CA ASP A 60 -46.53 -9.37 -10.19
C ASP A 60 -45.78 -8.19 -10.82
N VAL A 61 -45.01 -7.46 -10.01
CA VAL A 61 -44.29 -6.29 -10.51
C VAL A 61 -42.94 -6.69 -11.05
N GLY A 62 -42.77 -6.56 -12.36
CA GLY A 62 -41.51 -6.94 -13.03
C GLY A 62 -41.38 -8.46 -13.12
N CYS A 63 -42.26 -9.07 -13.92
CA CYS A 63 -42.45 -10.52 -13.88
C CYS A 63 -41.28 -11.29 -14.47
N GLY A 64 -40.43 -10.62 -15.27
CA GLY A 64 -39.31 -11.36 -15.85
C GLY A 64 -39.81 -12.53 -16.69
N SER A 65 -39.28 -13.73 -16.41
CA SER A 65 -39.68 -14.97 -17.08
C SER A 65 -41.12 -15.37 -16.78
N GLY A 66 -41.65 -14.86 -15.67
CA GLY A 66 -43.05 -15.13 -15.30
C GLY A 66 -43.07 -16.00 -14.07
N ILE A 67 -41.87 -16.34 -13.57
CA ILE A 67 -41.68 -17.35 -12.50
C ILE A 67 -42.54 -17.15 -11.23
N LEU A 68 -42.61 -15.92 -10.71
CA LEU A 68 -43.39 -15.68 -9.51
C LEU A 68 -44.89 -15.81 -9.78
N SER A 69 -45.31 -15.40 -10.97
CA SER A 69 -46.68 -15.59 -11.39
C SER A 69 -47.10 -17.06 -11.49
N PHE A 70 -46.20 -17.93 -11.99
CA PHE A 70 -46.53 -19.35 -11.96
C PHE A 70 -46.69 -19.84 -10.54
N PHE A 71 -45.94 -19.29 -9.59
CA PHE A 71 -46.07 -19.75 -8.20
C PHE A 71 -47.43 -19.33 -7.63
N ALA A 72 -47.83 -18.08 -7.87
CA ALA A 72 -49.18 -17.61 -7.52
C ALA A 72 -50.31 -18.45 -8.13
N ALA A 73 -50.14 -18.88 -9.39
CA ALA A 73 -51.08 -19.75 -10.05
C ALA A 73 -51.15 -21.12 -9.35
N GLN A 74 -49.99 -21.69 -9.02
CA GLN A 74 -49.92 -22.96 -8.28
C GLN A 74 -50.64 -22.91 -6.95
N ALA A 75 -50.57 -21.75 -6.28
CA ALA A 75 -51.29 -21.49 -5.03
C ALA A 75 -52.78 -21.10 -5.22
N GLY A 76 -53.30 -21.24 -6.44
CA GLY A 76 -54.74 -21.10 -6.73
C GLY A 76 -55.31 -19.72 -7.04
N ALA A 77 -54.46 -18.75 -7.38
CA ALA A 77 -54.94 -17.40 -7.71
C ALA A 77 -55.94 -17.42 -8.86
N ARG A 78 -56.97 -16.57 -8.78
CA ARG A 78 -57.98 -16.54 -9.85
C ARG A 78 -57.42 -15.83 -11.06
N LYS A 79 -56.65 -14.77 -10.82
CA LYS A 79 -56.17 -13.92 -11.90
C LYS A 79 -54.87 -13.27 -11.48
N ILE A 80 -53.88 -13.30 -12.38
CA ILE A 80 -52.58 -12.70 -12.10
C ILE A 80 -52.17 -11.76 -13.24
N TYR A 81 -51.95 -10.49 -12.93
CA TYR A 81 -51.45 -9.54 -13.94
C TYR A 81 -49.92 -9.47 -13.82
N ALA A 82 -49.23 -9.88 -14.86
CA ALA A 82 -47.79 -9.95 -14.83
C ALA A 82 -47.20 -8.83 -15.70
N VAL A 83 -46.73 -7.76 -15.04
CA VAL A 83 -46.22 -6.57 -15.69
C VAL A 83 -44.70 -6.63 -15.87
N GLU A 84 -44.23 -6.35 -17.09
CA GLU A 84 -42.81 -6.39 -17.39
C GLU A 84 -42.48 -5.44 -18.54
N ALA A 85 -41.48 -4.60 -18.32
CA ALA A 85 -41.18 -3.53 -19.24
C ALA A 85 -40.10 -3.90 -20.24
N SER A 86 -39.30 -4.91 -19.95
CA SER A 86 -38.30 -5.33 -20.96
C SER A 86 -38.92 -6.24 -22.02
N THR A 87 -38.11 -6.61 -23.01
CA THR A 87 -38.55 -7.53 -24.06
C THR A 87 -38.78 -8.95 -23.53
N MET A 88 -38.38 -9.20 -22.29
CA MET A 88 -38.69 -10.45 -21.59
C MET A 88 -40.18 -10.71 -21.50
N ALA A 89 -41.01 -9.65 -21.56
CA ALA A 89 -42.48 -9.85 -21.57
C ALA A 89 -42.96 -10.83 -22.65
N GLN A 90 -42.46 -10.66 -23.87
CA GLN A 90 -42.83 -11.57 -24.98
C GLN A 90 -42.45 -13.04 -24.67
N HIS A 91 -41.31 -13.27 -24.02
CA HIS A 91 -40.92 -14.64 -23.61
C HIS A 91 -41.83 -15.14 -22.53
N ALA A 92 -42.23 -14.26 -21.62
CA ALA A 92 -43.17 -14.69 -20.56
C ALA A 92 -44.50 -15.14 -21.14
N GLU A 93 -44.98 -14.47 -22.17
N GLU A 93 -44.96 -14.45 -22.18
CA GLU A 93 -46.27 -14.84 -22.78
CA GLU A 93 -46.21 -14.76 -22.88
C GLU A 93 -46.18 -16.19 -23.49
C GLU A 93 -46.16 -16.17 -23.46
N VAL A 94 -45.02 -16.49 -24.09
CA VAL A 94 -44.76 -17.85 -24.63
C VAL A 94 -44.90 -18.90 -23.54
N LEU A 95 -44.32 -18.67 -22.37
CA LEU A 95 -44.37 -19.68 -21.30
C LEU A 95 -45.77 -19.86 -20.75
N VAL A 96 -46.51 -18.75 -20.64
CA VAL A 96 -47.90 -18.87 -20.20
C VAL A 96 -48.74 -19.75 -21.14
N LYS A 97 -48.58 -19.57 -22.47
CA LYS A 97 -49.26 -20.46 -23.42
C LYS A 97 -48.77 -21.91 -23.33
N SER A 98 -47.46 -22.13 -23.34
CA SER A 98 -46.97 -23.53 -23.30
C SER A 98 -47.33 -24.25 -21.99
N ASN A 99 -47.56 -23.49 -20.92
CA ASN A 99 -48.00 -24.06 -19.64
C ASN A 99 -49.52 -24.07 -19.44
N ASN A 100 -50.26 -23.71 -20.48
CA ASN A 100 -51.74 -23.77 -20.47
C ASN A 100 -52.35 -22.97 -19.33
N LEU A 101 -51.86 -21.73 -19.14
CA LEU A 101 -52.34 -20.84 -18.06
C LEU A 101 -52.80 -19.46 -18.58
N THR A 102 -53.26 -19.46 -19.83
CA THR A 102 -53.77 -18.28 -20.55
C THR A 102 -55.03 -17.73 -19.87
N ASP A 103 -55.74 -18.59 -19.16
CA ASP A 103 -56.97 -18.23 -18.47
C ASP A 103 -56.68 -17.59 -17.11
N ARG A 104 -55.43 -17.68 -16.62
CA ARG A 104 -55.10 -17.16 -15.29
C ARG A 104 -53.99 -16.14 -15.20
N ILE A 105 -53.01 -16.23 -16.10
CA ILE A 105 -51.87 -15.30 -16.06
C ILE A 105 -51.98 -14.38 -17.28
N VAL A 106 -52.11 -13.06 -17.04
CA VAL A 106 -52.20 -12.06 -18.11
C VAL A 106 -50.94 -11.18 -18.12
N VAL A 107 -50.07 -11.40 -19.10
CA VAL A 107 -48.88 -10.59 -19.22
C VAL A 107 -49.34 -9.22 -19.74
N ILE A 108 -48.81 -8.16 -19.15
CA ILE A 108 -49.08 -6.77 -19.56
C ILE A 108 -47.73 -6.07 -19.80
N PRO A 109 -47.31 -5.90 -21.07
CA PRO A 109 -45.99 -5.32 -21.39
C PRO A 109 -45.92 -3.84 -21.01
N GLY A 110 -44.78 -3.41 -20.49
CA GLY A 110 -44.58 -1.99 -20.14
C GLY A 110 -44.28 -1.77 -18.66
N LYS A 111 -44.06 -0.50 -18.29
CA LYS A 111 -43.67 -0.08 -16.95
C LYS A 111 -44.90 -0.02 -16.05
N VAL A 112 -44.77 -0.49 -14.81
CA VAL A 112 -45.91 -0.53 -13.91
C VAL A 112 -46.44 0.88 -13.61
N GLU A 113 -45.58 1.88 -13.80
CA GLU A 113 -45.94 3.30 -13.65
C GLU A 113 -46.76 3.80 -14.84
N GLU A 114 -46.79 3.03 -15.92
CA GLU A 114 -47.36 3.53 -17.17
C GLU A 114 -48.53 2.71 -17.75
N VAL A 115 -48.65 1.45 -17.35
CA VAL A 115 -49.72 0.60 -17.85
C VAL A 115 -51.07 0.88 -17.18
N SER A 116 -52.15 0.29 -17.70
CA SER A 116 -53.46 0.32 -17.03
C SER A 116 -53.85 -1.10 -16.65
N LEU A 117 -54.18 -1.36 -15.40
CA LEU A 117 -54.68 -2.67 -15.00
C LEU A 117 -56.18 -2.62 -14.98
N PRO A 118 -56.85 -3.74 -15.30
CA PRO A 118 -58.31 -3.68 -15.42
C PRO A 118 -59.07 -3.63 -14.11
N GLU A 119 -58.41 -3.93 -13.00
CA GLU A 119 -59.07 -3.97 -11.69
C GLU A 119 -58.01 -3.84 -10.59
N GLN A 120 -58.46 -3.57 -9.38
CA GLN A 120 -57.59 -3.58 -8.20
C GLN A 120 -57.26 -5.02 -7.77
N VAL A 121 -56.18 -5.18 -7.02
CA VAL A 121 -55.67 -6.51 -6.68
C VAL A 121 -55.65 -6.76 -5.18
N ASP A 122 -55.69 -8.04 -4.76
CA ASP A 122 -55.62 -8.39 -3.34
C ASP A 122 -54.21 -8.40 -2.76
N ILE A 123 -53.22 -8.67 -3.62
CA ILE A 123 -51.84 -8.88 -3.18
C ILE A 123 -50.87 -8.57 -4.32
N ILE A 124 -49.75 -7.94 -4.00
CA ILE A 124 -48.70 -7.61 -4.95
C ILE A 124 -47.49 -8.47 -4.59
N ILE A 125 -46.94 -9.16 -5.59
CA ILE A 125 -45.67 -9.88 -5.43
C ILE A 125 -44.65 -9.25 -6.36
N SER A 126 -43.37 -9.32 -5.96
CA SER A 126 -42.30 -8.80 -6.79
C SER A 126 -41.01 -9.29 -6.17
N GLU A 127 -40.00 -9.34 -7.02
CA GLU A 127 -38.65 -9.46 -6.56
C GLU A 127 -37.94 -8.20 -7.02
N PRO A 128 -37.97 -7.15 -6.19
CA PRO A 128 -37.46 -5.86 -6.61
C PRO A 128 -36.20 -5.42 -5.87
N MET A 129 -35.52 -6.34 -5.20
CA MET A 129 -34.32 -6.00 -4.42
C MET A 129 -33.06 -5.98 -5.27
N GLY A 130 -32.34 -4.86 -5.32
CA GLY A 130 -31.06 -4.82 -6.02
C GLY A 130 -29.97 -5.21 -5.04
N TYR A 131 -28.72 -5.22 -5.48
CA TYR A 131 -27.63 -5.43 -4.52
C TYR A 131 -27.65 -4.29 -3.49
N MET A 132 -27.23 -4.58 -2.26
CA MET A 132 -27.39 -3.64 -1.13
C MET A 132 -28.85 -3.19 -0.95
N LEU A 133 -29.77 -4.02 -1.46
CA LEU A 133 -31.25 -3.86 -1.42
C LEU A 133 -31.78 -2.76 -2.35
N PHE A 134 -31.17 -1.57 -2.23
CA PHE A 134 -31.68 -0.32 -2.83
C PHE A 134 -31.25 -0.03 -4.27
N ASN A 135 -30.18 -0.66 -4.75
CA ASN A 135 -29.80 -0.46 -6.17
C ASN A 135 -30.96 -0.78 -7.09
N GLU A 136 -31.02 -0.05 -8.22
CA GLU A 136 -32.07 -0.11 -9.25
C GLU A 136 -33.26 0.86 -9.04
N ARG A 137 -33.52 1.25 -7.79
CA ARG A 137 -34.74 2.00 -7.44
C ARG A 137 -36.02 1.25 -7.78
N MET A 138 -35.94 -0.09 -7.95
CA MET A 138 -37.16 -0.83 -8.24
C MET A 138 -38.11 -0.96 -7.04
N LEU A 139 -37.61 -0.71 -5.84
CA LEU A 139 -38.50 -0.62 -4.66
C LEU A 139 -39.54 0.47 -4.78
N GLU A 140 -39.18 1.56 -5.44
CA GLU A 140 -40.13 2.64 -5.70
C GLU A 140 -41.22 2.24 -6.71
N SER A 141 -40.89 1.42 -7.73
CA SER A 141 -41.93 0.88 -8.63
C SER A 141 -42.89 -0.04 -7.85
N TYR A 142 -42.31 -0.82 -6.95
CA TYR A 142 -43.09 -1.77 -6.12
C TYR A 142 -44.03 -0.98 -5.23
N LEU A 143 -43.55 0.11 -4.65
CA LEU A 143 -44.41 1.02 -3.84
C LEU A 143 -45.43 1.77 -4.69
N HIS A 144 -44.99 2.29 -5.84
CA HIS A 144 -45.89 2.95 -6.76
C HIS A 144 -47.09 2.09 -7.09
N ALA A 145 -46.85 0.78 -7.25
CA ALA A 145 -47.89 -0.19 -7.63
C ALA A 145 -49.01 -0.31 -6.62
N LYS A 146 -48.81 0.22 -5.43
CA LYS A 146 -49.87 0.20 -4.42
C LYS A 146 -51.12 0.99 -4.78
N LYS A 147 -51.03 1.81 -5.83
CA LYS A 147 -52.22 2.46 -6.37
C LYS A 147 -53.26 1.41 -6.79
N TYR A 148 -52.79 0.19 -7.11
CA TYR A 148 -53.68 -0.91 -7.52
C TYR A 148 -54.13 -1.82 -6.39
N LEU A 149 -53.62 -1.62 -5.19
CA LEU A 149 -53.91 -2.52 -4.08
C LEU A 149 -55.22 -2.16 -3.35
N LYS A 150 -56.08 -3.16 -3.16
CA LYS A 150 -57.31 -2.97 -2.39
C LYS A 150 -56.96 -2.60 -0.93
N PRO A 151 -57.85 -1.85 -0.24
CA PRO A 151 -57.58 -1.60 1.19
C PRO A 151 -57.35 -2.90 1.94
N SER A 152 -56.37 -2.92 2.82
CA SER A 152 -56.01 -4.13 3.55
C SER A 152 -55.45 -5.25 2.64
N GLY A 153 -54.99 -4.88 1.44
CA GLY A 153 -54.28 -5.85 0.60
C GLY A 153 -52.90 -6.13 1.18
N ASN A 154 -52.24 -7.19 0.68
CA ASN A 154 -50.95 -7.58 1.18
C ASN A 154 -49.84 -7.38 0.16
N MET A 155 -48.60 -7.41 0.65
N MET A 155 -48.60 -7.42 0.63
CA MET A 155 -47.38 -7.24 -0.16
CA MET A 155 -47.44 -7.31 -0.22
C MET A 155 -46.44 -8.37 0.15
C MET A 155 -46.43 -8.35 0.15
N PHE A 156 -45.88 -8.98 -0.89
CA PHE A 156 -44.97 -10.13 -0.76
C PHE A 156 -43.75 -9.84 -1.62
N PRO A 157 -42.63 -9.42 -1.00
CA PRO A 157 -42.38 -9.35 0.44
C PRO A 157 -43.05 -8.17 1.15
N THR A 158 -43.23 -8.31 2.45
CA THR A 158 -43.88 -7.29 3.29
C THR A 158 -42.94 -6.27 3.87
N ILE A 159 -41.78 -6.72 4.36
CA ILE A 159 -40.79 -5.80 4.95
C ILE A 159 -39.39 -6.17 4.47
N GLY A 160 -38.48 -5.20 4.57
CA GLY A 160 -37.06 -5.38 4.25
C GLY A 160 -36.20 -4.81 5.37
N ASP A 161 -35.20 -5.59 5.78
CA ASP A 161 -34.23 -5.13 6.81
C ASP A 161 -32.86 -4.97 6.15
N VAL A 162 -32.27 -3.80 6.26
CA VAL A 162 -30.87 -3.61 5.89
C VAL A 162 -29.99 -3.69 7.13
N HIS A 163 -28.93 -4.50 7.05
CA HIS A 163 -27.97 -4.62 8.15
C HIS A 163 -26.66 -4.01 7.75
N LEU A 164 -26.07 -3.28 8.69
CA LEU A 164 -24.71 -2.80 8.50
C LEU A 164 -23.84 -3.06 9.73
N ALA A 165 -22.57 -3.39 9.50
CA ALA A 165 -21.58 -3.64 10.55
C ALA A 165 -20.19 -3.22 10.06
N PRO A 166 -19.34 -2.64 10.97
CA PRO A 166 -17.93 -2.32 10.64
C PRO A 166 -17.14 -3.60 10.41
N PHE A 167 -16.17 -3.58 9.48
CA PHE A 167 -15.32 -4.74 9.20
C PHE A 167 -13.84 -4.34 9.13
N THR A 168 -12.97 -5.33 9.26
CA THR A 168 -11.54 -5.15 9.02
C THR A 168 -11.10 -6.12 7.93
N ASP A 169 -10.40 -5.62 6.92
CA ASP A 169 -9.94 -6.44 5.80
C ASP A 169 -8.82 -5.70 5.07
N GLU A 170 -7.61 -5.80 5.62
CA GLU A 170 -6.49 -5.06 5.08
C GLU A 170 -6.15 -5.56 3.66
N GLN A 171 -6.31 -6.85 3.43
CA GLN A 171 -6.13 -7.41 2.10
C GLN A 171 -7.01 -6.69 1.06
N LEU A 172 -8.30 -6.56 1.33
CA LEU A 172 -9.21 -5.84 0.41
C LEU A 172 -8.78 -4.38 0.24
N TYR A 173 -8.47 -3.74 1.35
CA TYR A 173 -8.07 -2.34 1.33
C TYR A 173 -6.83 -2.16 0.45
N MET A 174 -5.83 -3.03 0.64
CA MET A 174 -4.58 -2.91 -0.12
CA MET A 174 -4.57 -2.92 -0.11
C MET A 174 -4.76 -3.33 -1.58
N GLU A 175 -5.71 -4.21 -1.86
CA GLU A 175 -6.04 -4.56 -3.25
C GLU A 175 -6.54 -3.32 -4.01
N GLN A 176 -7.47 -2.58 -3.40
CA GLN A 176 -7.99 -1.36 -4.03
C GLN A 176 -6.95 -0.24 -4.07
N PHE A 177 -6.24 -0.07 -2.94
CA PHE A 177 -5.17 0.90 -2.83
C PHE A 177 -4.09 0.70 -3.90
N THR A 178 -3.71 -0.56 -4.14
CA THR A 178 -2.69 -0.89 -5.16
C THR A 178 -3.08 -0.52 -6.60
N LYS A 179 -4.35 -0.71 -6.96
CA LYS A 179 -4.84 -0.31 -8.29
C LYS A 179 -4.75 1.20 -8.45
N ALA A 180 -5.19 1.91 -7.40
CA ALA A 180 -5.17 3.37 -7.38
C ALA A 180 -3.77 3.96 -7.48
N ASN A 181 -2.79 3.29 -6.88
CA ASN A 181 -1.43 3.83 -6.86
C ASN A 181 -0.65 3.68 -8.16
N PHE A 182 -1.34 3.22 -9.19
CA PHE A 182 -0.83 3.26 -10.54
C PHE A 182 -0.59 4.73 -10.90
N TRP A 183 -1.51 5.57 -10.43
CA TRP A 183 -1.54 7.01 -10.69
C TRP A 183 -0.67 7.83 -9.76
N TYR A 184 0.21 7.13 -9.05
CA TYR A 184 1.19 7.75 -8.19
C TYR A 184 2.58 7.75 -8.88
N GLN A 185 2.75 6.96 -9.97
CA GLN A 185 4.03 6.86 -10.68
C GLN A 185 4.50 8.22 -11.21
N PRO A 186 5.78 8.61 -10.93
CA PRO A 186 6.26 9.87 -11.49
C PRO A 186 6.86 9.71 -12.89
N SER A 187 7.03 8.47 -13.36
CA SER A 187 7.65 8.29 -14.68
C SER A 187 7.07 7.11 -15.48
N PHE A 188 5.74 7.11 -15.68
CA PHE A 188 5.11 6.07 -16.50
C PHE A 188 5.45 6.29 -17.97
N HIS A 189 6.31 5.44 -18.54
CA HIS A 189 6.86 5.68 -19.90
C HIS A 189 7.39 7.11 -19.98
N GLY A 190 8.06 7.57 -18.92
CA GLY A 190 8.57 8.93 -18.85
C GLY A 190 7.57 10.03 -18.51
N VAL A 191 6.33 9.67 -18.18
CA VAL A 191 5.29 10.68 -17.89
C VAL A 191 4.98 10.69 -16.39
N ASP A 192 4.84 11.88 -15.81
CA ASP A 192 4.47 12.00 -14.40
C ASP A 192 2.95 11.97 -14.18
N LEU A 193 2.46 10.85 -13.64
CA LEU A 193 1.03 10.69 -13.41
C LEU A 193 0.58 11.16 -12.03
N SER A 194 1.55 11.42 -11.15
CA SER A 194 1.29 11.59 -9.71
C SER A 194 0.27 12.65 -9.30
N ALA A 195 0.08 13.68 -10.14
CA ALA A 195 -0.91 14.72 -9.85
C ALA A 195 -2.36 14.18 -9.90
N LEU A 196 -2.56 13.00 -10.47
CA LEU A 196 -3.89 12.38 -10.48
C LEU A 196 -4.09 11.31 -9.38
N ARG A 197 -3.12 11.15 -8.49
CA ARG A 197 -3.21 10.13 -7.43
C ARG A 197 -4.44 10.30 -6.52
N GLY A 198 -4.74 11.53 -6.13
CA GLY A 198 -5.91 11.85 -5.31
C GLY A 198 -7.22 11.53 -6.01
N ALA A 199 -7.33 11.92 -7.28
CA ALA A 199 -8.49 11.60 -8.10
C ALA A 199 -8.65 10.10 -8.24
N ALA A 200 -7.54 9.41 -8.43
CA ALA A 200 -7.54 7.97 -8.56
C ALA A 200 -7.98 7.24 -7.26
N VAL A 201 -7.44 7.63 -6.11
CA VAL A 201 -7.88 7.00 -4.85
C VAL A 201 -9.39 7.24 -4.68
N ASP A 202 -9.85 8.46 -4.91
CA ASP A 202 -11.29 8.77 -4.86
C ASP A 202 -12.16 7.88 -5.76
N GLU A 203 -11.75 7.73 -7.02
CA GLU A 203 -12.50 6.88 -7.96
C GLU A 203 -12.65 5.43 -7.51
N TYR A 204 -11.53 4.82 -7.12
CA TYR A 204 -11.54 3.41 -6.73
C TYR A 204 -12.31 3.20 -5.41
N PHE A 205 -12.14 4.13 -4.47
CA PHE A 205 -12.84 4.02 -3.18
C PHE A 205 -14.33 4.41 -3.21
N ARG A 206 -14.74 5.08 -4.29
CA ARG A 206 -16.14 5.44 -4.55
C ARG A 206 -16.97 4.19 -4.92
N GLN A 207 -16.29 3.10 -5.30
CA GLN A 207 -16.92 1.85 -5.74
C GLN A 207 -17.20 0.87 -4.57
N PRO A 208 -18.49 0.57 -4.31
CA PRO A 208 -18.75 -0.47 -3.31
C PRO A 208 -18.30 -1.82 -3.84
N VAL A 209 -17.97 -2.73 -2.94
CA VAL A 209 -17.39 -4.00 -3.30
C VAL A 209 -18.43 -5.12 -3.11
N VAL A 210 -18.79 -5.79 -4.21
CA VAL A 210 -19.83 -6.81 -4.21
C VAL A 210 -19.17 -8.19 -4.28
N ASP A 211 -19.18 -8.87 -3.13
CA ASP A 211 -18.63 -10.20 -2.98
CA ASP A 211 -18.58 -10.18 -2.96
C ASP A 211 -18.97 -10.72 -1.59
N THR A 212 -18.65 -11.98 -1.33
CA THR A 212 -18.89 -12.53 0.00
C THR A 212 -17.61 -12.52 0.85
N PHE A 213 -17.73 -12.81 2.14
CA PHE A 213 -16.59 -12.80 3.05
C PHE A 213 -16.88 -13.70 4.24
N ASP A 214 -15.81 -13.98 4.98
CA ASP A 214 -15.89 -14.68 6.25
C ASP A 214 -16.41 -13.73 7.34
N ILE A 215 -17.34 -14.24 8.15
CA ILE A 215 -17.93 -13.45 9.24
C ILE A 215 -16.93 -12.95 10.27
N ARG A 216 -15.73 -13.53 10.31
CA ARG A 216 -14.78 -13.13 11.32
C ARG A 216 -14.19 -11.74 11.06
N ILE A 217 -14.44 -11.18 9.87
CA ILE A 217 -14.01 -9.81 9.58
C ILE A 217 -14.87 -8.77 10.29
N LEU A 218 -16.05 -9.17 10.80
CA LEU A 218 -16.98 -8.22 11.40
C LEU A 218 -16.55 -7.86 12.81
N MET A 219 -16.66 -6.58 13.16
CA MET A 219 -16.08 -6.06 14.40
CA MET A 219 -16.09 -6.04 14.39
C MET A 219 -17.11 -5.69 15.47
N ALA A 220 -18.39 -5.74 15.12
CA ALA A 220 -19.45 -5.36 16.05
C ALA A 220 -20.76 -5.88 15.52
N LYS A 221 -21.69 -6.10 16.43
CA LYS A 221 -23.06 -6.45 16.10
C LYS A 221 -23.69 -5.45 15.11
N SER A 222 -24.47 -5.98 14.16
CA SER A 222 -25.06 -5.17 13.08
C SER A 222 -26.14 -4.22 13.56
N VAL A 223 -26.21 -3.03 12.97
CA VAL A 223 -27.33 -2.11 13.13
C VAL A 223 -28.35 -2.41 12.00
N LYS A 224 -29.63 -2.35 12.33
CA LYS A 224 -30.70 -2.74 11.42
C LYS A 224 -31.60 -1.58 11.03
N TYR A 225 -31.83 -1.38 9.75
CA TYR A 225 -32.83 -0.40 9.30
C TYR A 225 -33.95 -1.10 8.53
N THR A 226 -35.20 -0.78 8.87
CA THR A 226 -36.37 -1.49 8.34
C THR A 226 -37.23 -0.63 7.43
N VAL A 227 -37.49 -1.13 6.23
CA VAL A 227 -38.52 -0.56 5.37
C VAL A 227 -39.75 -1.45 5.38
N ASN A 228 -40.88 -0.88 5.79
CA ASN A 228 -42.15 -1.57 5.75
C ASN A 228 -42.90 -1.27 4.45
N PHE A 229 -42.99 -2.27 3.56
CA PHE A 229 -43.51 -2.04 2.21
C PHE A 229 -45.01 -1.78 2.17
N LEU A 230 -45.72 -2.32 3.15
CA LEU A 230 -47.15 -2.08 3.30
C LEU A 230 -47.43 -0.61 3.64
N GLU A 231 -46.52 0.04 4.37
CA GLU A 231 -46.76 1.39 4.88
C GLU A 231 -45.97 2.49 4.16
N ALA A 232 -44.81 2.16 3.58
CA ALA A 232 -43.99 3.20 2.95
C ALA A 232 -44.63 3.82 1.67
N LYS A 233 -44.37 5.10 1.43
CA LYS A 233 -44.70 5.70 0.15
C LYS A 233 -43.42 5.86 -0.67
N GLU A 234 -43.56 5.88 -2.01
CA GLU A 234 -42.34 5.89 -2.81
C GLU A 234 -41.40 7.06 -2.49
N GLY A 235 -42.00 8.19 -2.07
CA GLY A 235 -41.24 9.37 -1.66
C GLY A 235 -40.34 9.15 -0.44
N ASP A 236 -40.69 8.19 0.41
CA ASP A 236 -39.83 7.83 1.55
C ASP A 236 -38.45 7.36 1.13
N LEU A 237 -38.32 6.88 -0.11
CA LEU A 237 -37.07 6.27 -0.55
C LEU A 237 -36.14 7.23 -1.29
N HIS A 238 -36.50 8.52 -1.37
CA HIS A 238 -35.67 9.51 -2.06
C HIS A 238 -34.45 9.82 -1.26
N ARG A 239 -34.62 9.84 0.06
CA ARG A 239 -33.55 10.19 0.99
C ARG A 239 -33.69 9.20 2.15
N ILE A 240 -32.73 8.30 2.29
CA ILE A 240 -32.76 7.30 3.34
C ILE A 240 -31.63 7.56 4.34
N GLU A 241 -31.99 7.88 5.57
CA GLU A 241 -31.02 8.25 6.59
C GLU A 241 -30.94 7.21 7.71
N ILE A 242 -29.76 6.57 7.83
CA ILE A 242 -29.52 5.49 8.79
C ILE A 242 -28.42 5.88 9.81
N PRO A 243 -28.84 6.34 11.01
CA PRO A 243 -27.85 6.66 12.02
C PRO A 243 -27.36 5.35 12.66
N PHE A 244 -26.11 5.35 13.12
CA PHE A 244 -25.57 4.16 13.79
C PHE A 244 -24.64 4.52 14.94
N LYS A 245 -24.60 3.59 15.90
CA LYS A 245 -23.75 3.63 17.09
C LYS A 245 -23.29 2.18 17.33
N PHE A 246 -22.08 1.84 16.93
CA PHE A 246 -21.58 0.48 17.13
C PHE A 246 -20.78 0.36 18.43
N HIS A 247 -21.06 -0.70 19.19
N HIS A 247 -21.09 -0.68 19.22
CA HIS A 247 -20.23 -1.00 20.35
CA HIS A 247 -20.26 -1.05 20.36
C HIS A 247 -19.20 -2.00 19.92
C HIS A 247 -19.21 -2.00 19.85
N MET A 248 -17.96 -1.52 19.75
CA MET A 248 -16.90 -2.32 19.17
C MET A 248 -16.61 -3.54 20.04
N LEU A 249 -16.59 -4.71 19.42
CA LEU A 249 -16.34 -5.94 20.15
C LEU A 249 -14.88 -6.37 20.01
N HIS A 250 -14.17 -5.77 19.06
CA HIS A 250 -12.79 -6.17 18.76
C HIS A 250 -11.96 -4.97 18.50
N SER A 251 -10.66 -5.10 18.77
CA SER A 251 -9.71 -4.02 18.53
C SER A 251 -9.14 -4.17 17.13
N GLY A 252 -8.86 -3.05 16.47
CA GLY A 252 -8.21 -3.10 15.16
C GLY A 252 -8.57 -1.94 14.24
N LEU A 253 -8.16 -2.06 12.98
CA LEU A 253 -8.48 -1.06 11.97
C LEU A 253 -9.86 -1.30 11.35
N VAL A 254 -10.71 -0.29 11.40
CA VAL A 254 -12.00 -0.37 10.73
C VAL A 254 -11.86 0.07 9.27
N HIS A 255 -11.87 -0.89 8.33
CA HIS A 255 -11.70 -0.56 6.91
C HIS A 255 -12.95 -0.10 6.20
N GLY A 256 -14.12 -0.31 6.82
CA GLY A 256 -15.37 0.20 6.22
C GLY A 256 -16.59 -0.43 6.84
N LEU A 257 -17.75 -0.26 6.19
CA LEU A 257 -19.00 -0.93 6.60
C LEU A 257 -19.42 -2.01 5.62
N ALA A 258 -19.93 -3.12 6.17
CA ALA A 258 -20.44 -4.22 5.39
C ALA A 258 -21.97 -4.16 5.45
N PHE A 259 -22.63 -4.43 4.32
CA PHE A 259 -24.09 -4.40 4.21
C PHE A 259 -24.67 -5.71 3.73
N TRP A 260 -25.86 -6.03 4.25
CA TRP A 260 -26.64 -7.15 3.72
C TRP A 260 -28.10 -6.90 4.01
N PHE A 261 -28.99 -7.79 3.56
CA PHE A 261 -30.43 -7.54 3.74
C PHE A 261 -31.27 -8.82 3.82
N ASP A 262 -32.36 -8.72 4.58
CA ASP A 262 -33.37 -9.79 4.65
C ASP A 262 -34.71 -9.20 4.23
N VAL A 263 -35.59 -10.01 3.64
CA VAL A 263 -36.96 -9.57 3.44
C VAL A 263 -37.86 -10.61 4.10
N ALA A 264 -39.01 -10.18 4.61
CA ALA A 264 -39.99 -11.15 5.17
C ALA A 264 -41.32 -11.12 4.41
N PHE A 265 -41.87 -12.31 4.17
CA PHE A 265 -43.17 -12.45 3.53
C PHE A 265 -44.12 -12.71 4.68
N ILE A 266 -44.88 -11.69 5.11
CA ILE A 266 -45.70 -11.84 6.33
C ILE A 266 -47.09 -12.31 5.91
N GLY A 267 -47.28 -13.62 5.86
CA GLY A 267 -48.53 -14.14 5.32
C GLY A 267 -49.53 -14.49 6.42
N SER A 268 -50.76 -14.82 6.02
CA SER A 268 -51.81 -15.17 6.97
C SER A 268 -51.50 -16.45 7.74
N ILE A 269 -50.81 -17.40 7.09
CA ILE A 269 -50.50 -18.69 7.70
C ILE A 269 -49.15 -18.68 8.40
N MET A 270 -48.12 -18.13 7.75
CA MET A 270 -46.79 -18.08 8.36
C MET A 270 -45.89 -16.98 7.75
N THR A 271 -44.91 -16.53 8.52
CA THR A 271 -43.96 -15.59 8.01
C THR A 271 -42.76 -16.37 7.52
N VAL A 272 -42.28 -16.03 6.32
CA VAL A 272 -41.10 -16.69 5.73
C VAL A 272 -40.03 -15.64 5.42
N TRP A 273 -38.80 -15.93 5.82
CA TRP A 273 -37.66 -15.05 5.64
C TRP A 273 -36.77 -15.48 4.50
N LEU A 274 -36.37 -14.50 3.70
CA LEU A 274 -35.25 -14.68 2.76
C LEU A 274 -34.08 -13.80 3.21
N SER A 275 -32.93 -14.41 3.46
CA SER A 275 -31.76 -13.69 3.99
C SER A 275 -30.55 -13.74 3.05
N THR A 276 -29.81 -12.63 2.99
CA THR A 276 -28.56 -12.58 2.24
C THR A 276 -27.41 -12.33 3.20
N ALA A 277 -27.61 -12.71 4.47
CA ALA A 277 -26.60 -12.47 5.51
C ALA A 277 -25.37 -13.32 5.22
N PRO A 278 -24.17 -12.88 5.66
CA PRO A 278 -22.97 -13.69 5.45
C PRO A 278 -22.92 -14.94 6.36
N THR A 279 -23.83 -15.03 7.32
CA THR A 279 -23.98 -16.23 8.14
C THR A 279 -24.88 -17.27 7.45
N GLU A 280 -25.48 -16.90 6.33
CA GLU A 280 -26.41 -17.76 5.62
C GLU A 280 -25.81 -18.20 4.29
N PRO A 281 -26.38 -19.26 3.67
CA PRO A 281 -25.90 -19.76 2.38
C PRO A 281 -25.86 -18.65 1.32
N LEU A 282 -24.88 -18.72 0.42
CA LEU A 282 -24.63 -17.66 -0.55
C LEU A 282 -25.79 -17.50 -1.53
N THR A 283 -26.08 -16.25 -1.92
CA THR A 283 -27.10 -15.96 -2.94
C THR A 283 -26.44 -15.10 -4.00
N HIS A 284 -27.12 -14.93 -5.12
CA HIS A 284 -26.62 -14.06 -6.21
C HIS A 284 -26.45 -12.61 -5.81
N TRP A 285 -27.02 -12.22 -4.66
CA TRP A 285 -26.73 -10.89 -4.08
C TRP A 285 -25.41 -10.70 -3.39
N TYR A 286 -24.74 -11.81 -3.03
CA TYR A 286 -23.54 -11.78 -2.18
C TYR A 286 -23.80 -10.86 -1.00
N GLN A 287 -22.80 -10.04 -0.68
CA GLN A 287 -22.90 -8.95 0.30
C GLN A 287 -22.21 -7.71 -0.31
N VAL A 288 -22.32 -6.54 0.34
CA VAL A 288 -21.73 -5.31 -0.19
C VAL A 288 -20.90 -4.58 0.87
N ARG A 289 -19.70 -4.15 0.49
CA ARG A 289 -18.84 -3.41 1.40
C ARG A 289 -18.46 -2.04 0.86
N CYS A 290 -18.54 -1.02 1.72
CA CYS A 290 -18.10 0.34 1.39
C CYS A 290 -16.80 0.61 2.17
N LEU A 291 -15.70 0.81 1.46
CA LEU A 291 -14.41 1.08 2.10
C LEU A 291 -14.21 2.53 2.45
N PHE A 292 -13.52 2.79 3.56
CA PHE A 292 -12.97 4.14 3.84
C PHE A 292 -11.58 4.23 3.24
N GLN A 293 -11.26 5.29 2.51
CA GLN A 293 -9.88 5.45 2.00
C GLN A 293 -8.94 5.75 3.15
N SER A 294 -9.51 6.30 4.22
CA SER A 294 -8.79 6.59 5.45
C SER A 294 -9.41 5.78 6.62
N PRO A 295 -8.94 4.53 6.82
CA PRO A 295 -9.43 3.59 7.86
C PRO A 295 -9.30 4.09 9.31
N LEU A 296 -10.13 3.58 10.21
CA LEU A 296 -10.19 4.13 11.57
C LEU A 296 -9.73 3.11 12.58
N PHE A 297 -8.81 3.52 13.45
CA PHE A 297 -8.37 2.65 14.55
C PHE A 297 -9.31 2.70 15.74
N ALA A 298 -9.70 1.54 16.24
CA ALA A 298 -10.60 1.48 17.39
C ALA A 298 -10.23 0.33 18.33
N LYS A 299 -10.60 0.49 19.60
CA LYS A 299 -10.33 -0.52 20.62
C LYS A 299 -11.61 -1.22 21.02
N ALA A 300 -11.53 -2.49 21.38
CA ALA A 300 -12.68 -3.19 21.93
C ALA A 300 -13.33 -2.31 23.00
N GLY A 301 -14.64 -2.14 22.93
CA GLY A 301 -15.35 -1.30 23.88
C GLY A 301 -15.55 0.15 23.46
N ASP A 302 -14.87 0.59 22.41
CA ASP A 302 -15.16 1.92 21.83
C ASP A 302 -16.54 1.95 21.18
N THR A 303 -17.03 3.15 20.89
CA THR A 303 -18.25 3.26 20.11
C THR A 303 -17.95 3.97 18.78
N LEU A 304 -18.35 3.32 17.67
CA LEU A 304 -18.20 3.89 16.34
C LEU A 304 -19.56 4.42 15.92
N SER A 305 -19.68 5.72 15.77
CA SER A 305 -20.98 6.29 15.55
C SER A 305 -20.97 7.15 14.28
N GLY A 306 -22.14 7.32 13.67
CA GLY A 306 -22.28 8.21 12.53
C GLY A 306 -23.56 8.04 11.78
N THR A 307 -23.51 8.40 10.49
CA THR A 307 -24.69 8.35 9.64
C THR A 307 -24.34 7.77 8.26
N CYS A 308 -25.19 6.86 7.78
CA CYS A 308 -25.19 6.42 6.39
C CYS A 308 -26.42 7.01 5.71
N LEU A 309 -26.18 7.86 4.71
CA LEU A 309 -27.22 8.61 4.00
C LEU A 309 -27.25 8.17 2.54
N LEU A 310 -28.43 7.81 2.07
CA LEU A 310 -28.63 7.42 0.68
C LEU A 310 -29.54 8.42 -0.02
N ILE A 311 -28.97 9.09 -1.01
CA ILE A 311 -29.72 10.06 -1.81
C ILE A 311 -29.95 9.49 -3.21
N ALA A 312 -31.22 9.19 -3.54
CA ALA A 312 -31.57 8.63 -4.85
C ALA A 312 -31.15 9.57 -5.97
N ASN A 313 -30.69 9.01 -7.07
CA ASN A 313 -30.27 9.79 -8.24
C ASN A 313 -31.02 9.33 -9.50
N LYS A 314 -30.80 10.03 -10.62
CA LYS A 314 -31.52 9.75 -11.85
C LYS A 314 -31.03 8.51 -12.61
N ARG A 315 -29.96 7.89 -12.14
CA ARG A 315 -29.39 6.72 -12.80
C ARG A 315 -29.83 5.44 -12.10
N GLN A 316 -31.03 5.48 -11.52
CA GLN A 316 -31.67 4.27 -10.91
C GLN A 316 -30.81 3.75 -9.78
N SER A 317 -30.19 4.66 -9.04
CA SER A 317 -29.38 4.26 -7.91
C SER A 317 -29.31 5.34 -6.85
N TYR A 318 -28.24 5.35 -6.06
CA TYR A 318 -28.10 6.21 -4.88
C TYR A 318 -26.69 6.73 -4.72
N ASP A 319 -26.58 7.98 -4.29
CA ASP A 319 -25.29 8.54 -3.82
C ASP A 319 -25.22 8.21 -2.33
N ILE A 320 -24.21 7.44 -1.92
CA ILE A 320 -24.08 6.99 -0.53
C ILE A 320 -23.05 7.87 0.15
N SER A 321 -23.43 8.48 1.28
CA SER A 321 -22.41 9.10 2.14
C SER A 321 -22.34 8.36 3.46
N ILE A 322 -21.12 8.08 3.88
CA ILE A 322 -20.89 7.48 5.17
C ILE A 322 -19.90 8.34 5.94
N VAL A 323 -20.43 8.96 7.00
CA VAL A 323 -19.63 9.72 7.96
C VAL A 323 -19.60 8.87 9.24
N ALA A 324 -18.40 8.47 9.66
CA ALA A 324 -18.21 7.64 10.86
C ALA A 324 -17.14 8.24 11.76
N GLN A 325 -17.31 8.10 13.08
CA GLN A 325 -16.24 8.49 14.01
C GLN A 325 -16.09 7.59 15.24
N VAL A 326 -14.85 7.44 15.71
CA VAL A 326 -14.55 6.73 16.96
C VAL A 326 -14.71 7.77 18.05
N ASP A 327 -15.75 7.61 18.88
CA ASP A 327 -16.09 8.66 19.86
C ASP A 327 -14.94 8.96 20.83
N GLN A 328 -14.21 7.92 21.23
CA GLN A 328 -13.16 8.02 22.25
C GLN A 328 -11.95 8.85 21.81
N THR A 329 -11.80 9.09 20.50
CA THR A 329 -10.63 9.83 19.99
C THR A 329 -10.97 11.02 19.08
N GLY A 330 -12.23 11.14 18.68
CA GLY A 330 -12.63 12.13 17.69
C GLY A 330 -12.03 11.87 16.30
N SER A 331 -11.61 10.64 16.04
CA SER A 331 -11.14 10.24 14.72
C SER A 331 -12.32 10.02 13.74
N LYS A 332 -12.32 10.76 12.63
CA LYS A 332 -13.48 10.87 11.73
C LYS A 332 -13.15 10.39 10.31
N SER A 333 -14.09 9.71 9.65
CA SER A 333 -13.96 9.35 8.22
C SER A 333 -15.23 9.73 7.46
N SER A 334 -15.06 10.51 6.39
CA SER A 334 -16.16 10.92 5.51
C SER A 334 -15.94 10.32 4.13
N ASN A 335 -17.00 9.71 3.58
CA ASN A 335 -16.91 8.96 2.32
C ASN A 335 -18.18 9.14 1.47
N LEU A 336 -18.00 9.13 0.13
CA LEU A 336 -19.14 9.20 -0.81
C LEU A 336 -18.97 8.09 -1.80
N LEU A 337 -19.98 7.23 -1.93
CA LEU A 337 -19.89 6.11 -2.87
C LEU A 337 -20.95 6.16 -3.97
N ASP A 338 -20.59 5.67 -5.15
CA ASP A 338 -21.51 5.61 -6.29
C ASP A 338 -22.04 4.17 -6.43
N LEU A 339 -23.24 3.94 -5.90
CA LEU A 339 -23.79 2.58 -5.81
C LEU A 339 -23.96 1.95 -7.19
N LYS A 340 -24.30 2.77 -8.16
CA LYS A 340 -24.48 2.36 -9.55
C LYS A 340 -23.28 1.64 -10.15
N ASN A 341 -22.07 2.00 -9.73
CA ASN A 341 -20.86 1.49 -10.37
C ASN A 341 -19.90 0.82 -9.43
N PRO A 342 -20.20 -0.43 -9.04
CA PRO A 342 -19.40 -1.08 -8.04
C PRO A 342 -18.33 -1.98 -8.65
N PHE A 343 -17.43 -2.46 -7.79
CA PHE A 343 -16.46 -3.49 -8.12
C PHE A 343 -17.14 -4.82 -7.81
N PHE A 344 -17.48 -5.56 -8.87
CA PHE A 344 -18.05 -6.91 -8.76
C PHE A 344 -16.90 -7.90 -8.61
N ARG A 345 -16.30 -7.89 -7.43
CA ARG A 345 -15.13 -8.71 -7.10
C ARG A 345 -15.35 -10.23 -7.22
N TYR A 346 -16.60 -10.69 -7.10
CA TYR A 346 -16.89 -12.13 -7.19
C TYR A 346 -16.72 -12.74 -8.58
N THR A 347 -16.67 -11.91 -9.63
CA THR A 347 -16.53 -12.36 -11.02
C THR A 347 -15.14 -12.91 -11.37
N ARG B 4 -26.73 19.14 -33.65
CA ARG B 4 -26.59 18.40 -34.93
C ARG B 4 -25.16 18.42 -35.42
N SER B 5 -24.52 17.25 -35.37
CA SER B 5 -23.18 17.08 -35.93
C SER B 5 -23.14 15.75 -36.64
N VAL B 6 -22.07 15.51 -37.39
CA VAL B 6 -21.84 14.19 -37.96
C VAL B 6 -21.96 13.10 -36.86
N PHE B 7 -21.37 13.33 -35.67
CA PHE B 7 -21.44 12.36 -34.57
C PHE B 7 -22.87 12.15 -34.08
N SER B 8 -23.59 13.21 -33.73
CA SER B 8 -24.92 13.01 -33.13
C SER B 8 -25.90 12.34 -34.11
N GLU B 9 -25.80 12.68 -35.40
CA GLU B 9 -26.63 12.05 -36.43
C GLU B 9 -26.46 10.53 -36.60
N ARG B 10 -25.27 9.99 -36.36
CA ARG B 10 -25.03 8.54 -36.54
C ARG B 10 -25.15 7.76 -35.20
N THR B 11 -25.43 8.46 -34.10
CA THR B 11 -25.25 7.85 -32.78
C THR B 11 -26.49 8.09 -31.91
N GLU B 12 -27.11 7.01 -31.43
CA GLU B 12 -28.19 7.17 -30.49
C GLU B 12 -27.65 7.75 -29.18
N GLU B 13 -28.30 8.82 -28.75
CA GLU B 13 -27.93 9.57 -27.55
C GLU B 13 -27.55 8.67 -26.38
N SER B 14 -28.39 7.69 -26.10
CA SER B 14 -28.18 6.80 -24.97
C SER B 14 -26.93 5.92 -25.08
N SER B 15 -26.56 5.55 -26.32
CA SER B 15 -25.33 4.78 -26.51
C SER B 15 -24.12 5.69 -26.24
N ALA B 16 -24.21 6.94 -26.72
CA ALA B 16 -23.15 7.93 -26.51
C ALA B 16 -22.88 8.23 -25.03
N VAL B 17 -23.97 8.42 -24.26
CA VAL B 17 -23.85 8.65 -22.80
C VAL B 17 -23.07 7.52 -22.14
N GLN B 18 -23.47 6.29 -22.42
CA GLN B 18 -22.85 5.11 -21.83
C GLN B 18 -21.38 4.97 -22.27
N TYR B 19 -21.13 5.35 -23.52
CA TYR B 19 -19.80 5.20 -24.12
C TYR B 19 -18.82 6.16 -23.44
N PHE B 20 -19.23 7.41 -23.27
CA PHE B 20 -18.32 8.39 -22.72
C PHE B 20 -18.18 8.27 -21.21
N GLN B 21 -19.22 7.74 -20.54
CA GLN B 21 -19.09 7.44 -19.11
C GLN B 21 -18.01 6.40 -18.92
N PHE B 22 -18.03 5.37 -19.77
CA PHE B 22 -17.08 4.27 -19.67
C PHE B 22 -15.65 4.78 -19.76
N TYR B 23 -15.37 5.62 -20.76
CA TYR B 23 -14.03 6.18 -20.95
C TYR B 23 -13.66 7.29 -19.95
N GLY B 24 -14.66 7.82 -19.23
CA GLY B 24 -14.41 8.84 -18.18
C GLY B 24 -13.74 8.27 -16.93
N TYR B 25 -13.66 6.95 -16.80
CA TYR B 25 -13.05 6.38 -15.62
C TYR B 25 -11.56 6.23 -15.78
N LEU B 26 -10.82 6.65 -14.77
CA LEU B 26 -9.37 6.41 -14.74
C LEU B 26 -8.99 4.94 -14.84
N SER B 27 -9.81 4.03 -14.26
CA SER B 27 -9.48 2.62 -14.35
C SER B 27 -9.56 2.08 -15.77
N GLN B 28 -10.44 2.66 -16.61
CA GLN B 28 -10.52 2.21 -18.00
CA GLN B 28 -10.52 2.21 -18.00
C GLN B 28 -9.28 2.70 -18.77
N GLN B 29 -8.94 3.96 -18.60
CA GLN B 29 -7.71 4.52 -19.20
C GLN B 29 -6.51 3.72 -18.74
N GLN B 30 -6.53 3.36 -17.47
CA GLN B 30 -5.45 2.62 -16.88
C GLN B 30 -5.32 1.25 -17.52
N ASN B 31 -6.45 0.58 -17.75
CA ASN B 31 -6.48 -0.70 -18.47
C ASN B 31 -5.78 -0.63 -19.83
N MET B 32 -6.09 0.38 -20.65
CA MET B 32 -5.41 0.53 -21.95
C MET B 32 -3.91 0.88 -21.78
N MET B 33 -3.61 1.74 -20.81
CA MET B 33 -2.23 2.14 -20.55
C MET B 33 -1.33 0.96 -20.17
N GLN B 34 -1.85 0.09 -19.29
CA GLN B 34 -1.10 -1.08 -18.81
C GLN B 34 -0.97 -2.23 -19.81
N ASP B 35 -1.64 -2.13 -20.95
CA ASP B 35 -1.38 -3.05 -22.06
C ASP B 35 -0.02 -2.62 -22.60
N TYR B 36 1.03 -3.36 -22.23
CA TYR B 36 2.39 -2.97 -22.55
C TYR B 36 2.69 -3.00 -24.04
N VAL B 37 2.28 -4.09 -24.69
CA VAL B 37 2.42 -4.24 -26.14
C VAL B 37 1.77 -3.06 -26.86
N ARG B 38 0.56 -2.68 -26.45
CA ARG B 38 -0.09 -1.51 -27.03
C ARG B 38 0.68 -0.19 -26.80
N THR B 39 0.83 0.18 -25.53
CA THR B 39 1.35 1.49 -25.20
C THR B 39 2.84 1.59 -25.57
N GLY B 40 3.55 0.48 -25.36
CA GLY B 40 4.95 0.37 -25.69
C GLY B 40 5.19 0.54 -27.18
N THR B 41 4.31 -0.08 -27.98
CA THR B 41 4.43 0.02 -29.46
C THR B 41 4.10 1.39 -30.01
N TYR B 42 3.06 2.04 -29.48
CA TYR B 42 2.80 3.46 -29.84
C TYR B 42 4.04 4.33 -29.59
N GLN B 43 4.61 4.19 -28.39
CA GLN B 43 5.77 4.97 -27.98
C GLN B 43 6.95 4.77 -28.93
N ARG B 44 7.28 3.50 -29.23
CA ARG B 44 8.36 3.18 -30.16
CA ARG B 44 8.37 3.19 -30.14
C ARG B 44 8.10 3.76 -31.53
N ALA B 45 6.89 3.53 -32.06
CA ALA B 45 6.51 4.01 -33.40
C ALA B 45 6.65 5.52 -33.53
N ILE B 46 6.28 6.26 -32.49
CA ILE B 46 6.42 7.72 -32.48
C ILE B 46 7.90 8.16 -32.34
N LEU B 47 8.56 7.70 -31.28
CA LEU B 47 9.95 8.06 -31.02
C LEU B 47 10.93 7.66 -32.11
N GLN B 48 10.76 6.48 -32.70
CA GLN B 48 11.69 6.03 -33.74
C GLN B 48 11.42 6.69 -35.11
N ASN B 49 10.28 7.35 -35.25
CA ASN B 49 9.99 8.19 -36.41
C ASN B 49 10.01 9.68 -36.01
N HIS B 50 11.10 10.09 -35.35
CA HIS B 50 11.20 11.42 -34.72
C HIS B 50 11.12 12.57 -35.68
N THR B 51 11.47 12.33 -36.95
CA THR B 51 11.38 13.40 -37.95
C THR B 51 9.95 13.65 -38.41
N ASP B 52 9.06 12.69 -38.18
CA ASP B 52 7.63 12.92 -38.47
C ASP B 52 6.97 13.80 -37.41
N PHE B 53 7.67 14.02 -36.31
CA PHE B 53 7.15 14.76 -35.17
C PHE B 53 7.94 16.03 -34.81
N LYS B 54 9.26 15.98 -34.99
CA LYS B 54 10.13 17.12 -34.64
C LYS B 54 9.61 18.45 -35.21
N ASP B 55 9.32 19.39 -34.32
CA ASP B 55 8.79 20.74 -34.66
C ASP B 55 7.49 20.73 -35.48
N LYS B 56 6.73 19.64 -35.40
CA LYS B 56 5.48 19.51 -36.14
C LYS B 56 4.26 19.88 -35.33
N ILE B 57 3.14 20.07 -36.03
CA ILE B 57 1.83 20.29 -35.43
C ILE B 57 1.07 18.96 -35.47
N VAL B 58 0.52 18.58 -34.33
CA VAL B 58 -0.07 17.22 -34.14
C VAL B 58 -1.52 17.32 -33.64
N LEU B 59 -2.38 16.40 -34.13
CA LEU B 59 -3.70 16.16 -33.52
C LEU B 59 -3.81 14.73 -32.91
N ASP B 60 -4.17 14.65 -31.63
CA ASP B 60 -4.39 13.36 -30.96
C ASP B 60 -5.93 13.21 -30.87
N VAL B 61 -6.47 12.24 -31.59
CA VAL B 61 -7.93 12.05 -31.62
C VAL B 61 -8.38 11.11 -30.51
N GLY B 62 -9.05 11.69 -29.52
CA GLY B 62 -9.47 10.94 -28.31
C GLY B 62 -8.29 10.68 -27.40
N CYS B 63 -7.77 11.73 -26.77
CA CYS B 63 -6.49 11.61 -26.03
C CYS B 63 -6.55 10.80 -24.72
N GLY B 64 -7.77 10.59 -24.18
CA GLY B 64 -7.90 9.88 -22.91
C GLY B 64 -7.06 10.63 -21.89
N SER B 65 -6.14 9.92 -21.24
CA SER B 65 -5.24 10.50 -20.23
C SER B 65 -4.28 11.53 -20.85
N GLY B 66 -4.08 11.48 -22.17
CA GLY B 66 -3.03 12.32 -22.83
C GLY B 66 -1.79 11.53 -23.23
N ILE B 67 -1.77 10.22 -22.89
CA ILE B 67 -0.56 9.42 -23.04
C ILE B 67 0.13 9.55 -24.41
N LEU B 68 -0.62 9.48 -25.50
CA LEU B 68 0.00 9.53 -26.84
C LEU B 68 0.58 10.90 -27.13
N SER B 69 -0.13 11.95 -26.68
CA SER B 69 0.33 13.31 -26.84
C SER B 69 1.65 13.56 -26.13
N PHE B 70 1.85 12.96 -24.95
CA PHE B 70 3.16 13.05 -24.28
C PHE B 70 4.26 12.38 -25.10
N PHE B 71 3.96 11.25 -25.75
CA PHE B 71 4.93 10.62 -26.65
C PHE B 71 5.24 11.55 -27.84
N ALA B 72 4.21 12.21 -28.39
CA ALA B 72 4.46 13.20 -29.48
C ALA B 72 5.43 14.27 -29.01
N ALA B 73 5.25 14.71 -27.78
CA ALA B 73 6.11 15.71 -27.12
C ALA B 73 7.54 15.20 -26.82
N GLN B 74 7.65 13.97 -26.34
CA GLN B 74 8.95 13.32 -26.20
C GLN B 74 9.70 13.29 -27.53
N ALA B 75 8.96 13.14 -28.63
CA ALA B 75 9.52 13.14 -29.99
C ALA B 75 9.81 14.55 -30.53
N GLY B 76 9.43 15.58 -29.76
CA GLY B 76 9.78 16.97 -30.10
C GLY B 76 8.75 17.78 -30.84
N ALA B 77 7.49 17.34 -30.87
CA ALA B 77 6.47 18.11 -31.60
C ALA B 77 6.36 19.52 -31.03
N ARG B 78 6.04 20.48 -31.90
CA ARG B 78 5.94 21.87 -31.48
C ARG B 78 4.60 22.13 -30.81
N LYS B 79 3.53 21.62 -31.43
CA LYS B 79 2.18 21.86 -30.92
C LYS B 79 1.27 20.65 -31.13
N ILE B 80 0.68 20.19 -30.04
CA ILE B 80 -0.20 19.01 -30.07
C ILE B 80 -1.59 19.42 -29.59
N TYR B 81 -2.58 19.25 -30.47
CA TYR B 81 -3.96 19.46 -30.06
C TYR B 81 -4.55 18.12 -29.61
N ALA B 82 -4.89 18.02 -28.32
CA ALA B 82 -5.42 16.75 -27.74
C ALA B 82 -6.92 16.84 -27.47
N VAL B 83 -7.70 16.12 -28.28
CA VAL B 83 -9.18 16.24 -28.24
C VAL B 83 -9.74 15.00 -27.51
N GLU B 84 -10.69 15.24 -26.62
CA GLU B 84 -11.26 14.21 -25.74
C GLU B 84 -12.68 14.59 -25.32
N ALA B 85 -13.63 13.71 -25.65
CA ALA B 85 -15.04 13.98 -25.45
C ALA B 85 -15.55 13.63 -24.05
N SER B 86 -14.90 12.71 -23.37
CA SER B 86 -15.33 12.35 -22.01
C SER B 86 -14.77 13.34 -20.96
N THR B 87 -15.18 13.15 -19.70
CA THR B 87 -14.69 13.99 -18.59
C THR B 87 -13.23 13.68 -18.27
N MET B 88 -12.65 12.67 -18.95
CA MET B 88 -11.20 12.40 -18.86
C MET B 88 -10.37 13.62 -19.32
N ALA B 89 -10.98 14.48 -20.13
CA ALA B 89 -10.32 15.70 -20.61
C ALA B 89 -9.83 16.59 -19.46
N GLN B 90 -10.58 16.65 -18.35
CA GLN B 90 -10.18 17.42 -17.15
C GLN B 90 -8.89 16.88 -16.56
N HIS B 91 -8.80 15.55 -16.47
CA HIS B 91 -7.63 14.89 -15.94
C HIS B 91 -6.44 15.05 -16.87
N ALA B 92 -6.66 14.92 -18.17
CA ALA B 92 -5.60 15.19 -19.16
C ALA B 92 -5.00 16.57 -18.94
N GLU B 93 -5.86 17.57 -18.71
CA GLU B 93 -5.45 18.94 -18.47
C GLU B 93 -4.52 19.07 -17.26
N VAL B 94 -4.86 18.38 -16.18
CA VAL B 94 -4.08 18.33 -14.95
C VAL B 94 -2.67 17.79 -15.22
N LEU B 95 -2.58 16.72 -16.01
CA LEU B 95 -1.28 16.10 -16.34
C LEU B 95 -0.39 16.98 -17.22
N VAL B 96 -1.00 17.73 -18.13
CA VAL B 96 -0.25 18.64 -19.02
C VAL B 96 0.42 19.73 -18.18
N LYS B 97 -0.37 20.31 -17.27
CA LYS B 97 0.11 21.28 -16.28
C LYS B 97 1.24 20.74 -15.42
N SER B 98 1.03 19.59 -14.77
CA SER B 98 2.05 19.03 -13.86
C SER B 98 3.30 18.51 -14.58
N ASN B 99 3.18 18.22 -15.86
CA ASN B 99 4.35 17.83 -16.65
C ASN B 99 4.97 19.03 -17.35
N ASN B 100 4.51 20.24 -16.98
CA ASN B 100 5.06 21.50 -17.51
C ASN B 100 5.07 21.60 -19.03
N LEU B 101 3.93 21.29 -19.65
CA LEU B 101 3.79 21.33 -21.09
C LEU B 101 2.62 22.18 -21.61
N THR B 102 2.16 23.16 -20.84
CA THR B 102 1.05 24.01 -21.27
CA THR B 102 1.04 23.99 -21.29
C THR B 102 1.38 24.70 -22.60
N ASP B 103 2.67 24.92 -22.87
CA ASP B 103 3.08 25.63 -24.09
CA ASP B 103 3.12 25.61 -24.07
C ASP B 103 3.00 24.75 -25.36
N ARG B 104 3.01 23.43 -25.17
CA ARG B 104 3.07 22.49 -26.32
C ARG B 104 1.88 21.52 -26.52
N ILE B 105 1.14 21.21 -25.45
CA ILE B 105 -0.05 20.36 -25.57
C ILE B 105 -1.28 21.14 -25.18
N VAL B 106 -2.23 21.26 -26.10
CA VAL B 106 -3.48 21.97 -25.84
C VAL B 106 -4.65 20.97 -25.80
N VAL B 107 -5.18 20.73 -24.60
CA VAL B 107 -6.33 19.83 -24.46
C VAL B 107 -7.60 20.56 -24.86
N ILE B 108 -8.31 19.99 -25.83
CA ILE B 108 -9.58 20.52 -26.32
C ILE B 108 -10.74 19.59 -25.93
N PRO B 109 -11.54 19.99 -24.90
CA PRO B 109 -12.64 19.11 -24.49
C PRO B 109 -13.77 19.10 -25.53
N GLY B 110 -14.22 17.92 -25.94
CA GLY B 110 -15.36 17.76 -26.86
C GLY B 110 -15.14 16.66 -27.89
N LYS B 111 -16.11 16.54 -28.79
CA LYS B 111 -16.05 15.52 -29.84
C LYS B 111 -15.25 16.09 -30.99
N VAL B 112 -14.39 15.27 -31.59
CA VAL B 112 -13.58 15.71 -32.73
C VAL B 112 -14.49 16.22 -33.88
N GLU B 113 -15.73 15.74 -33.92
CA GLU B 113 -16.69 16.17 -34.94
C GLU B 113 -17.32 17.52 -34.64
N GLU B 114 -17.11 18.05 -33.44
CA GLU B 114 -17.77 19.28 -33.00
C GLU B 114 -16.85 20.43 -32.59
N VAL B 115 -15.60 20.15 -32.23
CA VAL B 115 -14.71 21.21 -31.76
C VAL B 115 -14.14 22.07 -32.93
N SER B 116 -13.41 23.13 -32.57
CA SER B 116 -12.61 23.91 -33.53
C SER B 116 -11.13 23.72 -33.23
N LEU B 117 -10.34 23.49 -34.27
CA LEU B 117 -8.89 23.60 -34.14
C LEU B 117 -8.47 24.95 -34.74
N PRO B 118 -7.48 25.63 -34.12
CA PRO B 118 -7.12 26.94 -34.67
C PRO B 118 -6.22 26.88 -35.90
N GLU B 119 -5.64 25.71 -36.21
CA GLU B 119 -4.81 25.54 -37.41
C GLU B 119 -4.86 24.11 -37.91
N GLN B 120 -4.35 23.88 -39.12
CA GLN B 120 -4.25 22.54 -39.69
C GLN B 120 -3.02 21.82 -39.14
N VAL B 121 -2.99 20.48 -39.19
CA VAL B 121 -1.89 19.73 -38.57
C VAL B 121 -1.10 18.92 -39.59
N ASP B 122 0.12 18.54 -39.21
CA ASP B 122 1.02 17.69 -40.03
C ASP B 122 0.75 16.18 -39.91
N ILE B 123 0.33 15.76 -38.72
CA ILE B 123 0.12 14.33 -38.50
C ILE B 123 -1.03 14.15 -37.52
N ILE B 124 -1.86 13.11 -37.77
CA ILE B 124 -2.88 12.70 -36.79
C ILE B 124 -2.41 11.44 -36.09
N ILE B 125 -2.47 11.44 -34.76
CA ILE B 125 -2.28 10.22 -34.00
C ILE B 125 -3.58 9.83 -33.30
N SER B 126 -3.79 8.53 -33.14
CA SER B 126 -4.98 8.02 -32.45
C SER B 126 -4.84 6.52 -32.13
N GLU B 127 -5.56 6.10 -31.08
CA GLU B 127 -5.83 4.68 -30.88
C GLU B 127 -7.38 4.53 -30.91
N PRO B 128 -7.95 4.35 -32.11
CA PRO B 128 -9.40 4.26 -32.24
C PRO B 128 -9.91 2.84 -32.52
N MET B 129 -9.07 1.82 -32.31
CA MET B 129 -9.37 0.42 -32.63
C MET B 129 -10.18 -0.26 -31.52
N GLY B 130 -11.39 -0.73 -31.83
CA GLY B 130 -12.21 -1.51 -30.85
C GLY B 130 -11.91 -3.00 -30.97
N TYR B 131 -12.52 -3.83 -30.13
CA TYR B 131 -12.39 -5.25 -30.40
C TYR B 131 -12.93 -5.52 -31.81
N MET B 132 -12.33 -6.52 -32.45
CA MET B 132 -12.61 -6.91 -33.83
C MET B 132 -12.34 -5.74 -34.78
N LEU B 133 -11.47 -4.81 -34.32
CA LEU B 133 -11.10 -3.53 -35.04
C LEU B 133 -12.25 -2.53 -35.07
N PHE B 134 -13.43 -2.97 -35.52
CA PHE B 134 -14.52 -2.07 -35.90
C PHE B 134 -15.47 -1.58 -34.83
N ASN B 135 -15.51 -2.32 -33.72
CA ASN B 135 -16.41 -1.94 -32.62
C ASN B 135 -16.13 -0.54 -32.12
N GLU B 136 -17.20 0.17 -31.74
CA GLU B 136 -17.16 1.54 -31.22
C GLU B 136 -17.33 2.58 -32.34
N ARG B 137 -17.05 2.19 -33.58
CA ARG B 137 -17.19 3.13 -34.75
C ARG B 137 -16.28 4.36 -34.61
N MET B 138 -15.23 4.26 -33.79
CA MET B 138 -14.27 5.36 -33.64
C MET B 138 -13.32 5.49 -34.86
N LEU B 139 -13.14 4.43 -35.64
CA LEU B 139 -12.41 4.59 -36.90
C LEU B 139 -13.04 5.72 -37.74
N GLU B 140 -14.35 5.92 -37.65
CA GLU B 140 -15.01 7.04 -38.38
C GLU B 140 -14.66 8.43 -37.85
N SER B 141 -14.51 8.52 -36.52
CA SER B 141 -14.03 9.76 -35.89
C SER B 141 -12.60 10.11 -36.35
N TYR B 142 -11.75 9.08 -36.43
CA TYR B 142 -10.37 9.22 -36.90
C TYR B 142 -10.31 9.72 -38.36
N LEU B 143 -11.15 9.14 -39.22
CA LEU B 143 -11.23 9.51 -40.64
C LEU B 143 -11.85 10.89 -40.78
N HIS B 144 -12.87 11.19 -39.98
CA HIS B 144 -13.47 12.53 -39.93
C HIS B 144 -12.45 13.60 -39.66
N ALA B 145 -11.50 13.27 -38.79
CA ALA B 145 -10.48 14.23 -38.35
C ALA B 145 -9.55 14.70 -39.48
N LYS B 146 -9.58 14.02 -40.63
CA LYS B 146 -8.74 14.39 -41.78
C LYS B 146 -9.12 15.75 -42.37
N LYS B 147 -10.29 16.28 -41.97
CA LYS B 147 -10.64 17.66 -42.33
C LYS B 147 -9.63 18.67 -41.77
N TYR B 148 -8.86 18.28 -40.74
CA TYR B 148 -7.83 19.13 -40.13
C TYR B 148 -6.42 18.83 -40.62
N LEU B 149 -6.25 17.82 -41.45
CA LEU B 149 -4.93 17.39 -41.90
C LEU B 149 -4.50 18.24 -43.12
N LYS B 150 -3.26 18.74 -43.08
CA LYS B 150 -2.69 19.43 -44.23
C LYS B 150 -2.57 18.49 -45.41
N PRO B 151 -2.72 19.05 -46.62
CA PRO B 151 -2.48 18.19 -47.77
C PRO B 151 -1.11 17.54 -47.57
N SER B 152 -1.03 16.25 -47.86
CA SER B 152 0.15 15.43 -47.62
C SER B 152 0.54 15.15 -46.16
N GLY B 153 -0.29 15.56 -45.19
CA GLY B 153 -0.06 15.14 -43.79
C GLY B 153 -0.19 13.64 -43.62
N ASN B 154 0.24 13.09 -42.47
CA ASN B 154 0.29 11.66 -42.26
C ASN B 154 -0.70 11.21 -41.16
N MET B 155 -0.91 9.90 -41.05
CA MET B 155 -1.71 9.35 -39.96
CA MET B 155 -1.80 9.28 -40.03
C MET B 155 -1.04 8.16 -39.31
N PHE B 156 -1.03 8.19 -37.97
CA PHE B 156 -0.40 7.17 -37.13
C PHE B 156 -1.48 6.54 -36.18
N PRO B 157 -1.98 5.33 -36.48
CA PRO B 157 -1.66 4.34 -37.52
C PRO B 157 -2.15 4.76 -38.92
N THR B 158 -1.49 4.17 -39.91
CA THR B 158 -1.67 4.49 -41.32
C THR B 158 -2.64 3.56 -42.04
N ILE B 159 -2.56 2.26 -41.75
CA ILE B 159 -3.45 1.25 -42.31
C ILE B 159 -3.83 0.23 -41.21
N GLY B 160 -5.00 -0.39 -41.35
CA GLY B 160 -5.41 -1.53 -40.50
C GLY B 160 -5.78 -2.73 -41.35
N ASP B 161 -5.38 -3.92 -40.92
CA ASP B 161 -5.75 -5.18 -41.57
C ASP B 161 -6.57 -5.99 -40.58
N VAL B 162 -7.76 -6.43 -40.98
CA VAL B 162 -8.52 -7.44 -40.24
C VAL B 162 -8.26 -8.77 -40.91
N HIS B 163 -8.02 -9.79 -40.09
CA HIS B 163 -7.83 -11.14 -40.58
C HIS B 163 -8.97 -11.99 -40.11
N LEU B 164 -9.43 -12.88 -40.98
CA LEU B 164 -10.34 -13.96 -40.55
C LEU B 164 -9.93 -15.32 -41.04
N ALA B 165 -10.30 -16.35 -40.26
CA ALA B 165 -9.96 -17.72 -40.60
C ALA B 165 -10.93 -18.68 -39.92
N PRO B 166 -11.24 -19.80 -40.59
CA PRO B 166 -12.21 -20.71 -40.02
C PRO B 166 -11.56 -21.49 -38.88
N PHE B 167 -12.35 -21.91 -37.90
CA PHE B 167 -11.80 -22.67 -36.77
C PHE B 167 -12.68 -23.89 -36.42
N THR B 168 -12.06 -24.87 -35.78
CA THR B 168 -12.79 -25.98 -35.17
C THR B 168 -12.56 -25.92 -33.67
N ASP B 169 -13.64 -26.02 -32.91
CA ASP B 169 -13.57 -25.99 -31.46
C ASP B 169 -14.86 -26.62 -30.93
N GLU B 170 -14.85 -27.95 -30.91
CA GLU B 170 -16.04 -28.69 -30.48
C GLU B 170 -16.51 -28.29 -29.09
N GLN B 171 -15.60 -28.07 -28.15
CA GLN B 171 -16.01 -27.78 -26.79
C GLN B 171 -16.68 -26.42 -26.61
N LEU B 172 -16.19 -25.40 -27.34
CA LEU B 172 -16.84 -24.09 -27.30
C LEU B 172 -18.24 -24.17 -27.89
N TYR B 173 -18.36 -24.91 -28.99
CA TYR B 173 -19.65 -25.06 -29.64
C TYR B 173 -20.64 -25.70 -28.65
N MET B 174 -20.15 -26.69 -27.90
CA MET B 174 -21.04 -27.48 -27.03
C MET B 174 -21.53 -26.65 -25.87
N GLU B 175 -20.64 -25.82 -25.34
CA GLU B 175 -20.90 -24.93 -24.24
C GLU B 175 -22.23 -24.16 -24.41
N GLN B 176 -22.56 -23.75 -25.63
CA GLN B 176 -23.77 -23.03 -25.94
C GLN B 176 -25.03 -23.83 -25.63
N PHE B 177 -25.06 -25.11 -26.02
CA PHE B 177 -26.21 -25.98 -25.73
C PHE B 177 -26.31 -26.37 -24.27
N THR B 178 -25.17 -26.54 -23.63
CA THR B 178 -25.12 -26.81 -22.18
C THR B 178 -25.78 -25.67 -21.45
N LYS B 179 -25.43 -24.46 -21.87
CA LYS B 179 -26.01 -23.29 -21.23
C LYS B 179 -27.49 -23.17 -21.54
N ALA B 180 -27.88 -23.33 -22.80
CA ALA B 180 -29.27 -23.08 -23.16
C ALA B 180 -30.17 -24.16 -22.58
N ASN B 181 -29.65 -25.37 -22.42
CA ASN B 181 -30.47 -26.50 -21.93
C ASN B 181 -31.01 -26.33 -20.51
N PHE B 182 -30.50 -25.36 -19.77
CA PHE B 182 -31.23 -24.89 -18.56
C PHE B 182 -32.74 -24.83 -18.86
N TRP B 183 -33.10 -24.28 -20.01
CA TRP B 183 -34.52 -24.10 -20.37
C TRP B 183 -35.22 -25.40 -20.78
N TYR B 184 -34.47 -26.44 -21.11
CA TYR B 184 -35.11 -27.70 -21.49
C TYR B 184 -35.47 -28.55 -20.27
N GLN B 185 -36.35 -28.03 -19.43
CA GLN B 185 -36.81 -28.73 -18.21
C GLN B 185 -38.31 -28.67 -18.19
N PRO B 186 -38.98 -29.82 -18.04
CA PRO B 186 -40.44 -29.82 -18.00
C PRO B 186 -40.99 -29.36 -16.67
N SER B 187 -40.17 -29.35 -15.63
CA SER B 187 -40.65 -29.00 -14.28
C SER B 187 -39.64 -28.26 -13.42
N PHE B 188 -39.32 -27.03 -13.82
CA PHE B 188 -38.49 -26.17 -13.04
C PHE B 188 -39.37 -25.53 -11.98
N HIS B 189 -39.29 -26.06 -10.75
CA HIS B 189 -40.20 -25.62 -9.70
C HIS B 189 -41.63 -25.71 -10.16
N GLY B 190 -41.91 -26.74 -10.95
CA GLY B 190 -43.26 -26.97 -11.44
C GLY B 190 -43.56 -26.33 -12.80
N VAL B 191 -42.61 -25.58 -13.36
CA VAL B 191 -42.86 -24.88 -14.61
C VAL B 191 -42.10 -25.52 -15.77
N ASP B 192 -42.80 -25.74 -16.89
CA ASP B 192 -42.20 -26.23 -18.12
C ASP B 192 -41.53 -25.07 -18.85
N LEU B 193 -40.21 -25.02 -18.84
CA LEU B 193 -39.47 -23.95 -19.49
C LEU B 193 -39.12 -24.21 -20.95
N SER B 194 -39.49 -25.40 -21.46
CA SER B 194 -38.96 -25.92 -22.72
CA SER B 194 -38.95 -25.91 -22.72
C SER B 194 -39.19 -25.06 -23.96
N ALA B 195 -40.31 -24.34 -23.98
CA ALA B 195 -40.66 -23.52 -25.13
C ALA B 195 -39.66 -22.43 -25.42
N LEU B 196 -38.82 -22.06 -24.45
CA LEU B 196 -37.83 -20.99 -24.66
C LEU B 196 -36.41 -21.52 -24.99
N ARG B 197 -36.26 -22.84 -25.06
CA ARG B 197 -34.93 -23.38 -25.33
C ARG B 197 -34.33 -22.80 -26.63
N GLY B 198 -35.12 -22.75 -27.71
CA GLY B 198 -34.65 -22.28 -29.04
C GLY B 198 -34.23 -20.82 -29.01
N ALA B 199 -35.04 -20.03 -28.32
CA ALA B 199 -34.71 -18.63 -28.07
C ALA B 199 -33.41 -18.47 -27.27
N ALA B 200 -33.20 -19.25 -26.22
CA ALA B 200 -31.94 -19.20 -25.46
C ALA B 200 -30.74 -19.58 -26.33
N VAL B 201 -30.89 -20.62 -27.15
CA VAL B 201 -29.83 -20.98 -28.08
C VAL B 201 -29.46 -19.82 -29.02
N ASP B 202 -30.45 -19.18 -29.63
CA ASP B 202 -30.26 -18.05 -30.56
C ASP B 202 -29.55 -16.88 -29.90
N GLU B 203 -29.94 -16.60 -28.65
CA GLU B 203 -29.29 -15.56 -27.83
C GLU B 203 -27.80 -15.82 -27.65
N TYR B 204 -27.41 -17.03 -27.29
CA TYR B 204 -25.99 -17.30 -27.09
C TYR B 204 -25.22 -17.24 -28.40
N PHE B 205 -25.81 -17.75 -29.48
CA PHE B 205 -25.07 -17.74 -30.76
C PHE B 205 -24.90 -16.35 -31.39
N ARG B 206 -25.81 -15.44 -31.06
CA ARG B 206 -25.73 -14.04 -31.49
C ARG B 206 -24.57 -13.22 -30.90
N GLN B 207 -23.95 -13.72 -29.84
CA GLN B 207 -22.84 -13.03 -29.15
C GLN B 207 -21.49 -13.50 -29.68
N PRO B 208 -20.73 -12.58 -30.34
CA PRO B 208 -19.34 -12.96 -30.59
C PRO B 208 -18.58 -13.28 -29.28
N VAL B 209 -17.62 -14.19 -29.37
CA VAL B 209 -16.84 -14.61 -28.21
C VAL B 209 -15.49 -13.88 -28.18
N VAL B 210 -15.31 -13.02 -27.16
CA VAL B 210 -14.07 -12.27 -27.01
C VAL B 210 -13.16 -13.01 -26.06
N ASP B 211 -12.11 -13.61 -26.61
CA ASP B 211 -11.16 -14.40 -25.82
CA ASP B 211 -11.13 -14.35 -25.82
C ASP B 211 -10.03 -14.83 -26.74
N THR B 212 -8.95 -15.33 -26.15
CA THR B 212 -7.83 -15.86 -26.92
C THR B 212 -7.97 -17.36 -27.10
N PHE B 213 -7.11 -17.96 -27.90
CA PHE B 213 -7.22 -19.38 -28.19
C PHE B 213 -5.90 -19.91 -28.68
N ASP B 214 -5.79 -21.23 -28.79
CA ASP B 214 -4.62 -21.85 -29.34
C ASP B 214 -4.73 -21.88 -30.87
N ILE B 215 -3.64 -21.53 -31.55
CA ILE B 215 -3.61 -21.44 -33.01
C ILE B 215 -3.91 -22.77 -33.73
N ARG B 216 -3.82 -23.88 -33.02
CA ARG B 216 -4.15 -25.20 -33.60
C ARG B 216 -5.64 -25.39 -33.95
N ILE B 217 -6.52 -24.52 -33.45
CA ILE B 217 -7.92 -24.58 -33.85
C ILE B 217 -8.17 -24.09 -35.31
N LEU B 218 -7.24 -23.29 -35.84
CA LEU B 218 -7.42 -22.67 -37.14
C LEU B 218 -7.25 -23.68 -38.29
N MET B 219 -8.15 -23.65 -39.27
CA MET B 219 -8.23 -24.72 -40.28
C MET B 219 -7.74 -24.31 -41.67
N ALA B 220 -7.49 -23.03 -41.87
CA ALA B 220 -6.99 -22.50 -43.15
C ALA B 220 -6.22 -21.18 -42.96
N LYS B 221 -5.43 -20.82 -43.95
CA LYS B 221 -4.74 -19.55 -44.00
C LYS B 221 -5.78 -18.43 -44.00
N SER B 222 -5.50 -17.36 -43.24
CA SER B 222 -6.43 -16.24 -43.07
C SER B 222 -6.60 -15.41 -44.31
N VAL B 223 -7.76 -14.74 -44.44
CA VAL B 223 -7.90 -13.72 -45.48
C VAL B 223 -7.94 -12.35 -44.81
N LYS B 224 -7.36 -11.35 -45.45
CA LYS B 224 -7.36 -10.03 -44.84
C LYS B 224 -8.12 -8.97 -45.62
N TYR B 225 -8.59 -8.00 -44.87
CA TYR B 225 -9.30 -6.87 -45.40
C TYR B 225 -8.64 -5.64 -44.84
N THR B 226 -8.25 -4.74 -45.74
CA THR B 226 -7.39 -3.62 -45.40
C THR B 226 -8.15 -2.31 -45.50
N VAL B 227 -8.06 -1.50 -44.45
CA VAL B 227 -8.51 -0.09 -44.53
C VAL B 227 -7.25 0.80 -44.59
N ASN B 228 -7.16 1.65 -45.61
CA ASN B 228 -6.05 2.60 -45.67
C ASN B 228 -6.54 3.92 -45.12
N PHE B 229 -6.05 4.31 -43.96
CA PHE B 229 -6.59 5.47 -43.23
C PHE B 229 -6.31 6.78 -43.96
N LEU B 230 -5.21 6.83 -44.70
CA LEU B 230 -4.92 8.04 -45.53
C LEU B 230 -5.92 8.22 -46.67
N GLU B 231 -6.48 7.13 -47.21
CA GLU B 231 -7.36 7.22 -48.37
C GLU B 231 -8.86 7.10 -48.06
N ALA B 232 -9.24 6.36 -47.01
CA ALA B 232 -10.65 6.02 -46.77
C ALA B 232 -11.54 7.21 -46.37
N LYS B 233 -12.82 7.15 -46.76
CA LYS B 233 -13.79 8.14 -46.30
C LYS B 233 -14.67 7.47 -45.23
N GLU B 234 -15.28 8.26 -44.36
CA GLU B 234 -16.17 7.74 -43.33
C GLU B 234 -17.24 6.77 -43.85
N GLY B 235 -17.85 7.12 -44.98
CA GLY B 235 -18.95 6.33 -45.57
C GLY B 235 -18.52 4.94 -45.99
N ASP B 236 -17.22 4.77 -46.22
CA ASP B 236 -16.62 3.48 -46.57
C ASP B 236 -16.76 2.44 -45.44
N LEU B 237 -16.95 2.89 -44.22
CA LEU B 237 -17.06 1.99 -43.07
C LEU B 237 -18.53 1.70 -42.65
N HIS B 238 -19.49 2.24 -43.38
CA HIS B 238 -20.91 1.95 -43.05
C HIS B 238 -21.36 0.57 -43.45
N ARG B 239 -20.78 0.05 -44.52
CA ARG B 239 -21.08 -1.30 -44.99
C ARG B 239 -19.76 -1.92 -45.38
N ILE B 240 -19.34 -2.97 -44.67
CA ILE B 240 -18.05 -3.62 -44.95
C ILE B 240 -18.29 -5.04 -45.43
N GLU B 241 -17.95 -5.31 -46.68
CA GLU B 241 -18.19 -6.63 -47.27
C GLU B 241 -16.85 -7.36 -47.40
N ILE B 242 -16.74 -8.50 -46.75
CA ILE B 242 -15.47 -9.25 -46.77
C ILE B 242 -15.74 -10.62 -47.41
N PRO B 243 -15.46 -10.77 -48.70
CA PRO B 243 -15.67 -12.10 -49.26
C PRO B 243 -14.51 -13.00 -48.88
N PHE B 244 -14.76 -14.31 -48.78
CA PHE B 244 -13.71 -15.27 -48.52
C PHE B 244 -13.85 -16.54 -49.36
N LYS B 245 -12.70 -17.13 -49.70
CA LYS B 245 -12.61 -18.50 -50.24
C LYS B 245 -11.46 -19.19 -49.52
N PHE B 246 -11.76 -19.96 -48.48
CA PHE B 246 -10.72 -20.59 -47.71
C PHE B 246 -10.33 -21.93 -48.34
N HIS B 247 -9.05 -22.17 -48.50
CA HIS B 247 -8.60 -23.50 -48.97
C HIS B 247 -8.22 -24.31 -47.74
N MET B 248 -9.06 -25.30 -47.41
CA MET B 248 -8.99 -25.94 -46.09
C MET B 248 -7.72 -26.77 -45.96
N LEU B 249 -6.96 -26.49 -44.90
CA LEU B 249 -5.71 -27.18 -44.61
C LEU B 249 -5.95 -28.44 -43.78
N HIS B 250 -7.07 -28.47 -43.05
CA HIS B 250 -7.38 -29.60 -42.19
C HIS B 250 -8.79 -30.04 -42.39
N SER B 251 -9.03 -31.33 -42.22
CA SER B 251 -10.36 -31.90 -42.25
C SER B 251 -10.98 -31.80 -40.87
N GLY B 252 -12.25 -31.44 -40.78
CA GLY B 252 -12.93 -31.43 -39.51
C GLY B 252 -14.24 -30.68 -39.58
N LEU B 253 -14.79 -30.36 -38.43
CA LEU B 253 -16.04 -29.64 -38.35
C LEU B 253 -15.79 -28.14 -38.09
N VAL B 254 -16.08 -27.30 -39.08
CA VAL B 254 -15.94 -25.85 -38.94
C VAL B 254 -17.05 -25.26 -38.09
N HIS B 255 -16.67 -24.66 -36.96
CA HIS B 255 -17.64 -24.12 -36.01
C HIS B 255 -17.82 -22.63 -36.09
N GLY B 256 -17.02 -21.94 -36.90
CA GLY B 256 -17.17 -20.48 -37.07
C GLY B 256 -15.92 -19.84 -37.63
N LEU B 257 -15.88 -18.49 -37.59
CA LEU B 257 -14.71 -17.71 -38.02
C LEU B 257 -14.03 -16.97 -36.87
N ALA B 258 -12.70 -17.04 -36.82
CA ALA B 258 -11.91 -16.26 -35.87
C ALA B 258 -11.43 -14.95 -36.55
N PHE B 259 -11.37 -13.87 -35.78
CA PHE B 259 -10.99 -12.51 -36.24
C PHE B 259 -9.89 -11.94 -35.34
N TRP B 260 -8.91 -11.24 -35.96
CA TRP B 260 -7.94 -10.43 -35.23
C TRP B 260 -7.52 -9.32 -36.17
N PHE B 261 -6.65 -8.44 -35.70
CA PHE B 261 -6.26 -7.30 -36.51
C PHE B 261 -4.86 -6.77 -36.20
N ASP B 262 -4.26 -6.14 -37.21
CA ASP B 262 -2.95 -5.49 -37.09
C ASP B 262 -3.10 -4.04 -37.55
N VAL B 263 -2.29 -3.14 -37.01
CA VAL B 263 -2.14 -1.78 -37.60
C VAL B 263 -0.66 -1.52 -37.90
N ALA B 264 -0.39 -0.66 -38.89
CA ALA B 264 0.96 -0.26 -39.26
C ALA B 264 1.08 1.26 -39.20
N PHE B 265 2.16 1.71 -38.58
CA PHE B 265 2.53 3.12 -38.49
C PHE B 265 3.61 3.31 -39.55
N ILE B 266 3.26 3.88 -40.69
CA ILE B 266 4.20 3.99 -41.82
C ILE B 266 4.90 5.34 -41.75
N GLY B 267 6.06 5.37 -41.08
CA GLY B 267 6.74 6.64 -40.88
C GLY B 267 7.86 6.85 -41.91
N SER B 268 8.47 8.03 -41.88
CA SER B 268 9.58 8.34 -42.79
C SER B 268 10.83 7.48 -42.54
N ILE B 269 11.10 7.16 -41.28
CA ILE B 269 12.28 6.36 -40.94
C ILE B 269 11.97 4.86 -41.01
N MET B 270 10.82 4.43 -40.50
CA MET B 270 10.50 3.00 -40.50
C MET B 270 9.00 2.72 -40.31
N THR B 271 8.58 1.52 -40.72
CA THR B 271 7.20 1.09 -40.46
C THR B 271 7.21 0.21 -39.19
N VAL B 272 6.32 0.50 -38.24
CA VAL B 272 6.20 -0.30 -37.03
C VAL B 272 4.81 -0.95 -37.01
N TRP B 273 4.75 -2.22 -36.61
CA TRP B 273 3.47 -2.94 -36.58
C TRP B 273 2.99 -3.16 -35.18
N LEU B 274 1.67 -3.11 -34.98
CA LEU B 274 1.03 -3.51 -33.73
C LEU B 274 0.06 -4.62 -34.09
N SER B 275 0.34 -5.84 -33.63
CA SER B 275 -0.46 -7.01 -33.98
C SER B 275 -1.25 -7.56 -32.78
N THR B 276 -2.52 -7.89 -33.00
CA THR B 276 -3.35 -8.62 -32.01
C THR B 276 -3.57 -10.08 -32.43
N ALA B 277 -2.68 -10.60 -33.30
CA ALA B 277 -2.83 -11.98 -33.78
C ALA B 277 -2.67 -13.03 -32.66
N PRO B 278 -3.32 -14.21 -32.82
CA PRO B 278 -3.17 -15.26 -31.79
C PRO B 278 -1.75 -15.88 -31.73
N THR B 279 -0.90 -15.52 -32.69
CA THR B 279 0.49 -15.95 -32.71
C THR B 279 1.40 -14.97 -31.96
N GLU B 280 0.83 -13.89 -31.44
CA GLU B 280 1.58 -12.83 -30.78
C GLU B 280 1.18 -12.77 -29.31
N PRO B 281 2.03 -12.16 -28.47
CA PRO B 281 1.64 -12.00 -27.06
C PRO B 281 0.25 -11.35 -26.94
N LEU B 282 -0.47 -11.74 -25.90
CA LEU B 282 -1.81 -11.28 -25.64
C LEU B 282 -1.87 -9.77 -25.47
N THR B 283 -2.93 -9.13 -25.97
CA THR B 283 -3.25 -7.71 -25.70
C THR B 283 -4.64 -7.65 -25.11
N HIS B 284 -5.06 -6.46 -24.69
CA HIS B 284 -6.38 -6.28 -24.11
C HIS B 284 -7.50 -6.45 -25.11
N TRP B 285 -7.18 -6.53 -26.39
CA TRP B 285 -8.16 -6.79 -27.45
C TRP B 285 -8.49 -8.26 -27.59
N TYR B 286 -7.61 -9.11 -27.09
CA TYR B 286 -7.72 -10.57 -27.25
C TYR B 286 -7.92 -10.94 -28.74
N GLN B 287 -8.83 -11.88 -29.03
CA GLN B 287 -9.32 -12.17 -30.39
C GLN B 287 -10.82 -12.36 -30.30
N VAL B 288 -11.49 -12.52 -31.43
CA VAL B 288 -12.97 -12.63 -31.46
C VAL B 288 -13.39 -13.80 -32.33
N ARG B 289 -14.29 -14.63 -31.82
CA ARG B 289 -14.82 -15.72 -32.62
C ARG B 289 -16.33 -15.61 -32.78
N CYS B 290 -16.78 -15.76 -34.03
CA CYS B 290 -18.22 -15.82 -34.36
C CYS B 290 -18.61 -17.24 -34.70
N LEU B 291 -19.47 -17.83 -33.87
CA LEU B 291 -19.89 -19.21 -34.06
C LEU B 291 -20.95 -19.37 -35.15
N PHE B 292 -21.00 -20.58 -35.70
CA PHE B 292 -22.07 -20.97 -36.61
C PHE B 292 -22.99 -21.83 -35.79
N GLN B 293 -24.29 -21.55 -35.77
CA GLN B 293 -25.20 -22.43 -35.02
C GLN B 293 -25.29 -23.82 -35.68
N SER B 294 -25.10 -23.88 -37.00
CA SER B 294 -24.88 -25.17 -37.69
C SER B 294 -23.46 -25.29 -38.24
N PRO B 295 -22.65 -26.16 -37.63
CA PRO B 295 -21.27 -26.33 -38.10
C PRO B 295 -21.23 -26.96 -39.49
N LEU B 296 -20.11 -26.82 -40.19
CA LEU B 296 -19.95 -27.33 -41.54
C LEU B 296 -18.83 -28.34 -41.62
N PHE B 297 -19.11 -29.51 -42.20
CA PHE B 297 -18.05 -30.49 -42.41
CA PHE B 297 -18.07 -30.52 -42.44
C PHE B 297 -17.22 -30.19 -43.66
N ALA B 298 -15.91 -30.11 -43.48
CA ALA B 298 -15.02 -29.92 -44.60
C ALA B 298 -13.88 -30.92 -44.48
N LYS B 299 -13.37 -31.39 -45.61
CA LYS B 299 -12.13 -32.16 -45.56
C LYS B 299 -11.00 -31.34 -46.17
N ALA B 300 -9.75 -31.62 -45.77
CA ALA B 300 -8.61 -30.92 -46.35
C ALA B 300 -8.70 -30.95 -47.87
N GLY B 301 -8.38 -29.82 -48.50
CA GLY B 301 -8.57 -29.68 -49.93
C GLY B 301 -9.84 -28.93 -50.32
N ASP B 302 -10.91 -29.06 -49.52
CA ASP B 302 -12.17 -28.37 -49.82
C ASP B 302 -12.01 -26.83 -49.82
N THR B 303 -12.97 -26.14 -50.41
CA THR B 303 -13.02 -24.68 -50.37
C THR B 303 -14.25 -24.27 -49.58
N LEU B 304 -14.04 -23.46 -48.55
CA LEU B 304 -15.14 -22.91 -47.78
C LEU B 304 -15.28 -21.45 -48.21
N SER B 305 -16.36 -21.13 -48.91
CA SER B 305 -16.55 -19.81 -49.51
C SER B 305 -17.76 -19.10 -48.91
N GLY B 306 -17.75 -17.79 -48.99
CA GLY B 306 -18.89 -17.01 -48.53
C GLY B 306 -18.51 -15.57 -48.30
N THR B 307 -19.28 -14.90 -47.43
CA THR B 307 -19.18 -13.47 -47.21
C THR B 307 -19.36 -13.13 -45.72
N CYS B 308 -18.51 -12.23 -45.22
CA CYS B 308 -18.74 -11.63 -43.91
C CYS B 308 -19.12 -10.18 -44.15
N LEU B 309 -20.36 -9.84 -43.80
CA LEU B 309 -20.87 -8.49 -44.02
C LEU B 309 -21.12 -7.76 -42.71
N LEU B 310 -20.45 -6.60 -42.54
CA LEU B 310 -20.68 -5.79 -41.35
C LEU B 310 -21.43 -4.52 -41.66
N ILE B 311 -22.56 -4.34 -40.99
CA ILE B 311 -23.44 -3.23 -41.27
C ILE B 311 -23.47 -2.35 -40.03
N ALA B 312 -23.03 -1.10 -40.18
CA ALA B 312 -22.94 -0.18 -39.06
C ALA B 312 -24.34 0.13 -38.51
N ASN B 313 -24.42 0.37 -37.20
CA ASN B 313 -25.68 0.70 -36.56
C ASN B 313 -25.49 1.89 -35.64
N LYS B 314 -26.60 2.44 -35.17
CA LYS B 314 -26.54 3.66 -34.34
C LYS B 314 -26.16 3.40 -32.86
N ARG B 315 -25.79 2.17 -32.52
CA ARG B 315 -25.27 1.88 -31.17
C ARG B 315 -23.74 1.77 -31.15
N GLN B 316 -23.06 2.48 -32.07
CA GLN B 316 -21.59 2.51 -32.14
C GLN B 316 -20.94 1.18 -32.42
N SER B 317 -21.65 0.33 -33.18
CA SER B 317 -21.13 -1.00 -33.48
C SER B 317 -21.66 -1.51 -34.81
N TYR B 318 -21.61 -2.83 -35.02
CA TYR B 318 -22.04 -3.43 -36.27
C TYR B 318 -22.95 -4.64 -36.08
N ASP B 319 -23.89 -4.84 -36.99
CA ASP B 319 -24.58 -6.09 -37.14
C ASP B 319 -23.74 -6.93 -38.11
N ILE B 320 -23.44 -8.17 -37.70
CA ILE B 320 -22.55 -9.05 -38.46
C ILE B 320 -23.39 -10.17 -39.10
N SER B 321 -23.24 -10.31 -40.42
CA SER B 321 -23.89 -11.40 -41.11
C SER B 321 -22.78 -12.26 -41.70
N ILE B 322 -22.74 -13.56 -41.36
CA ILE B 322 -21.76 -14.46 -41.97
C ILE B 322 -22.50 -15.58 -42.67
N VAL B 323 -22.28 -15.71 -43.97
CA VAL B 323 -22.87 -16.78 -44.77
C VAL B 323 -21.71 -17.58 -45.35
N ALA B 324 -21.77 -18.91 -45.22
CA ALA B 324 -20.64 -19.74 -45.67
C ALA B 324 -21.13 -21.08 -46.19
N GLN B 325 -20.35 -21.65 -47.12
CA GLN B 325 -20.67 -22.94 -47.68
C GLN B 325 -19.39 -23.68 -48.08
N VAL B 326 -19.47 -25.00 -48.02
CA VAL B 326 -18.40 -25.88 -48.51
C VAL B 326 -18.72 -26.17 -49.98
N ASP B 327 -17.88 -25.66 -50.88
CA ASP B 327 -18.20 -25.71 -52.30
C ASP B 327 -18.42 -27.11 -52.85
N GLN B 328 -17.64 -28.07 -52.34
CA GLN B 328 -17.70 -29.45 -52.81
C GLN B 328 -18.98 -30.18 -52.43
N THR B 329 -19.64 -29.77 -51.35
CA THR B 329 -20.86 -30.49 -50.93
C THR B 329 -22.13 -29.65 -51.02
N GLY B 330 -21.99 -28.33 -51.06
CA GLY B 330 -23.15 -27.46 -51.05
C GLY B 330 -23.78 -27.22 -49.68
N SER B 331 -23.26 -27.83 -48.62
CA SER B 331 -23.84 -27.53 -47.30
C SER B 331 -23.47 -26.10 -46.86
N LYS B 332 -24.43 -25.44 -46.22
CA LYS B 332 -24.29 -24.01 -45.93
C LYS B 332 -24.79 -23.63 -44.55
N SER B 333 -24.25 -22.52 -44.04
CA SER B 333 -24.58 -21.99 -42.71
C SER B 333 -24.66 -20.47 -42.78
N SER B 334 -25.65 -19.91 -42.09
CA SER B 334 -26.05 -18.48 -42.12
C SER B 334 -26.15 -17.99 -40.70
N ASN B 335 -25.39 -16.95 -40.32
CA ASN B 335 -25.32 -16.51 -38.94
C ASN B 335 -25.41 -15.00 -38.76
N LEU B 336 -26.09 -14.57 -37.70
CA LEU B 336 -26.34 -13.15 -37.41
C LEU B 336 -25.84 -12.83 -36.02
N LEU B 337 -24.91 -11.88 -35.92
CA LEU B 337 -24.37 -11.53 -34.60
C LEU B 337 -24.44 -10.04 -34.30
N ASP B 338 -24.50 -9.73 -33.00
CA ASP B 338 -24.57 -8.36 -32.49
C ASP B 338 -23.22 -8.02 -31.86
N LEU B 339 -22.34 -7.34 -32.61
CA LEU B 339 -20.99 -7.03 -32.11
C LEU B 339 -20.96 -6.18 -30.81
N LYS B 340 -22.00 -5.36 -30.58
CA LYS B 340 -22.03 -4.49 -29.40
C LYS B 340 -22.17 -5.28 -28.11
N ASN B 341 -22.69 -6.51 -28.20
CA ASN B 341 -22.99 -7.29 -26.99
C ASN B 341 -22.39 -8.67 -27.06
N PRO B 342 -21.07 -8.76 -26.93
CA PRO B 342 -20.40 -10.02 -27.07
C PRO B 342 -20.35 -10.76 -25.74
N PHE B 343 -19.83 -11.98 -25.76
CA PHE B 343 -19.55 -12.69 -24.52
C PHE B 343 -18.09 -12.47 -24.24
N PHE B 344 -17.79 -11.73 -23.17
CA PHE B 344 -16.40 -11.53 -22.74
C PHE B 344 -15.99 -12.76 -21.94
N ARG B 345 -15.68 -13.84 -22.66
CA ARG B 345 -15.47 -15.16 -22.09
C ARG B 345 -14.27 -15.17 -21.15
N TYR B 346 -13.35 -14.24 -21.37
CA TYR B 346 -12.11 -14.17 -20.59
C TYR B 346 -12.26 -13.72 -19.13
N THR B 347 -13.42 -13.18 -18.76
CA THR B 347 -13.60 -12.56 -17.42
C THR B 347 -13.83 -13.56 -16.27
N ARG C 4 45.48 19.97 14.04
CA ARG C 4 44.16 19.49 13.54
C ARG C 4 44.37 18.51 12.40
N SER C 5 44.14 17.24 12.69
CA SER C 5 44.56 16.14 11.82
C SER C 5 43.63 15.93 10.62
N VAL C 6 44.06 15.10 9.67
CA VAL C 6 43.23 14.65 8.54
C VAL C 6 41.89 14.08 9.06
N PHE C 7 41.92 13.31 10.17
CA PHE C 7 40.69 12.75 10.72
C PHE C 7 39.73 13.84 11.15
N SER C 8 40.27 14.74 11.97
CA SER C 8 39.50 15.79 12.62
C SER C 8 38.86 16.74 11.61
N GLU C 9 39.55 16.99 10.50
CA GLU C 9 39.05 17.93 9.52
C GLU C 9 37.86 17.36 8.73
N ARG C 10 37.83 16.05 8.55
CA ARG C 10 36.76 15.38 7.77
C ARG C 10 35.59 14.90 8.65
N THR C 11 35.65 15.15 9.97
CA THR C 11 34.75 14.44 10.90
C THR C 11 34.05 15.32 11.96
N GLU C 12 32.73 15.25 12.00
CA GLU C 12 31.92 15.91 13.04
C GLU C 12 32.30 15.35 14.41
N GLU C 13 32.52 16.25 15.37
CA GLU C 13 32.78 15.88 16.77
C GLU C 13 31.72 14.94 17.31
N SER C 14 30.45 15.33 17.21
CA SER C 14 29.35 14.46 17.67
C SER C 14 29.36 13.05 17.04
N SER C 15 29.69 12.96 15.75
CA SER C 15 29.81 11.66 15.08
C SER C 15 30.95 10.82 15.68
N ALA C 16 32.12 11.44 15.80
CA ALA C 16 33.32 10.78 16.33
C ALA C 16 33.11 10.28 17.77
N VAL C 17 32.48 11.10 18.61
CA VAL C 17 32.20 10.70 19.98
C VAL C 17 31.42 9.39 20.01
N GLN C 18 30.27 9.34 19.33
CA GLN C 18 29.43 8.12 19.25
C GLN C 18 30.12 6.91 18.63
N TYR C 19 30.91 7.15 17.58
CA TYR C 19 31.62 6.08 16.87
C TYR C 19 32.59 5.31 17.78
N PHE C 20 33.54 6.00 18.42
CA PHE C 20 34.49 5.33 19.31
C PHE C 20 33.90 4.78 20.63
N GLN C 21 32.84 5.43 21.12
CA GLN C 21 32.08 4.87 22.23
C GLN C 21 31.45 3.52 21.87
N PHE C 22 30.83 3.44 20.69
CA PHE C 22 30.24 2.20 20.18
C PHE C 22 31.29 1.07 20.13
N TYR C 23 32.46 1.36 19.58
CA TYR C 23 33.53 0.36 19.49
C TYR C 23 34.28 0.13 20.81
N GLY C 24 34.05 1.00 21.79
CA GLY C 24 34.64 0.83 23.11
C GLY C 24 34.03 -0.29 23.93
N TYR C 25 32.86 -0.79 23.51
CA TYR C 25 32.18 -1.87 24.25
C TYR C 25 32.76 -3.22 23.88
N LEU C 26 33.05 -4.03 24.89
CA LEU C 26 33.50 -5.39 24.68
C LEU C 26 32.47 -6.23 23.92
N SER C 27 31.19 -5.92 24.13
CA SER C 27 30.10 -6.68 23.49
C SER C 27 30.10 -6.48 21.97
N GLN C 28 30.44 -5.28 21.51
CA GLN C 28 30.54 -4.97 20.10
CA GLN C 28 30.54 -4.99 20.08
C GLN C 28 31.74 -5.70 19.46
N GLN C 29 32.86 -5.75 20.19
CA GLN C 29 34.06 -6.45 19.69
C GLN C 29 33.77 -7.95 19.67
N GLN C 30 33.14 -8.44 20.74
CA GLN C 30 32.63 -9.82 20.76
C GLN C 30 31.77 -10.14 19.51
N ASN C 31 30.85 -9.25 19.17
CA ASN C 31 29.98 -9.48 18.01
C ASN C 31 30.75 -9.68 16.70
N MET C 32 31.74 -8.82 16.42
CA MET C 32 32.60 -9.01 15.26
C MET C 32 33.45 -10.29 15.36
N MET C 33 34.04 -10.53 16.53
CA MET C 33 34.90 -11.71 16.73
C MET C 33 34.16 -13.03 16.55
N GLN C 34 32.91 -13.07 17.00
CA GLN C 34 32.16 -14.31 16.90
C GLN C 34 31.54 -14.53 15.51
N ASP C 35 31.69 -13.58 14.59
CA ASP C 35 31.38 -13.85 13.19
C ASP C 35 32.49 -14.78 12.70
N TYR C 36 32.19 -16.08 12.69
CA TYR C 36 33.22 -17.08 12.39
C TYR C 36 33.73 -16.96 10.94
N VAL C 37 32.82 -16.64 10.02
CA VAL C 37 33.20 -16.48 8.61
C VAL C 37 34.25 -15.36 8.50
N ARG C 38 33.97 -14.21 9.10
CA ARG C 38 34.90 -13.06 9.13
C ARG C 38 36.20 -13.46 9.84
N THR C 39 36.08 -13.92 11.09
CA THR C 39 37.28 -14.14 11.91
C THR C 39 38.14 -15.31 11.41
N GLY C 40 37.50 -16.42 11.05
CA GLY C 40 38.22 -17.61 10.55
C GLY C 40 38.87 -17.34 9.20
N THR C 41 38.22 -16.53 8.37
CA THR C 41 38.77 -16.20 7.06
C THR C 41 39.96 -15.27 7.18
N TYR C 42 39.89 -14.32 8.10
CA TYR C 42 41.07 -13.51 8.44
C TYR C 42 42.26 -14.34 8.89
N GLN C 43 42.03 -15.26 9.87
CA GLN C 43 43.09 -16.14 10.34
C GLN C 43 43.69 -16.99 9.23
N ARG C 44 42.85 -17.57 8.39
CA ARG C 44 43.31 -18.45 7.32
C ARG C 44 44.15 -17.67 6.31
N ALA C 45 43.71 -16.46 5.98
CA ALA C 45 44.42 -15.59 5.05
C ALA C 45 45.82 -15.31 5.55
N ILE C 46 45.92 -14.97 6.83
CA ILE C 46 47.19 -14.64 7.46
C ILE C 46 48.10 -15.86 7.64
N LEU C 47 47.57 -16.94 8.22
CA LEU C 47 48.38 -18.14 8.46
C LEU C 47 48.83 -18.86 7.17
N GLN C 48 47.93 -18.96 6.20
CA GLN C 48 48.25 -19.63 4.93
C GLN C 48 49.23 -18.79 4.11
N ASN C 49 49.27 -17.50 4.40
CA ASN C 49 50.24 -16.59 3.77
C ASN C 49 51.33 -16.17 4.76
N HIS C 50 51.88 -17.15 5.49
CA HIS C 50 52.85 -16.89 6.58
C HIS C 50 54.12 -16.26 6.13
N THR C 51 54.51 -16.51 4.87
CA THR C 51 55.72 -15.92 4.30
C THR C 51 55.61 -14.39 4.24
N ASP C 52 54.41 -13.86 4.06
CA ASP C 52 54.22 -12.39 4.12
C ASP C 52 54.28 -11.84 5.54
N PHE C 53 54.41 -12.73 6.53
CA PHE C 53 54.49 -12.30 7.93
C PHE C 53 55.79 -12.64 8.65
N LYS C 54 56.44 -13.74 8.24
CA LYS C 54 57.66 -14.20 8.90
C LYS C 54 58.72 -13.11 9.01
N ASP C 55 59.09 -12.75 10.24
CA ASP C 55 60.09 -11.69 10.56
C ASP C 55 59.77 -10.29 10.04
N LYS C 56 58.50 -10.03 9.70
CA LYS C 56 58.08 -8.75 9.15
C LYS C 56 57.65 -7.77 10.24
N ILE C 57 57.59 -6.50 9.86
CA ILE C 57 57.07 -5.44 10.72
C ILE C 57 55.65 -5.19 10.19
N VAL C 58 54.69 -5.12 11.10
CA VAL C 58 53.26 -5.13 10.75
C VAL C 58 52.57 -3.92 11.39
N LEU C 59 51.62 -3.32 10.68
CA LEU C 59 50.67 -2.36 11.26
C LEU C 59 49.22 -2.89 11.20
N ASP C 60 48.58 -2.98 12.36
CA ASP C 60 47.15 -3.29 12.47
C ASP C 60 46.38 -1.97 12.68
N VAL C 61 45.62 -1.58 11.68
CA VAL C 61 44.84 -0.35 11.77
C VAL C 61 43.49 -0.57 12.41
N GLY C 62 43.33 -0.07 13.64
CA GLY C 62 42.07 -0.22 14.37
C GLY C 62 41.98 -1.63 14.91
N CYS C 63 42.86 -1.94 15.85
CA CYS C 63 43.09 -3.30 16.31
C CYS C 63 41.97 -3.85 17.18
N GLY C 64 41.11 -3.00 17.73
CA GLY C 64 40.01 -3.45 18.58
C GLY C 64 40.58 -4.24 19.74
N SER C 65 40.16 -5.51 19.85
CA SER C 65 40.64 -6.44 20.85
C SER C 65 42.10 -6.88 20.66
N GLY C 66 42.64 -6.66 19.45
CA GLY C 66 43.99 -7.09 19.10
C GLY C 66 44.02 -8.39 18.32
N ILE C 67 42.84 -8.95 18.07
CA ILE C 67 42.72 -10.28 17.46
C ILE C 67 43.54 -10.50 16.18
N LEU C 68 43.52 -9.53 15.26
CA LEU C 68 44.25 -9.70 14.00
C LEU C 68 45.76 -9.64 14.25
N SER C 69 46.16 -8.81 15.20
CA SER C 69 47.57 -8.75 15.61
C SER C 69 48.06 -10.08 16.18
N PHE C 70 47.23 -10.75 17.01
CA PHE C 70 47.57 -12.11 17.42
C PHE C 70 47.76 -13.05 16.24
N PHE C 71 46.96 -12.92 15.18
CA PHE C 71 47.13 -13.83 14.02
C PHE C 71 48.46 -13.55 13.32
N ALA C 72 48.78 -12.27 13.13
CA ALA C 72 50.12 -11.86 12.64
C ALA C 72 51.29 -12.42 13.49
N ALA C 73 51.19 -12.34 14.82
CA ALA C 73 52.17 -12.99 15.70
C ALA C 73 52.27 -14.49 15.44
N GLN C 74 51.12 -15.17 15.32
CA GLN C 74 51.08 -16.63 15.10
C GLN C 74 51.80 -17.06 13.81
N ALA C 75 51.71 -16.22 12.78
CA ALA C 75 52.35 -16.52 11.49
C ALA C 75 53.79 -16.03 11.40
N GLY C 76 54.34 -15.57 12.54
CA GLY C 76 55.78 -15.27 12.67
C GLY C 76 56.29 -13.84 12.63
N ALA C 77 55.41 -12.84 12.71
CA ALA C 77 55.84 -11.44 12.67
C ALA C 77 56.84 -11.10 13.77
N ARG C 78 57.77 -10.20 13.46
CA ARG C 78 58.78 -9.76 14.42
C ARG C 78 58.21 -8.68 15.35
N LYS C 79 57.51 -7.71 14.77
CA LYS C 79 56.88 -6.65 15.54
C LYS C 79 55.58 -6.20 14.87
N ILE C 80 54.57 -5.97 15.72
CA ILE C 80 53.25 -5.55 15.26
C ILE C 80 52.80 -4.29 16.00
N TYR C 81 52.66 -3.18 15.28
CA TYR C 81 52.09 -1.97 15.88
C TYR C 81 50.56 -2.04 15.76
N ALA C 82 49.89 -2.13 16.90
CA ALA C 82 48.43 -2.27 16.93
C ALA C 82 47.75 -0.97 17.34
N VAL C 83 47.32 -0.18 16.36
CA VAL C 83 46.73 1.15 16.62
C VAL C 83 45.22 1.04 16.87
N GLU C 84 44.74 1.72 17.91
CA GLU C 84 43.31 1.72 18.28
C GLU C 84 42.94 3.05 18.96
N ALA C 85 41.92 3.71 18.43
CA ALA C 85 41.47 5.02 18.93
C ALA C 85 40.44 5.00 20.06
N SER C 86 39.74 3.87 20.25
CA SER C 86 38.75 3.80 21.34
C SER C 86 39.41 3.31 22.63
N THR C 87 38.65 3.35 23.73
CA THR C 87 39.15 2.85 25.02
C THR C 87 39.45 1.35 24.97
N MET C 88 39.02 0.67 23.92
CA MET C 88 39.37 -0.74 23.70
C MET C 88 40.90 -0.97 23.68
N ALA C 89 41.66 0.06 23.33
CA ALA C 89 43.13 -0.03 23.37
C ALA C 89 43.66 -0.59 24.72
N GLN C 90 43.04 -0.16 25.82
CA GLN C 90 43.41 -0.63 27.16
C GLN C 90 43.26 -2.14 27.34
N HIS C 91 42.13 -2.66 26.87
CA HIS C 91 41.83 -4.10 26.96
C HIS C 91 42.71 -4.92 26.09
N ALA C 92 43.03 -4.39 24.91
CA ALA C 92 43.99 -5.02 23.99
C ALA C 92 45.35 -5.22 24.68
N GLU C 93 45.80 -4.19 25.40
CA GLU C 93 47.08 -4.26 26.10
C GLU C 93 47.08 -5.35 27.20
N VAL C 94 46.00 -5.42 27.95
CA VAL C 94 45.77 -6.50 28.93
C VAL C 94 45.92 -7.89 28.28
N LEU C 95 45.31 -8.11 27.12
CA LEU C 95 45.48 -9.39 26.40
C LEU C 95 46.91 -9.69 25.91
N VAL C 96 47.61 -8.69 25.37
CA VAL C 96 49.02 -8.85 24.97
C VAL C 96 49.88 -9.36 26.13
N LYS C 97 49.72 -8.76 27.31
CA LYS C 97 50.44 -9.22 28.51
C LYS C 97 50.04 -10.64 28.97
N SER C 98 48.74 -10.90 29.10
CA SER C 98 48.30 -12.22 29.57
C SER C 98 48.64 -13.31 28.57
N ASN C 99 48.83 -12.95 27.29
CA ASN C 99 49.24 -13.93 26.28
C ASN C 99 50.75 -13.98 26.08
N ASN C 100 51.48 -13.22 26.88
CA ASN C 100 52.95 -13.24 26.88
C ASN C 100 53.52 -12.89 25.50
N LEU C 101 53.01 -11.81 24.93
CA LEU C 101 53.36 -11.40 23.55
C LEU C 101 53.83 -9.94 23.49
N THR C 102 54.26 -9.46 24.67
CA THR C 102 54.82 -8.12 24.89
C THR C 102 56.01 -7.84 23.98
N ASP C 103 56.74 -8.89 23.61
CA ASP C 103 57.92 -8.76 22.75
C ASP C 103 57.58 -8.66 21.25
N ARG C 104 56.30 -8.77 20.92
CA ARG C 104 55.87 -8.93 19.53
C ARG C 104 54.75 -7.98 19.12
N ILE C 105 53.83 -7.69 20.04
CA ILE C 105 52.68 -6.81 19.75
C ILE C 105 52.79 -5.56 20.61
N VAL C 106 52.79 -4.40 19.95
CA VAL C 106 52.91 -3.10 20.61
C VAL C 106 51.67 -2.25 20.38
N VAL C 107 50.84 -2.12 21.42
CA VAL C 107 49.62 -1.33 21.29
C VAL C 107 50.00 0.14 21.28
N ILE C 108 49.40 0.90 20.37
CA ILE C 108 49.59 2.34 20.21
C ILE C 108 48.22 3.03 20.27
N PRO C 109 47.88 3.64 21.43
CA PRO C 109 46.60 4.35 21.61
C PRO C 109 46.50 5.57 20.72
N GLY C 110 45.31 5.77 20.13
CA GLY C 110 45.02 6.96 19.33
C GLY C 110 44.57 6.65 17.91
N LYS C 111 44.36 7.70 17.13
CA LYS C 111 43.92 7.59 15.74
C LYS C 111 45.10 7.38 14.81
N VAL C 112 44.94 6.51 13.81
CA VAL C 112 46.05 6.19 12.91
C VAL C 112 46.53 7.45 12.16
N GLU C 113 45.66 8.45 12.07
CA GLU C 113 45.99 9.71 11.42
C GLU C 113 46.82 10.64 12.33
N GLU C 114 46.84 10.36 13.63
CA GLU C 114 47.45 11.27 14.60
C GLU C 114 48.71 10.75 15.30
N VAL C 115 48.81 9.43 15.48
CA VAL C 115 49.93 8.82 16.21
C VAL C 115 51.27 8.90 15.47
N SER C 116 52.37 8.58 16.15
CA SER C 116 53.68 8.41 15.53
C SER C 116 54.11 6.95 15.61
N LEU C 117 54.71 6.43 14.54
CA LEU C 117 55.31 5.10 14.57
C LEU C 117 56.83 5.18 14.41
N PRO C 118 57.59 4.41 15.21
CA PRO C 118 59.05 4.51 15.11
C PRO C 118 59.67 4.05 13.78
N GLU C 119 58.92 3.29 12.97
CA GLU C 119 59.48 2.76 11.72
C GLU C 119 58.42 2.54 10.62
N GLN C 120 58.89 2.31 9.40
CA GLN C 120 58.03 1.91 8.28
C GLN C 120 57.72 0.42 8.39
N VAL C 121 56.60 0.00 7.79
CA VAL C 121 56.14 -1.38 7.95
C VAL C 121 56.17 -2.18 6.65
N ASP C 122 56.28 -3.50 6.74
CA ASP C 122 56.25 -4.37 5.57
C ASP C 122 54.83 -4.65 5.05
N ILE C 123 53.88 -4.75 5.98
CA ILE C 123 52.52 -5.15 5.64
C ILE C 123 51.52 -4.41 6.58
N ILE C 124 50.37 -4.05 6.03
CA ILE C 124 49.31 -3.47 6.85
C ILE C 124 48.11 -4.40 6.81
N ILE C 125 47.59 -4.69 8.01
CA ILE C 125 46.38 -5.48 8.16
C ILE C 125 45.30 -4.63 8.82
N SER C 126 44.05 -4.91 8.47
CA SER C 126 42.92 -4.16 9.02
C SER C 126 41.62 -4.92 8.74
N GLU C 127 40.60 -4.63 9.54
CA GLU C 127 39.22 -4.93 9.17
C GLU C 127 38.46 -3.61 9.23
N PRO C 128 38.48 -2.85 8.11
CA PRO C 128 37.88 -1.53 8.06
C PRO C 128 36.58 -1.46 7.22
N MET C 129 35.97 -2.59 6.92
CA MET C 129 34.76 -2.59 6.09
C MET C 129 33.51 -2.36 6.93
N GLY C 130 32.77 -1.30 6.63
CA GLY C 130 31.46 -1.08 7.27
C GLY C 130 30.36 -1.83 6.53
N TYR C 131 29.09 -1.63 6.93
CA TYR C 131 28.01 -2.19 6.13
C TYR C 131 28.04 -1.47 4.80
N MET C 132 27.68 -2.20 3.73
CA MET C 132 27.78 -1.71 2.34
C MET C 132 29.21 -1.33 1.94
N LEU C 133 30.17 -1.92 2.63
CA LEU C 133 31.64 -1.67 2.49
C LEU C 133 32.08 -0.30 3.03
N PHE C 134 31.44 0.77 2.55
CA PHE C 134 31.90 2.15 2.70
C PHE C 134 31.45 2.89 3.97
N ASN C 135 30.39 2.45 4.63
CA ASN C 135 29.99 3.13 5.88
C ASN C 135 31.16 3.15 6.86
N GLU C 136 31.19 4.19 7.69
CA GLU C 136 32.23 4.48 8.70
C GLU C 136 33.39 5.32 8.17
N ARG C 137 33.63 5.29 6.85
CA ARG C 137 34.79 5.99 6.23
C ARG C 137 36.17 5.48 6.74
N MET C 138 36.18 4.27 7.31
CA MET C 138 37.41 3.73 7.86
C MET C 138 38.36 3.25 6.77
N LEU C 139 37.81 3.03 5.56
CA LEU C 139 38.71 2.65 4.45
C LEU C 139 39.70 3.80 4.20
N GLU C 140 39.28 5.04 4.45
CA GLU C 140 40.16 6.22 4.32
C GLU C 140 41.32 6.24 5.35
N SER C 141 41.03 5.77 6.57
CA SER C 141 42.08 5.55 7.59
C SER C 141 43.06 4.48 7.13
N TYR C 142 42.51 3.38 6.61
CA TYR C 142 43.32 2.28 6.09
C TYR C 142 44.24 2.79 4.98
N LEU C 143 43.71 3.60 4.07
CA LEU C 143 44.54 4.14 2.98
C LEU C 143 45.52 5.17 3.48
N HIS C 144 45.06 6.03 4.39
CA HIS C 144 45.93 7.00 5.08
C HIS C 144 47.17 6.37 5.65
N ALA C 145 47.00 5.20 6.28
CA ALA C 145 48.11 4.51 6.94
C ALA C 145 49.23 4.07 6.00
N LYS C 146 48.99 4.14 4.69
CA LYS C 146 50.04 3.84 3.69
C LYS C 146 51.24 4.80 3.76
N LYS C 147 51.10 5.91 4.46
CA LYS C 147 52.26 6.79 4.73
C LYS C 147 53.35 6.01 5.49
N TYR C 148 52.94 4.95 6.18
CA TYR C 148 53.87 4.10 6.93
C TYR C 148 54.33 2.85 6.18
N LEU C 149 53.81 2.64 4.98
CA LEU C 149 54.10 1.41 4.23
C LEU C 149 55.35 1.58 3.39
N LYS C 150 56.30 0.65 3.55
CA LYS C 150 57.50 0.60 2.71
C LYS C 150 57.11 0.45 1.23
N PRO C 151 57.99 0.88 0.31
CA PRO C 151 57.72 0.64 -1.12
C PRO C 151 57.52 -0.87 -1.38
N SER C 152 56.54 -1.21 -2.20
CA SER C 152 56.21 -2.62 -2.46
C SER C 152 55.72 -3.39 -1.23
N GLY C 153 55.31 -2.68 -0.17
CA GLY C 153 54.65 -3.34 0.96
C GLY C 153 53.27 -3.89 0.60
N ASN C 154 52.77 -4.82 1.40
CA ASN C 154 51.48 -5.42 1.10
C ASN C 154 50.35 -4.88 1.98
N MET C 155 49.10 -5.12 1.54
CA MET C 155 47.87 -4.71 2.24
CA MET C 155 47.91 -4.76 2.31
C MET C 155 46.95 -5.93 2.36
N PHE C 156 46.49 -6.25 3.57
CA PHE C 156 45.59 -7.41 3.84
C PHE C 156 44.37 -6.87 4.61
N PRO C 157 43.22 -6.67 3.90
CA PRO C 157 42.93 -7.01 2.50
C PRO C 157 43.57 -6.11 1.42
N THR C 158 43.75 -6.68 0.23
CA THR C 158 44.42 -6.00 -0.88
C THR C 158 43.44 -5.24 -1.79
N ILE C 159 42.28 -5.85 -2.06
CA ILE C 159 41.22 -5.22 -2.90
C ILE C 159 39.82 -5.45 -2.32
N GLY C 160 38.90 -4.55 -2.67
CA GLY C 160 37.50 -4.70 -2.29
C GLY C 160 36.63 -4.56 -3.52
N ASP C 161 35.67 -5.47 -3.65
CA ASP C 161 34.68 -5.47 -4.74
C ASP C 161 33.30 -5.15 -4.17
N VAL C 162 32.68 -4.07 -4.63
CA VAL C 162 31.25 -3.84 -4.39
C VAL C 162 30.42 -4.36 -5.56
N HIS C 163 29.34 -5.08 -5.22
CA HIS C 163 28.41 -5.60 -6.22
C HIS C 163 27.08 -4.95 -6.06
N LEU C 164 26.46 -4.57 -7.18
CA LEU C 164 25.09 -4.11 -7.15
C LEU C 164 24.22 -4.79 -8.21
N ALA C 165 22.96 -5.01 -7.86
CA ALA C 165 22.01 -5.74 -8.70
C ALA C 165 20.57 -5.28 -8.42
N PRO C 166 19.73 -5.19 -9.48
CA PRO C 166 18.32 -4.81 -9.31
C PRO C 166 17.57 -5.95 -8.63
N PHE C 167 16.59 -5.61 -7.80
CA PHE C 167 15.81 -6.63 -7.11
C PHE C 167 14.32 -6.31 -7.15
N THR C 168 13.50 -7.35 -6.95
CA THR C 168 12.07 -7.15 -6.79
C THR C 168 11.65 -7.71 -5.43
N ASP C 169 10.89 -6.93 -4.65
CA ASP C 169 10.43 -7.36 -3.32
C ASP C 169 9.27 -6.49 -2.89
N GLU C 170 8.07 -6.87 -3.33
CA GLU C 170 6.86 -6.13 -3.06
C GLU C 170 6.60 -6.04 -1.54
N GLN C 171 6.86 -7.14 -0.83
CA GLN C 171 6.71 -7.21 0.63
C GLN C 171 7.57 -6.17 1.36
N LEU C 172 8.88 -6.12 1.06
CA LEU C 172 9.74 -5.06 1.61
C LEU C 172 9.16 -3.69 1.28
N TYR C 173 8.89 -3.46 0.00
CA TYR C 173 8.42 -2.16 -0.46
C TYR C 173 7.18 -1.71 0.34
N MET C 174 6.23 -2.63 0.49
CA MET C 174 4.97 -2.31 1.16
C MET C 174 5.14 -2.13 2.67
N GLU C 175 6.08 -2.88 3.25
CA GLU C 175 6.46 -2.74 4.65
C GLU C 175 6.88 -1.31 4.95
N GLN C 176 7.74 -0.75 4.10
CA GLN C 176 8.23 0.61 4.31
C GLN C 176 7.17 1.65 3.97
N PHE C 177 6.40 1.37 2.91
CA PHE C 177 5.35 2.29 2.46
C PHE C 177 4.25 2.44 3.52
N THR C 178 3.90 1.34 4.16
CA THR C 178 2.88 1.31 5.21
C THR C 178 3.26 2.15 6.44
N LYS C 179 4.53 2.10 6.85
CA LYS C 179 5.02 2.93 7.96
C LYS C 179 4.90 4.41 7.63
N ALA C 180 5.30 4.76 6.41
CA ALA C 180 5.23 6.15 5.96
C ALA C 180 3.78 6.62 5.87
N ASN C 181 2.88 5.73 5.45
CA ASN C 181 1.45 6.09 5.28
C ASN C 181 0.69 6.36 6.57
N PHE C 182 1.35 6.14 7.71
CA PHE C 182 0.86 6.70 8.98
C PHE C 182 0.59 8.22 8.83
N TRP C 183 1.47 8.90 8.10
CA TRP C 183 1.34 10.34 7.86
C TRP C 183 0.41 10.71 6.73
N TYR C 184 -0.35 9.73 6.25
CA TYR C 184 -1.41 9.97 5.26
C TYR C 184 -2.79 10.16 5.96
N GLN C 185 -2.88 9.82 7.26
CA GLN C 185 -4.15 9.92 8.02
C GLN C 185 -4.68 11.34 8.09
N PRO C 186 -5.92 11.58 7.65
CA PRO C 186 -6.53 12.89 7.80
C PRO C 186 -7.21 13.11 9.16
N SER C 187 -7.30 12.09 10.01
CA SER C 187 -7.95 12.26 11.31
C SER C 187 -7.34 11.41 12.46
N PHE C 188 -6.02 11.52 12.63
CA PHE C 188 -5.32 10.86 13.73
C PHE C 188 -5.66 11.56 15.05
N HIS C 189 -6.52 10.96 15.88
CA HIS C 189 -7.08 11.64 17.07
C HIS C 189 -7.69 12.98 16.69
N GLY C 190 -8.33 13.01 15.52
CA GLY C 190 -8.94 14.25 15.00
C GLY C 190 -8.01 15.20 14.26
N VAL C 191 -6.74 14.82 14.08
CA VAL C 191 -5.75 15.74 13.46
C VAL C 191 -5.39 15.27 12.04
N ASP C 192 -5.28 16.21 11.12
CA ASP C 192 -4.90 15.92 9.74
C ASP C 192 -3.38 15.94 9.58
N LEU C 193 -2.81 14.76 9.35
CA LEU C 193 -1.36 14.61 9.19
C LEU C 193 -0.93 14.63 7.73
N SER C 194 -1.91 14.52 6.82
CA SER C 194 -1.70 14.27 5.39
C SER C 194 -0.75 15.22 4.65
N ALA C 195 -0.63 16.46 5.11
CA ALA C 195 0.34 17.40 4.56
C ALA C 195 1.80 16.91 4.67
N LEU C 196 2.09 16.02 5.61
CA LEU C 196 3.45 15.51 5.79
C LEU C 196 3.69 14.12 5.17
N ARG C 197 2.72 13.60 4.41
CA ARG C 197 2.87 12.32 3.70
C ARG C 197 4.15 12.27 2.86
N GLY C 198 4.39 13.33 2.11
CA GLY C 198 5.57 13.46 1.25
C GLY C 198 6.87 13.42 2.03
N ALA C 199 7.01 14.30 3.03
CA ALA C 199 8.20 14.29 3.89
C ALA C 199 8.41 12.90 4.56
N ALA C 200 7.32 12.25 4.96
CA ALA C 200 7.41 10.93 5.56
C ALA C 200 7.94 9.86 4.61
N VAL C 201 7.39 9.81 3.40
CA VAL C 201 7.85 8.85 2.38
C VAL C 201 9.33 9.09 2.11
N ASP C 202 9.71 10.36 1.99
CA ASP C 202 11.14 10.72 1.80
C ASP C 202 12.06 10.21 2.92
N GLU C 203 11.60 10.40 4.16
CA GLU C 203 12.40 9.99 5.31
C GLU C 203 12.60 8.48 5.35
N TYR C 204 11.52 7.72 5.18
CA TYR C 204 11.63 6.27 5.27
C TYR C 204 12.41 5.68 4.11
N PHE C 205 12.23 6.23 2.92
CA PHE C 205 12.90 5.72 1.72
C PHE C 205 14.36 6.09 1.61
N ARG C 206 14.79 7.09 2.40
CA ARG C 206 16.19 7.47 2.55
C ARG C 206 17.02 6.44 3.31
N GLN C 207 16.36 5.54 4.02
CA GLN C 207 17.07 4.55 4.84
C GLN C 207 17.38 3.28 4.05
N PRO C 208 18.69 2.97 3.85
CA PRO C 208 19.03 1.70 3.26
C PRO C 208 18.55 0.62 4.21
N VAL C 209 18.30 -0.57 3.69
CA VAL C 209 17.80 -1.68 4.52
C VAL C 209 18.89 -2.72 4.66
N VAL C 210 19.36 -2.92 5.89
CA VAL C 210 20.36 -3.93 6.20
C VAL C 210 19.68 -5.21 6.70
N ASP C 211 19.71 -6.25 5.86
CA ASP C 211 19.28 -7.60 6.23
C ASP C 211 19.63 -8.51 5.08
N THR C 212 19.32 -9.79 5.24
CA THR C 212 19.57 -10.75 4.17
C THR C 212 18.31 -11.02 3.35
N PHE C 213 18.44 -11.75 2.24
CA PHE C 213 17.31 -12.05 1.36
C PHE C 213 17.58 -13.30 0.53
N ASP C 214 16.53 -13.84 -0.10
CA ASP C 214 16.68 -14.95 -1.02
C ASP C 214 17.23 -14.41 -2.34
N ILE C 215 18.17 -15.13 -2.96
CA ILE C 215 18.76 -14.70 -4.22
C ILE C 215 17.75 -14.62 -5.37
N ARG C 216 16.61 -15.26 -5.20
CA ARG C 216 15.57 -15.24 -6.22
C ARG C 216 14.91 -13.87 -6.41
N ILE C 217 15.24 -12.90 -5.56
CA ILE C 217 14.72 -11.54 -5.74
C ILE C 217 15.56 -10.76 -6.76
N LEU C 218 16.70 -11.31 -7.15
CA LEU C 218 17.62 -10.59 -8.04
C LEU C 218 17.20 -10.72 -9.51
N MET C 219 17.25 -9.61 -10.23
CA MET C 219 16.62 -9.55 -11.54
C MET C 219 17.60 -9.53 -12.72
N ALA C 220 18.87 -9.28 -12.39
CA ALA C 220 19.95 -9.25 -13.36
C ALA C 220 21.26 -9.61 -12.67
N LYS C 221 22.26 -9.96 -13.48
CA LYS C 221 23.63 -10.15 -13.02
C LYS C 221 24.20 -8.86 -12.41
N SER C 222 24.91 -9.00 -11.29
CA SER C 222 25.51 -7.85 -10.59
C SER C 222 26.53 -7.10 -11.45
N VAL C 223 26.59 -5.78 -11.27
CA VAL C 223 27.71 -4.96 -11.76
C VAL C 223 28.73 -4.91 -10.60
N LYS C 224 30.02 -5.07 -10.93
CA LYS C 224 31.09 -5.05 -9.92
C LYS C 224 31.92 -3.76 -9.99
N TYR C 225 32.20 -3.16 -8.84
CA TYR C 225 33.11 -2.02 -8.77
C TYR C 225 34.26 -2.35 -7.81
N THR C 226 35.50 -2.11 -8.27
CA THR C 226 36.69 -2.53 -7.53
C THR C 226 37.52 -1.37 -6.97
N VAL C 227 37.81 -1.44 -5.68
CA VAL C 227 38.83 -0.57 -5.07
C VAL C 227 40.11 -1.36 -4.83
N ASN C 228 41.20 -0.94 -5.47
CA ASN C 228 42.51 -1.54 -5.20
C ASN C 228 43.19 -0.79 -4.06
N PHE C 229 43.31 -1.43 -2.89
CA PHE C 229 43.85 -0.74 -1.71
C PHE C 229 45.34 -0.36 -1.85
N LEU C 230 46.10 -1.16 -2.60
CA LEU C 230 47.50 -0.87 -2.92
C LEU C 230 47.67 0.43 -3.71
N GLU C 231 46.68 0.72 -4.56
CA GLU C 231 46.74 1.83 -5.51
C GLU C 231 45.98 3.09 -5.10
N ALA C 232 44.81 2.93 -4.48
CA ALA C 232 43.96 4.09 -4.16
C ALA C 232 44.59 5.13 -3.19
N LYS C 233 44.33 6.42 -3.45
CA LYS C 233 44.57 7.51 -2.50
C LYS C 233 43.29 7.74 -1.68
N GLU C 234 43.41 8.19 -0.43
CA GLU C 234 42.20 8.45 0.38
C GLU C 234 41.20 9.44 -0.26
N GLY C 235 41.70 10.37 -1.07
CA GLY C 235 40.84 11.31 -1.78
C GLY C 235 39.94 10.66 -2.84
N ASP C 236 40.36 9.48 -3.33
CA ASP C 236 39.58 8.71 -4.30
C ASP C 236 38.25 8.23 -3.72
N LEU C 237 38.09 8.28 -2.39
CA LEU C 237 36.89 7.74 -1.76
C LEU C 237 35.91 8.84 -1.32
N HIS C 238 36.25 10.08 -1.62
CA HIS C 238 35.40 11.22 -1.29
C HIS C 238 34.17 11.23 -2.16
N ARG C 239 34.32 10.79 -3.42
CA ARG C 239 33.26 10.84 -4.40
C ARG C 239 33.37 9.65 -5.35
N ILE C 240 32.56 8.63 -5.09
CA ILE C 240 32.68 7.34 -5.81
C ILE C 240 31.55 7.23 -6.84
N GLU C 241 31.94 7.16 -8.13
CA GLU C 241 30.98 7.09 -9.24
C GLU C 241 30.90 5.69 -9.84
N ILE C 242 29.73 5.07 -9.71
CA ILE C 242 29.50 3.73 -10.24
C ILE C 242 28.43 3.69 -11.35
N PRO C 243 28.87 3.82 -12.62
CA PRO C 243 27.91 3.62 -13.72
C PRO C 243 27.43 2.16 -13.80
N PHE C 244 26.18 1.95 -14.24
CA PHE C 244 25.67 0.59 -14.44
C PHE C 244 24.77 0.50 -15.66
N LYS C 245 24.79 -0.65 -16.30
CA LYS C 245 23.79 -1.02 -17.30
C LYS C 245 23.46 -2.47 -17.01
N PHE C 246 22.27 -2.74 -16.50
CA PHE C 246 21.87 -4.14 -16.27
C PHE C 246 21.14 -4.71 -17.47
N HIS C 247 21.42 -5.96 -17.81
CA HIS C 247 20.63 -6.64 -18.83
C HIS C 247 19.59 -7.46 -18.12
N MET C 248 18.33 -7.04 -18.15
CA MET C 248 17.31 -7.63 -17.30
C MET C 248 17.02 -9.08 -17.68
N LEU C 249 17.02 -9.96 -16.69
CA LEU C 249 16.86 -11.39 -16.92
C LEU C 249 15.42 -11.84 -16.68
N HIS C 250 14.67 -11.02 -15.95
CA HIS C 250 13.28 -11.32 -15.60
C HIS C 250 12.46 -10.08 -15.75
N SER C 251 11.19 -10.24 -16.12
CA SER C 251 10.24 -9.13 -16.17
C SER C 251 9.65 -8.87 -14.78
N GLY C 252 9.30 -7.63 -14.49
CA GLY C 252 8.59 -7.32 -13.23
C GLY C 252 8.92 -5.93 -12.73
N LEU C 253 8.55 -5.66 -11.48
CA LEU C 253 8.82 -4.35 -10.86
C LEU C 253 10.19 -4.34 -10.18
N VAL C 254 11.01 -3.36 -10.53
CA VAL C 254 12.31 -3.19 -9.88
C VAL C 254 12.11 -2.25 -8.68
N HIS C 255 12.21 -2.79 -7.46
CA HIS C 255 12.01 -1.98 -6.24
C HIS C 255 13.23 -1.24 -5.74
N GLY C 256 14.39 -1.54 -6.32
CA GLY C 256 15.62 -0.84 -5.97
C GLY C 256 16.83 -1.68 -6.34
N LEU C 257 17.96 -1.38 -5.70
CA LEU C 257 19.25 -2.04 -5.96
C LEU C 257 19.78 -2.66 -4.66
N ALA C 258 20.27 -3.88 -4.79
CA ALA C 258 20.86 -4.65 -3.70
C ALA C 258 22.38 -4.56 -3.81
N PHE C 259 23.02 -4.36 -2.66
CA PHE C 259 24.48 -4.19 -2.58
C PHE C 259 25.10 -5.24 -1.67
N TRP C 260 26.24 -5.78 -2.10
CA TRP C 260 27.11 -6.55 -1.22
C TRP C 260 28.57 -6.31 -1.56
N PHE C 261 29.48 -6.99 -0.87
CA PHE C 261 30.91 -6.82 -1.11
C PHE C 261 31.73 -8.04 -0.75
N ASP C 262 32.84 -8.20 -1.47
CA ASP C 262 33.89 -9.19 -1.14
C ASP C 262 35.19 -8.44 -0.97
N VAL C 263 36.10 -8.97 -0.16
CA VAL C 263 37.50 -8.51 -0.20
C VAL C 263 38.41 -9.71 -0.47
N ALA C 264 39.53 -9.45 -1.15
CA ALA C 264 40.55 -10.48 -1.34
C ALA C 264 41.87 -10.13 -0.64
N PHE C 265 42.48 -11.14 0.00
CA PHE C 265 43.82 -11.02 0.54
C PHE C 265 44.78 -11.63 -0.48
N ILE C 266 45.50 -10.78 -1.20
CA ILE C 266 46.35 -11.29 -2.28
C ILE C 266 47.77 -11.49 -1.78
N GLY C 267 48.01 -12.68 -1.23
CA GLY C 267 49.28 -13.04 -0.58
C GLY C 267 50.22 -13.84 -1.48
N SER C 268 51.45 -14.07 -1.01
CA SER C 268 52.51 -14.72 -1.81
C SER C 268 52.32 -16.22 -2.02
N ILE C 269 51.52 -16.84 -1.15
CA ILE C 269 51.26 -18.28 -1.20
C ILE C 269 49.92 -18.55 -1.91
N MET C 270 48.89 -17.79 -1.55
CA MET C 270 47.55 -17.92 -2.16
C MET C 270 46.68 -16.70 -1.89
N THR C 271 45.69 -16.50 -2.76
CA THR C 271 44.70 -15.47 -2.62
C THR C 271 43.54 -16.03 -1.81
N VAL C 272 43.12 -15.32 -0.77
CA VAL C 272 41.99 -15.75 0.06
C VAL C 272 40.90 -14.70 -0.01
N TRP C 273 39.67 -15.16 -0.22
CA TRP C 273 38.50 -14.29 -0.35
C TRP C 273 37.60 -14.36 0.84
N LEU C 274 37.11 -13.19 1.25
CA LEU C 274 36.04 -13.09 2.23
C LEU C 274 34.84 -12.47 1.51
N SER C 275 33.71 -13.19 1.50
CA SER C 275 32.53 -12.73 0.74
C SER C 275 31.32 -12.50 1.62
N THR C 276 30.60 -11.41 1.38
CA THR C 276 29.29 -11.18 2.01
C THR C 276 28.11 -11.31 1.02
N ALA C 277 28.35 -12.09 -0.04
CA ALA C 277 27.32 -12.29 -1.08
C ALA C 277 26.11 -13.04 -0.51
N PRO C 278 24.91 -12.77 -1.05
CA PRO C 278 23.71 -13.51 -0.63
C PRO C 278 23.72 -15.00 -1.02
N THR C 279 24.67 -15.40 -1.86
CA THR C 279 24.89 -16.80 -2.20
C THR C 279 25.88 -17.46 -1.24
N GLU C 280 26.41 -16.69 -0.29
CA GLU C 280 27.38 -17.21 0.67
C GLU C 280 26.78 -17.22 2.08
N PRO C 281 27.37 -18.01 3.00
CA PRO C 281 26.78 -18.03 4.34
C PRO C 281 26.75 -16.64 4.95
N LEU C 282 25.76 -16.42 5.83
CA LEU C 282 25.53 -15.12 6.42
C LEU C 282 26.71 -14.63 7.28
N THR C 283 26.99 -13.32 7.21
CA THR C 283 28.01 -12.69 8.05
C THR C 283 27.29 -11.59 8.84
N HIS C 284 27.98 -10.96 9.79
CA HIS C 284 27.39 -9.84 10.55
C HIS C 284 27.12 -8.62 9.68
N TRP C 285 27.66 -8.60 8.47
CA TRP C 285 27.36 -7.53 7.52
C TRP C 285 26.01 -7.63 6.82
N TYR C 286 25.44 -8.83 6.80
CA TYR C 286 24.22 -9.11 6.02
C TYR C 286 24.43 -8.64 4.58
N GLN C 287 23.40 -8.02 3.99
CA GLN C 287 23.46 -7.31 2.72
C GLN C 287 22.68 -6.00 2.82
N VAL C 288 22.77 -5.14 1.82
CA VAL C 288 22.13 -3.82 1.93
C VAL C 288 21.26 -3.48 0.70
N ARG C 289 20.02 -3.07 0.95
CA ARG C 289 19.13 -2.70 -0.16
C ARG C 289 18.69 -1.24 -0.11
N CYS C 290 18.81 -0.59 -1.26
CA CYS C 290 18.38 0.78 -1.45
C CYS C 290 17.06 0.78 -2.22
N LEU C 291 15.98 1.25 -1.60
CA LEU C 291 14.64 1.22 -2.24
C LEU C 291 14.36 2.45 -3.08
N PHE C 292 13.61 2.28 -4.18
CA PHE C 292 13.00 3.38 -4.92
C PHE C 292 11.60 3.65 -4.37
N GLN C 293 11.23 4.92 -4.26
CA GLN C 293 9.90 5.37 -3.83
C GLN C 293 8.75 4.90 -4.72
N SER C 294 9.02 4.81 -6.01
CA SER C 294 8.13 4.13 -6.95
C SER C 294 8.99 3.24 -7.82
N PRO C 295 8.69 1.94 -7.81
CA PRO C 295 9.39 0.94 -8.61
C PRO C 295 9.34 1.23 -10.10
N LEU C 296 10.28 0.68 -10.86
CA LEU C 296 10.27 0.80 -12.31
C LEU C 296 9.83 -0.54 -12.89
N PHE C 297 8.91 -0.52 -13.84
CA PHE C 297 8.54 -1.75 -14.56
C PHE C 297 9.55 -2.08 -15.66
N ALA C 298 10.00 -3.34 -15.68
CA ALA C 298 10.94 -3.78 -16.73
C ALA C 298 10.56 -5.14 -17.30
N LYS C 299 10.92 -5.36 -18.55
CA LYS C 299 10.74 -6.66 -19.22
C LYS C 299 12.08 -7.38 -19.38
N ALA C 300 12.07 -8.70 -19.31
CA ALA C 300 13.27 -9.49 -19.59
C ALA C 300 13.86 -9.00 -20.91
N GLY C 301 15.16 -8.74 -20.94
CA GLY C 301 15.80 -8.25 -22.16
C GLY C 301 16.00 -6.74 -22.25
N ASP C 302 15.24 -5.99 -21.44
CA ASP C 302 15.43 -4.53 -21.31
C ASP C 302 16.81 -4.23 -20.69
N THR C 303 17.27 -2.99 -20.87
CA THR C 303 18.45 -2.56 -20.15
C THR C 303 18.05 -1.48 -19.14
N LEU C 304 18.48 -1.66 -17.91
CA LEU C 304 18.28 -0.68 -16.86
C LEU C 304 19.62 0.01 -16.60
N SER C 305 19.69 1.29 -16.95
CA SER C 305 20.93 2.01 -16.94
C SER C 305 20.89 3.21 -15.97
N GLY C 306 22.06 3.61 -15.48
CA GLY C 306 22.18 4.81 -14.66
C GLY C 306 23.46 4.86 -13.86
N THR C 307 23.44 5.62 -12.77
CA THR C 307 24.62 5.81 -11.93
C THR C 307 24.34 5.80 -10.43
N CYS C 308 25.19 5.07 -9.70
CA CYS C 308 25.23 5.14 -8.25
CA CYS C 308 25.25 5.13 -8.24
C CYS C 308 26.37 6.07 -7.85
N LEU C 309 26.05 7.18 -7.20
CA LEU C 309 27.04 8.16 -6.79
C LEU C 309 27.15 8.26 -5.26
N LEU C 310 28.35 8.01 -4.74
CA LEU C 310 28.60 8.03 -3.30
C LEU C 310 29.40 9.27 -2.90
N ILE C 311 28.76 10.17 -2.19
CA ILE C 311 29.38 11.41 -1.75
C ILE C 311 29.64 11.30 -0.25
N ALA C 312 30.92 11.26 0.14
CA ALA C 312 31.31 11.11 1.55
C ALA C 312 30.88 12.33 2.33
N ASN C 313 30.38 12.14 3.55
CA ASN C 313 29.96 13.27 4.37
C ASN C 313 30.77 13.33 5.68
N LYS C 314 30.54 14.36 6.49
CA LYS C 314 31.33 14.52 7.73
C LYS C 314 30.84 13.71 8.94
N ARG C 315 29.82 12.87 8.74
CA ARG C 315 29.33 12.02 9.82
C ARG C 315 29.73 10.58 9.57
N GLN C 316 30.93 10.44 9.00
CA GLN C 316 31.60 9.15 8.83
C GLN C 316 30.79 8.24 7.94
N SER C 317 30.09 8.84 6.97
CA SER C 317 29.29 8.08 6.03
C SER C 317 29.22 8.70 4.63
N TYR C 318 28.18 8.31 3.89
CA TYR C 318 28.00 8.71 2.49
C TYR C 318 26.55 9.07 2.21
N ASP C 319 26.36 10.08 1.36
CA ASP C 319 25.07 10.37 0.72
C ASP C 319 25.02 9.57 -0.58
N ILE C 320 24.07 8.66 -0.70
CA ILE C 320 24.01 7.75 -1.84
C ILE C 320 22.99 8.29 -2.84
N SER C 321 23.45 8.62 -4.03
CA SER C 321 22.54 9.07 -5.06
C SER C 321 22.36 7.95 -6.09
N ILE C 322 21.11 7.54 -6.36
CA ILE C 322 20.84 6.50 -7.39
C ILE C 322 19.89 7.09 -8.42
N VAL C 323 20.39 7.21 -9.64
CA VAL C 323 19.57 7.63 -10.80
C VAL C 323 19.56 6.44 -11.76
N ALA C 324 18.35 5.94 -12.06
CA ALA C 324 18.19 4.75 -12.89
C ALA C 324 17.07 4.94 -13.89
N GLN C 325 17.22 4.30 -15.06
CA GLN C 325 16.16 4.37 -16.07
C GLN C 325 16.01 3.08 -16.87
N VAL C 326 14.78 2.82 -17.30
CA VAL C 326 14.48 1.70 -18.21
C VAL C 326 14.63 2.26 -19.64
N ASP C 327 15.65 1.81 -20.36
CA ASP C 327 16.03 2.42 -21.63
C ASP C 327 14.91 2.32 -22.68
N GLN C 328 14.24 1.16 -22.74
CA GLN C 328 13.16 0.90 -23.68
C GLN C 328 11.91 1.85 -23.58
N THR C 329 11.68 2.44 -22.41
CA THR C 329 10.46 3.24 -22.16
C THR C 329 10.74 4.66 -21.69
N GLY C 330 11.99 4.94 -21.32
CA GLY C 330 12.36 6.25 -20.75
C GLY C 330 11.86 6.45 -19.32
N SER C 331 11.40 5.38 -18.69
CA SER C 331 10.95 5.44 -17.30
C SER C 331 12.14 5.59 -16.30
N LYS C 332 12.07 6.64 -15.47
CA LYS C 332 13.21 7.10 -14.66
C LYS C 332 12.93 7.15 -13.14
N SER C 333 13.96 6.86 -12.34
CA SER C 333 13.88 6.97 -10.87
C SER C 333 15.13 7.63 -10.28
N SER C 334 14.90 8.70 -9.51
CA SER C 334 15.97 9.45 -8.82
C SER C 334 15.80 9.30 -7.31
N ASN C 335 16.89 8.98 -6.62
CA ASN C 335 16.86 8.70 -5.18
C ASN C 335 18.13 9.16 -4.49
N LEU C 336 18.01 9.53 -3.21
CA LEU C 336 19.16 9.98 -2.41
C LEU C 336 19.03 9.36 -1.02
N LEU C 337 19.92 8.45 -0.69
CA LEU C 337 19.83 7.71 0.56
C LEU C 337 20.86 8.17 1.58
N ASP C 338 20.56 7.90 2.86
CA ASP C 338 21.37 8.33 4.00
C ASP C 338 21.98 7.09 4.64
N LEU C 339 23.21 6.74 4.22
CA LEU C 339 23.82 5.48 4.62
C LEU C 339 24.04 5.42 6.13
N LYS C 340 24.21 6.59 6.75
CA LYS C 340 24.44 6.68 8.19
C LYS C 340 23.28 6.15 9.02
N ASN C 341 22.06 6.25 8.49
CA ASN C 341 20.86 5.94 9.28
C ASN C 341 19.95 4.87 8.68
N PRO C 342 20.41 3.60 8.67
CA PRO C 342 19.66 2.58 7.95
C PRO C 342 18.59 1.94 8.81
N PHE C 343 17.74 1.16 8.19
CA PHE C 343 16.80 0.30 8.88
C PHE C 343 17.48 -1.06 9.08
N PHE C 344 17.80 -1.37 10.34
CA PHE C 344 18.41 -2.64 10.68
C PHE C 344 17.32 -3.69 10.82
N ARG C 345 16.78 -4.09 9.68
CA ARG C 345 15.62 -5.00 9.60
C ARG C 345 15.90 -6.36 10.24
N TYR C 346 17.17 -6.77 10.27
CA TYR C 346 17.54 -8.05 10.89
C TYR C 346 17.22 -8.19 12.39
N THR C 347 17.27 -7.09 13.14
CA THR C 347 17.25 -7.13 14.62
C THR C 347 15.95 -7.69 15.22
N ARG D 4 24.79 31.87 25.73
CA ARG D 4 25.14 30.83 26.73
C ARG D 4 24.06 30.77 27.81
N SER D 5 23.22 29.74 27.73
CA SER D 5 21.99 29.67 28.53
C SER D 5 22.05 28.58 29.59
N VAL D 6 20.93 28.40 30.30
CA VAL D 6 20.76 27.33 31.30
C VAL D 6 20.86 25.94 30.66
N PHE D 7 20.48 25.82 29.38
CA PHE D 7 20.56 24.51 28.72
C PHE D 7 22.00 24.15 28.38
N SER D 8 22.69 25.02 27.66
CA SER D 8 24.07 24.75 27.24
C SER D 8 25.00 24.59 28.44
N GLU D 9 24.76 25.37 29.50
CA GLU D 9 25.54 25.25 30.75
C GLU D 9 25.58 23.83 31.33
N ARG D 10 24.44 23.14 31.27
CA ARG D 10 24.29 21.84 31.90
C ARG D 10 24.44 20.65 30.93
N THR D 11 24.68 20.91 29.65
CA THR D 11 24.62 19.86 28.61
C THR D 11 25.84 19.86 27.69
N GLU D 12 26.48 18.69 27.55
CA GLU D 12 27.56 18.55 26.56
C GLU D 12 26.98 18.67 25.15
N GLU D 13 27.68 19.41 24.30
CA GLU D 13 27.17 19.75 22.99
C GLU D 13 26.96 18.53 22.09
N SER D 14 27.85 17.53 22.17
CA SER D 14 27.71 16.33 21.37
C SER D 14 26.49 15.50 21.79
N SER D 15 26.18 15.48 23.10
CA SER D 15 24.99 14.80 23.58
C SER D 15 23.72 15.48 23.05
N ALA D 16 23.73 16.81 23.08
CA ALA D 16 22.63 17.65 22.59
C ALA D 16 22.41 17.55 21.08
N VAL D 17 23.51 17.51 20.32
CA VAL D 17 23.41 17.34 18.86
C VAL D 17 22.66 16.05 18.61
N GLN D 18 23.18 14.95 19.14
CA GLN D 18 22.58 13.63 19.04
C GLN D 18 21.13 13.57 19.55
N TYR D 19 20.83 14.25 20.66
CA TYR D 19 19.46 14.28 21.22
C TYR D 19 18.44 14.85 20.23
N PHE D 20 18.75 16.01 19.67
CA PHE D 20 17.83 16.68 18.76
C PHE D 20 17.81 16.08 17.35
N GLN D 21 18.89 15.40 16.96
CA GLN D 21 18.85 14.59 15.72
C GLN D 21 17.80 13.50 15.87
N PHE D 22 17.85 12.81 17.02
CA PHE D 22 16.92 11.72 17.34
C PHE D 22 15.46 12.15 17.21
N TYR D 23 15.09 13.29 17.83
CA TYR D 23 13.69 13.76 17.79
C TYR D 23 13.28 14.47 16.49
N GLY D 24 14.25 14.71 15.61
CA GLY D 24 13.97 15.37 14.34
C GLY D 24 13.40 14.43 13.27
N TYR D 25 13.33 13.13 13.58
CA TYR D 25 12.77 12.13 12.68
C TYR D 25 11.29 11.95 12.92
N LEU D 26 10.53 11.94 11.82
CA LEU D 26 9.10 11.67 11.86
C LEU D 26 8.82 10.29 12.41
N SER D 27 9.69 9.32 12.10
CA SER D 27 9.51 7.97 12.62
C SER D 27 9.55 7.90 14.16
N GLN D 28 10.38 8.73 14.78
CA GLN D 28 10.46 8.77 16.24
C GLN D 28 9.21 9.47 16.87
N GLN D 29 8.82 10.61 16.32
CA GLN D 29 7.57 11.23 16.74
C GLN D 29 6.41 10.23 16.61
N GLN D 30 6.46 9.46 15.52
CA GLN D 30 5.43 8.49 15.19
C GLN D 30 5.37 7.37 16.22
N ASN D 31 6.54 6.89 16.65
CA ASN D 31 6.63 5.90 17.71
C ASN D 31 5.87 6.33 18.98
N MET D 32 6.07 7.57 19.40
CA MET D 32 5.40 8.13 20.59
C MET D 32 3.90 8.34 20.31
N MET D 33 3.59 8.88 19.13
CA MET D 33 2.20 9.13 18.72
C MET D 33 1.37 7.84 18.75
N GLN D 34 1.97 6.75 18.24
CA GLN D 34 1.30 5.45 18.14
C GLN D 34 1.22 4.69 19.46
N ASP D 35 1.79 5.23 20.53
CA ASP D 35 1.59 4.65 21.87
C ASP D 35 0.18 5.11 22.25
N TYR D 36 -0.78 4.21 22.10
CA TYR D 36 -2.17 4.59 22.25
C TYR D 36 -2.50 5.02 23.68
N VAL D 37 -2.03 4.25 24.66
CA VAL D 37 -2.19 4.61 26.07
C VAL D 37 -1.67 6.02 26.33
N ARG D 38 -0.46 6.32 25.87
CA ARG D 38 0.14 7.64 26.06
C ARG D 38 -0.68 8.76 25.40
N THR D 39 -0.88 8.63 24.09
CA THR D 39 -1.49 9.70 23.30
C THR D 39 -2.99 9.86 23.62
N GLY D 40 -3.66 8.72 23.80
CA GLY D 40 -5.08 8.63 24.22
C GLY D 40 -5.33 9.31 25.56
N THR D 41 -4.50 8.98 26.54
CA THR D 41 -4.64 9.56 27.90
C THR D 41 -4.41 11.05 27.90
N TYR D 42 -3.37 11.52 27.22
CA TYR D 42 -3.15 12.96 27.09
C TYR D 42 -4.37 13.70 26.51
N GLN D 43 -4.98 13.13 25.46
CA GLN D 43 -6.16 13.71 24.81
C GLN D 43 -7.34 13.75 25.77
N ARG D 44 -7.58 12.62 26.44
CA ARG D 44 -8.66 12.45 27.39
C ARG D 44 -8.55 13.44 28.55
N ALA D 45 -7.33 13.57 29.10
CA ALA D 45 -7.02 14.55 30.17
C ALA D 45 -7.27 16.01 29.78
N ILE D 46 -6.89 16.39 28.56
CA ILE D 46 -7.11 17.77 28.07
C ILE D 46 -8.60 18.03 27.80
N LEU D 47 -9.24 17.11 27.06
CA LEU D 47 -10.66 17.22 26.68
C LEU D 47 -11.60 17.18 27.88
N GLN D 48 -11.40 16.23 28.78
CA GLN D 48 -12.29 16.09 29.94
C GLN D 48 -12.14 17.27 30.92
N ASN D 49 -11.02 17.97 30.85
CA ASN D 49 -10.81 19.16 31.66
C ASN D 49 -10.90 20.45 30.83
N HIS D 50 -11.99 20.55 30.05
CA HIS D 50 -12.18 21.62 29.06
C HIS D 50 -12.14 23.01 29.63
N THR D 51 -12.61 23.17 30.87
CA THR D 51 -12.62 24.49 31.52
C THR D 51 -11.21 25.02 31.79
N ASP D 52 -10.24 24.12 31.91
CA ASP D 52 -8.84 24.51 32.08
C ASP D 52 -8.20 24.99 30.76
N PHE D 53 -8.89 24.80 29.65
CA PHE D 53 -8.34 25.16 28.35
C PHE D 53 -9.20 26.16 27.59
N LYS D 54 -10.51 26.12 27.80
CA LYS D 54 -11.45 26.96 27.06
C LYS D 54 -11.06 28.44 27.20
N ASP D 55 -10.77 29.07 26.07
CA ASP D 55 -10.32 30.47 26.01
C ASP D 55 -9.10 30.81 26.85
N LYS D 56 -8.23 29.83 27.09
CA LYS D 56 -7.00 30.04 27.85
C LYS D 56 -5.78 30.21 26.94
N ILE D 57 -4.67 30.67 27.53
CA ILE D 57 -3.38 30.72 26.85
C ILE D 57 -2.52 29.53 27.31
N VAL D 58 -1.92 28.81 26.37
CA VAL D 58 -1.26 27.54 26.66
C VAL D 58 0.17 27.56 26.13
N LEU D 59 1.07 26.90 26.86
CA LEU D 59 2.44 26.67 26.38
C LEU D 59 2.68 25.16 26.24
N ASP D 60 3.15 24.74 25.07
CA ASP D 60 3.52 23.34 24.82
C ASP D 60 5.05 23.24 24.76
N VAL D 61 5.63 22.64 25.80
CA VAL D 61 7.09 22.52 25.93
C VAL D 61 7.57 21.29 25.17
N GLY D 62 8.22 21.53 24.03
CA GLY D 62 8.73 20.42 23.18
C GLY D 62 7.59 19.78 22.39
N CYS D 63 6.92 20.58 21.54
CA CYS D 63 5.69 20.14 20.85
C CYS D 63 5.85 18.90 19.91
N GLY D 64 7.07 18.61 19.46
CA GLY D 64 7.26 17.55 18.49
C GLY D 64 6.41 17.80 17.25
N SER D 65 5.55 16.84 16.91
CA SER D 65 4.60 16.93 15.79
C SER D 65 3.58 18.06 15.98
N GLY D 66 3.39 18.47 17.24
CA GLY D 66 2.37 19.47 17.55
C GLY D 66 1.14 18.84 18.17
N ILE D 67 1.13 17.51 18.31
CA ILE D 67 -0.07 16.73 18.68
C ILE D 67 -0.81 17.23 19.95
N LEU D 68 -0.04 17.53 21.00
CA LEU D 68 -0.62 17.99 22.27
C LEU D 68 -1.26 19.36 22.12
N SER D 69 -0.62 20.25 21.36
CA SER D 69 -1.20 21.56 21.02
C SER D 69 -2.51 21.49 20.22
N PHE D 70 -2.62 20.50 19.33
CA PHE D 70 -3.91 20.22 18.65
C PHE D 70 -4.99 19.75 19.63
N PHE D 71 -4.62 18.90 20.59
CA PHE D 71 -5.58 18.51 21.63
C PHE D 71 -6.07 19.75 22.41
N ALA D 72 -5.15 20.66 22.73
CA ALA D 72 -5.48 21.94 23.40
C ALA D 72 -6.42 22.81 22.57
N ALA D 73 -6.21 22.83 21.25
CA ALA D 73 -7.13 23.50 20.31
C ALA D 73 -8.51 22.83 20.29
N GLN D 74 -8.53 21.49 20.22
CA GLN D 74 -9.78 20.74 20.36
C GLN D 74 -10.57 21.15 21.60
N ALA D 75 -9.84 21.51 22.66
CA ALA D 75 -10.45 21.83 23.97
C ALA D 75 -10.79 23.30 24.10
N GLY D 76 -10.47 24.08 23.08
CA GLY D 76 -10.92 25.48 23.02
C GLY D 76 -9.93 26.55 23.45
N ALA D 77 -8.64 26.22 23.54
CA ALA D 77 -7.62 27.19 23.90
C ALA D 77 -7.63 28.39 22.94
N ARG D 78 -7.41 29.57 23.52
CA ARG D 78 -7.37 30.83 22.79
C ARG D 78 -6.06 30.95 22.00
N LYS D 79 -4.94 30.68 22.67
CA LYS D 79 -3.61 30.78 22.07
C LYS D 79 -2.69 29.69 22.64
N ILE D 80 -2.07 28.92 21.75
CA ILE D 80 -1.15 27.86 22.13
C ILE D 80 0.23 28.11 21.54
N TYR D 81 1.20 28.41 22.40
CA TYR D 81 2.60 28.54 21.97
C TYR D 81 3.27 27.17 22.00
N ALA D 82 3.77 26.74 20.84
CA ALA D 82 4.38 25.42 20.70
C ALA D 82 5.89 25.57 20.41
N VAL D 83 6.69 25.27 21.43
CA VAL D 83 8.15 25.38 21.41
C VAL D 83 8.76 24.00 21.12
N GLU D 84 9.70 23.97 20.17
CA GLU D 84 10.34 22.73 19.73
C GLU D 84 11.72 23.04 19.20
N ALA D 85 12.72 22.36 19.73
CA ALA D 85 14.12 22.70 19.43
C ALA D 85 14.75 21.86 18.30
N SER D 86 14.16 20.72 17.96
CA SER D 86 14.65 19.92 16.82
C SER D 86 14.09 20.46 15.50
N THR D 87 14.51 19.87 14.38
CA THR D 87 13.98 20.32 13.08
C THR D 87 12.53 19.87 12.86
N MET D 88 11.98 19.12 13.83
CA MET D 88 10.56 18.78 13.83
C MET D 88 9.68 20.03 13.86
N ALA D 89 10.22 21.14 14.37
CA ALA D 89 9.53 22.44 14.40
C ALA D 89 8.96 22.85 13.03
N GLN D 90 9.72 22.58 11.98
CA GLN D 90 9.30 22.89 10.60
C GLN D 90 8.08 22.06 10.21
N HIS D 91 8.08 20.78 10.54
CA HIS D 91 6.93 19.90 10.27
C HIS D 91 5.70 20.31 11.03
N ALA D 92 5.84 20.65 12.31
CA ALA D 92 4.70 21.12 13.13
C ALA D 92 4.06 22.35 12.49
N GLU D 93 4.89 23.28 12.06
CA GLU D 93 4.45 24.47 11.31
C GLU D 93 3.52 24.11 10.13
N VAL D 94 3.93 23.13 9.32
CA VAL D 94 3.18 22.64 8.19
C VAL D 94 1.80 22.10 8.61
N LEU D 95 1.77 21.43 9.76
CA LEU D 95 0.53 20.86 10.30
C LEU D 95 -0.45 21.91 10.82
N VAL D 96 0.08 23.00 11.37
CA VAL D 96 -0.74 24.07 11.90
C VAL D 96 -1.46 24.79 10.75
N LYS D 97 -0.71 25.09 9.70
CA LYS D 97 -1.29 25.74 8.52
C LYS D 97 -2.30 24.83 7.85
N SER D 98 -1.91 23.57 7.64
CA SER D 98 -2.78 22.56 7.01
C SER D 98 -4.05 22.23 7.79
N ASN D 99 -4.03 22.42 9.11
CA ASN D 99 -5.23 22.23 9.94
C ASN D 99 -5.92 23.56 10.25
N ASN D 100 -5.49 24.62 9.55
CA ASN D 100 -6.10 25.96 9.65
C ASN D 100 -6.13 26.55 11.05
N LEU D 101 -4.98 26.52 11.73
CA LEU D 101 -4.94 26.99 13.10
C LEU D 101 -3.88 28.05 13.33
N THR D 102 -3.49 28.76 12.27
CA THR D 102 -2.36 29.70 12.36
C THR D 102 -2.64 30.87 13.30
N ASP D 103 -3.90 31.24 13.43
CA ASP D 103 -4.33 32.28 14.37
C ASP D 103 -4.31 31.80 15.84
N ARG D 104 -4.29 30.49 16.04
CA ARG D 104 -4.41 29.93 17.40
C ARG D 104 -3.18 29.16 17.93
N ILE D 105 -2.40 28.54 17.03
CA ILE D 105 -1.16 27.89 17.41
C ILE D 105 0.03 28.63 16.80
N VAL D 106 0.97 29.05 17.65
CA VAL D 106 2.22 29.67 17.18
C VAL D 106 3.40 28.73 17.46
N VAL D 107 4.03 28.25 16.40
CA VAL D 107 5.21 27.41 16.55
C VAL D 107 6.45 28.27 16.71
N ILE D 108 7.18 28.02 17.79
CA ILE D 108 8.41 28.75 18.11
C ILE D 108 9.59 27.78 18.09
N PRO D 109 10.43 27.87 17.04
CA PRO D 109 11.63 27.00 17.00
C PRO D 109 12.68 27.44 18.00
N GLY D 110 13.23 26.48 18.76
CA GLY D 110 14.34 26.75 19.66
C GLY D 110 14.14 26.07 21.00
N LYS D 111 15.10 26.25 21.88
CA LYS D 111 15.06 25.66 23.22
C LYS D 111 14.19 26.52 24.14
N VAL D 112 13.33 25.88 24.94
CA VAL D 112 12.44 26.62 25.84
C VAL D 112 13.20 27.54 26.81
N GLU D 113 14.45 27.18 27.11
CA GLU D 113 15.26 28.03 27.98
C GLU D 113 16.02 29.12 27.23
N GLU D 114 15.82 29.20 25.91
CA GLU D 114 16.49 30.21 25.07
C GLU D 114 15.53 31.14 24.27
N VAL D 115 14.36 30.66 23.90
CA VAL D 115 13.36 31.52 23.21
C VAL D 115 12.70 32.47 24.22
N SER D 116 12.04 33.52 23.73
CA SER D 116 11.15 34.30 24.60
C SER D 116 9.70 34.20 24.12
N LEU D 117 8.80 34.05 25.07
CA LEU D 117 7.38 34.03 24.77
C LEU D 117 6.85 35.44 24.76
N PRO D 118 5.81 35.71 23.93
CA PRO D 118 5.15 37.00 23.92
C PRO D 118 4.45 37.35 25.22
N GLU D 119 3.96 36.35 25.95
CA GLU D 119 3.12 36.60 27.12
C GLU D 119 3.16 35.47 28.14
N GLN D 120 2.57 35.70 29.31
CA GLN D 120 2.45 34.65 30.32
C GLN D 120 1.29 33.72 29.96
N VAL D 121 1.34 32.48 30.48
CA VAL D 121 0.36 31.46 30.10
C VAL D 121 -0.44 31.00 31.30
N ASP D 122 -1.61 30.43 31.03
CA ASP D 122 -2.52 29.87 32.04
C ASP D 122 -2.16 28.45 32.44
N ILE D 123 -1.65 27.68 31.48
CA ILE D 123 -1.34 26.26 31.70
C ILE D 123 -0.17 25.83 30.79
N ILE D 124 0.66 24.92 31.29
CA ILE D 124 1.75 24.33 30.50
C ILE D 124 1.46 22.86 30.33
N ILE D 125 1.58 22.40 29.08
CA ILE D 125 1.42 20.99 28.77
C ILE D 125 2.75 20.51 28.20
N SER D 126 3.12 19.26 28.52
CA SER D 126 4.34 18.66 27.98
C SER D 126 4.28 17.17 28.12
N GLU D 127 5.00 16.46 27.25
CA GLU D 127 5.33 15.07 27.53
C GLU D 127 6.86 14.98 27.61
N PRO D 128 7.43 15.17 28.82
CA PRO D 128 8.88 15.23 29.01
C PRO D 128 9.48 14.07 29.80
N MET D 129 8.73 12.97 29.94
CA MET D 129 9.18 11.83 30.73
C MET D 129 10.04 10.92 29.83
N GLY D 130 11.29 10.70 30.20
CA GLY D 130 12.14 9.70 29.51
C GLY D 130 11.93 8.34 30.15
N TYR D 131 12.61 7.28 29.67
CA TYR D 131 12.52 5.98 30.37
C TYR D 131 13.02 6.13 31.82
N MET D 132 12.47 5.33 32.74
CA MET D 132 12.70 5.47 34.19
C MET D 132 12.33 6.85 34.70
N LEU D 133 11.43 7.52 33.97
CA LEU D 133 11.01 8.91 34.23
C LEU D 133 12.07 9.99 33.97
N PHE D 134 13.26 9.82 34.53
CA PHE D 134 14.24 10.91 34.59
C PHE D 134 15.22 11.03 33.41
N ASN D 135 15.39 9.95 32.64
CA ASN D 135 16.30 10.03 31.50
C ASN D 135 15.93 11.21 30.60
N GLU D 136 16.97 11.83 30.03
CA GLU D 136 16.88 12.96 29.08
C GLU D 136 16.99 14.31 29.76
N ARG D 137 16.70 14.33 31.06
CA ARG D 137 16.66 15.57 31.87
C ARG D 137 15.67 16.60 31.33
N MET D 138 14.64 16.15 30.61
CA MET D 138 13.65 17.10 30.07
C MET D 138 12.69 17.60 31.15
N LEU D 139 12.56 16.86 32.25
CA LEU D 139 11.77 17.40 33.36
C LEU D 139 12.23 18.79 33.83
N GLU D 140 13.54 19.04 33.75
CA GLU D 140 14.08 20.35 34.11
C GLU D 140 13.74 21.46 33.12
N SER D 141 13.57 21.10 31.84
CA SER D 141 13.11 22.07 30.83
C SER D 141 11.66 22.44 31.12
N TYR D 142 10.87 21.44 31.51
CA TYR D 142 9.48 21.60 31.92
C TYR D 142 9.32 22.53 33.12
N LEU D 143 10.13 22.30 34.16
CA LEU D 143 10.16 23.16 35.35
C LEU D 143 10.70 24.54 35.03
N HIS D 144 11.78 24.60 34.25
CA HIS D 144 12.29 25.88 33.76
C HIS D 144 11.23 26.78 33.13
N ALA D 145 10.30 26.16 32.38
CA ALA D 145 9.23 26.90 31.69
C ALA D 145 8.24 27.66 32.61
N LYS D 146 8.21 27.32 33.90
CA LYS D 146 7.34 27.98 34.89
C LYS D 146 7.60 29.49 35.04
N LYS D 147 8.75 29.95 34.55
CA LYS D 147 9.03 31.39 34.43
C LYS D 147 7.97 32.12 33.58
N TYR D 148 7.30 31.41 32.68
CA TYR D 148 6.20 31.96 31.87
C TYR D 148 4.80 31.68 32.43
N LEU D 149 4.71 30.95 33.52
CA LEU D 149 3.43 30.56 34.09
C LEU D 149 2.82 31.65 34.99
N LYS D 150 1.60 32.08 34.67
CA LYS D 150 0.90 33.04 35.54
C LYS D 150 0.77 32.45 36.95
N PRO D 151 0.72 33.31 38.00
CA PRO D 151 0.48 32.77 39.35
C PRO D 151 -0.83 31.98 39.36
N SER D 152 -0.87 30.90 40.13
CA SER D 152 -2.03 30.01 40.14
C SER D 152 -2.33 29.30 38.81
N GLY D 153 -1.42 29.41 37.84
CA GLY D 153 -1.51 28.59 36.62
C GLY D 153 -1.28 27.11 36.88
N ASN D 154 -1.57 26.27 35.90
CA ASN D 154 -1.49 24.82 36.08
C ASN D 154 -0.47 24.15 35.14
N MET D 155 -0.08 22.93 35.50
CA MET D 155 0.89 22.11 34.76
C MET D 155 0.22 20.79 34.45
N PHE D 156 0.32 20.35 33.18
CA PHE D 156 -0.22 19.06 32.70
C PHE D 156 0.90 18.25 32.02
N PRO D 157 1.45 17.21 32.70
CA PRO D 157 0.97 16.64 33.95
C PRO D 157 1.39 17.47 35.19
N THR D 158 0.68 17.24 36.30
CA THR D 158 0.85 18.03 37.52
C THR D 158 1.87 17.39 38.46
N ILE D 159 1.78 16.06 38.63
CA ILE D 159 2.73 15.34 39.44
C ILE D 159 3.23 14.07 38.73
N GLY D 160 4.46 13.67 39.01
CA GLY D 160 5.00 12.37 38.59
C GLY D 160 5.51 11.54 39.76
N ASP D 161 5.12 10.27 39.78
CA ASP D 161 5.56 9.29 40.79
C ASP D 161 6.48 8.24 40.17
N VAL D 162 7.71 8.12 40.65
CA VAL D 162 8.55 6.97 40.25
C VAL D 162 8.36 5.85 41.28
N HIS D 163 8.23 4.60 40.82
CA HIS D 163 8.08 3.44 41.73
C HIS D 163 9.27 2.53 41.67
N LEU D 164 9.72 2.02 42.81
CA LEU D 164 10.84 1.07 42.91
C LEU D 164 10.36 -0.16 43.67
N ALA D 165 10.69 -1.35 43.15
CA ALA D 165 10.33 -2.62 43.80
C ALA D 165 11.48 -3.63 43.65
N PRO D 166 11.72 -4.45 44.70
CA PRO D 166 12.76 -5.46 44.53
C PRO D 166 12.19 -6.61 43.70
N PHE D 167 13.06 -7.33 42.99
CA PHE D 167 12.63 -8.40 42.10
C PHE D 167 13.55 -9.59 42.18
N THR D 168 13.01 -10.76 41.85
CA THR D 168 13.83 -11.96 41.70
C THR D 168 13.72 -12.44 40.25
N ASP D 169 14.85 -12.72 39.62
CA ASP D 169 14.87 -13.18 38.24
C ASP D 169 16.19 -13.88 38.01
N GLU D 170 16.21 -15.15 38.41
CA GLU D 170 17.43 -15.97 38.36
C GLU D 170 18.00 -16.03 36.94
N GLN D 171 17.13 -16.19 35.96
CA GLN D 171 17.58 -16.33 34.58
C GLN D 171 18.20 -15.05 34.02
N LEU D 172 17.55 -13.91 34.25
CA LEU D 172 18.15 -12.61 33.90
C LEU D 172 19.55 -12.43 34.51
N TYR D 173 19.68 -12.74 35.81
CA TYR D 173 20.97 -12.73 36.50
C TYR D 173 22.04 -13.61 35.81
N MET D 174 21.71 -14.87 35.58
N MET D 174 21.72 -14.89 35.61
CA MET D 174 22.65 -15.85 35.00
CA MET D 174 22.65 -15.84 34.98
C MET D 174 22.95 -15.61 33.50
C MET D 174 23.08 -15.38 33.59
N GLU D 175 22.15 -14.76 32.86
CA GLU D 175 22.38 -14.32 31.46
C GLU D 175 23.63 -13.43 31.32
N GLN D 176 23.88 -12.57 32.32
CA GLN D 176 25.05 -11.69 32.35
C GLN D 176 26.36 -12.47 32.26
N PHE D 177 26.45 -13.55 33.04
CA PHE D 177 27.65 -14.41 33.09
C PHE D 177 27.77 -15.33 31.88
N THR D 178 26.63 -15.72 31.33
CA THR D 178 26.59 -16.51 30.10
C THR D 178 27.21 -15.70 28.96
N LYS D 179 26.78 -14.45 28.84
CA LYS D 179 27.30 -13.52 27.84
C LYS D 179 28.77 -13.17 28.11
N ALA D 180 29.10 -12.88 29.37
CA ALA D 180 30.45 -12.51 29.70
C ALA D 180 31.43 -13.66 29.51
N ASN D 181 30.96 -14.90 29.71
CA ASN D 181 31.82 -16.11 29.56
C ASN D 181 32.35 -16.41 28.14
N PHE D 182 31.87 -15.70 27.14
CA PHE D 182 32.56 -15.70 25.84
C PHE D 182 34.08 -15.51 26.04
N TRP D 183 34.45 -14.56 26.91
CA TRP D 183 35.85 -14.21 27.11
C TRP D 183 36.59 -15.24 27.88
N TYR D 184 35.88 -16.16 28.56
CA TYR D 184 36.54 -17.17 29.39
C TYR D 184 36.89 -18.41 28.58
N GLN D 185 37.86 -18.20 27.68
CA GLN D 185 38.25 -19.17 26.70
C GLN D 185 39.76 -19.09 26.59
N PRO D 186 40.47 -20.22 26.73
CA PRO D 186 41.92 -20.12 26.72
C PRO D 186 42.50 -20.13 25.31
N SER D 187 41.69 -20.53 24.33
CA SER D 187 42.17 -20.62 22.96
C SER D 187 41.10 -20.25 21.94
N PHE D 188 40.73 -18.97 21.91
CA PHE D 188 39.84 -18.45 20.89
C PHE D 188 40.70 -18.20 19.65
N HIS D 189 40.61 -19.07 18.64
CA HIS D 189 41.51 -19.00 17.48
C HIS D 189 42.97 -18.88 17.91
N GLY D 190 43.31 -19.56 19.00
CA GLY D 190 44.66 -19.48 19.56
C GLY D 190 44.92 -18.41 20.61
N VAL D 191 43.95 -17.54 20.89
CA VAL D 191 44.15 -16.44 21.84
C VAL D 191 43.43 -16.68 23.17
N ASP D 192 44.16 -16.56 24.29
CA ASP D 192 43.58 -16.64 25.63
C ASP D 192 42.87 -15.33 25.99
N LEU D 193 41.54 -15.35 25.99
CA LEU D 193 40.73 -14.15 26.22
C LEU D 193 40.37 -13.93 27.69
N SER D 194 40.75 -14.89 28.55
CA SER D 194 40.19 -14.98 29.89
C SER D 194 40.41 -13.74 30.77
N ALA D 195 41.53 -13.04 30.56
CA ALA D 195 41.85 -11.84 31.33
C ALA D 195 40.81 -10.72 31.22
N LEU D 196 39.99 -10.74 30.17
CA LEU D 196 38.92 -9.74 30.03
C LEU D 196 37.53 -10.16 30.57
N ARG D 197 37.38 -11.40 31.03
CA ARG D 197 36.07 -11.83 31.55
C ARG D 197 35.50 -10.87 32.59
N GLY D 198 36.31 -10.49 33.58
CA GLY D 198 35.87 -9.55 34.63
C GLY D 198 35.36 -8.23 34.10
N ALA D 199 36.08 -7.67 33.12
CA ALA D 199 35.70 -6.40 32.49
C ALA D 199 34.37 -6.52 31.73
N ALA D 200 34.14 -7.64 31.06
CA ALA D 200 32.85 -7.90 30.39
C ALA D 200 31.71 -8.03 31.39
N VAL D 201 31.92 -8.71 32.52
CA VAL D 201 30.86 -8.79 33.56
C VAL D 201 30.49 -7.39 34.06
N ASP D 202 31.51 -6.55 34.31
CA ASP D 202 31.27 -5.19 34.83
C ASP D 202 30.49 -4.35 33.82
N GLU D 203 30.88 -4.45 32.54
CA GLU D 203 30.18 -3.76 31.44
C GLU D 203 28.66 -4.06 31.40
N TYR D 204 28.30 -5.34 31.43
CA TYR D 204 26.87 -5.72 31.45
C TYR D 204 26.15 -5.22 32.69
N PHE D 205 26.80 -5.29 33.86
CA PHE D 205 26.11 -4.90 35.10
C PHE D 205 25.82 -3.41 35.23
N ARG D 206 26.64 -2.55 34.62
CA ARG D 206 26.35 -1.13 34.69
C ARG D 206 25.26 -0.61 33.72
N GLN D 207 24.68 -1.52 32.93
CA GLN D 207 23.56 -1.20 32.00
C GLN D 207 22.22 -1.53 32.63
N PRO D 208 21.38 -0.51 32.89
CA PRO D 208 20.00 -0.83 33.23
C PRO D 208 19.34 -1.58 32.07
N VAL D 209 18.44 -2.51 32.43
CA VAL D 209 17.74 -3.36 31.47
C VAL D 209 16.36 -2.77 31.17
N VAL D 210 16.18 -2.27 29.95
CA VAL D 210 14.88 -1.69 29.51
C VAL D 210 14.08 -2.79 28.78
N ASP D 211 13.02 -3.23 29.45
CA ASP D 211 12.21 -4.35 28.99
C ASP D 211 11.05 -4.50 29.95
N THR D 212 10.01 -5.19 29.51
CA THR D 212 8.89 -5.50 30.39
C THR D 212 9.14 -6.84 31.08
N PHE D 213 8.23 -7.22 31.97
CA PHE D 213 8.38 -8.48 32.70
C PHE D 213 7.04 -8.90 33.32
N ASP D 214 6.95 -10.16 33.70
CA ASP D 214 5.80 -10.69 34.42
C ASP D 214 5.82 -10.17 35.87
N ILE D 215 4.68 -9.66 36.35
CA ILE D 215 4.62 -9.07 37.71
C ILE D 215 5.01 -10.05 38.82
N ARG D 216 5.14 -11.34 38.50
CA ARG D 216 5.47 -12.34 39.51
C ARG D 216 6.92 -12.33 39.99
N ILE D 217 7.78 -11.60 39.28
CA ILE D 217 9.14 -11.42 39.73
C ILE D 217 9.23 -10.48 40.96
N LEU D 218 8.21 -9.61 41.17
CA LEU D 218 8.24 -8.60 42.23
C LEU D 218 8.01 -9.19 43.63
N MET D 219 8.84 -8.76 44.59
CA MET D 219 8.91 -9.41 45.91
C MET D 219 8.35 -8.55 47.03
N ALA D 220 8.04 -7.29 46.73
CA ALA D 220 7.50 -6.35 47.72
C ALA D 220 6.71 -5.27 47.04
N LYS D 221 5.78 -4.68 47.80
CA LYS D 221 5.10 -3.47 47.36
C LYS D 221 6.13 -2.39 47.03
N SER D 222 5.87 -1.62 45.98
CA SER D 222 6.79 -0.56 45.58
C SER D 222 6.84 0.61 46.60
N VAL D 223 7.95 1.33 46.56
CA VAL D 223 8.10 2.60 47.25
C VAL D 223 8.06 3.65 46.17
N LYS D 224 7.43 4.77 46.49
CA LYS D 224 7.12 5.76 45.50
C LYS D 224 7.80 7.07 45.90
N TYR D 225 8.34 7.75 44.90
CA TYR D 225 8.96 9.06 45.11
C TYR D 225 8.25 10.03 44.17
N THR D 226 7.75 11.12 44.74
CA THR D 226 6.86 12.05 44.03
C THR D 226 7.54 13.36 43.73
N VAL D 227 7.41 13.82 42.49
CA VAL D 227 7.83 15.15 42.08
C VAL D 227 6.54 15.92 41.80
N ASN D 228 6.30 16.98 42.55
CA ASN D 228 5.17 17.86 42.28
C ASN D 228 5.69 18.93 41.34
N PHE D 229 5.24 18.88 40.08
CA PHE D 229 5.68 19.82 39.06
C PHE D 229 5.25 21.27 39.33
N LEU D 230 4.14 21.46 40.05
CA LEU D 230 3.72 22.82 40.42
C LEU D 230 4.64 23.48 41.47
N GLU D 231 5.27 22.67 42.31
CA GLU D 231 6.09 23.18 43.44
C GLU D 231 7.61 23.06 43.26
N ALA D 232 8.07 22.06 42.51
CA ALA D 232 9.49 21.78 42.36
C ALA D 232 10.26 22.88 41.62
N LYS D 233 11.57 22.98 41.89
CA LYS D 233 12.50 23.85 41.14
C LYS D 233 13.43 22.93 40.33
N GLU D 234 14.04 23.44 39.26
CA GLU D 234 14.99 22.65 38.45
C GLU D 234 15.98 21.95 39.35
N GLY D 235 16.54 22.71 40.30
CA GLY D 235 17.58 22.23 41.23
C GLY D 235 17.18 21.03 42.06
N ASP D 236 15.87 20.87 42.29
CA ASP D 236 15.35 19.67 42.96
C ASP D 236 15.71 18.39 42.20
N LEU D 237 16.05 18.50 40.92
CA LEU D 237 16.29 17.29 40.10
C LEU D 237 17.76 16.98 39.84
N HIS D 238 18.66 17.79 40.39
CA HIS D 238 20.09 17.54 40.23
C HIS D 238 20.61 16.35 41.00
N ARG D 239 20.04 16.10 42.17
CA ARG D 239 20.42 14.95 43.01
C ARG D 239 19.13 14.45 43.59
N ILE D 240 18.72 13.25 43.18
CA ILE D 240 17.42 12.75 43.59
C ILE D 240 17.70 11.58 44.51
N GLU D 241 17.33 11.74 45.78
CA GLU D 241 17.64 10.70 46.76
C GLU D 241 16.36 9.97 47.11
N ILE D 242 16.35 8.67 46.86
CA ILE D 242 15.16 7.86 47.06
C ILE D 242 15.49 6.77 48.08
N PRO D 243 15.14 7.02 49.35
CA PRO D 243 15.34 5.99 50.34
C PRO D 243 14.22 4.97 50.17
N PHE D 244 14.49 3.72 50.52
CA PHE D 244 13.46 2.71 50.55
C PHE D 244 13.61 1.83 51.76
N LYS D 245 12.47 1.30 52.22
CA LYS D 245 12.40 0.21 53.17
C LYS D 245 11.29 -0.69 52.62
N PHE D 246 11.64 -1.83 52.04
CA PHE D 246 10.64 -2.79 51.53
C PHE D 246 10.29 -3.82 52.60
N HIS D 247 9.00 -4.02 52.80
CA HIS D 247 8.52 -5.11 53.65
C HIS D 247 8.31 -6.28 52.75
N MET D 248 9.19 -7.27 52.87
CA MET D 248 9.25 -8.34 51.90
C MET D 248 8.03 -9.25 52.01
N LEU D 249 7.35 -9.42 50.89
CA LEU D 249 6.14 -10.24 50.81
C LEU D 249 6.47 -11.67 50.38
N HIS D 250 7.67 -11.88 49.84
CA HIS D 250 8.12 -13.22 49.44
C HIS D 250 9.55 -13.52 49.85
N SER D 251 9.84 -14.78 50.15
CA SER D 251 11.20 -15.20 50.45
C SER D 251 11.90 -15.58 49.14
N GLY D 252 13.17 -15.24 49.00
CA GLY D 252 13.94 -15.64 47.79
C GLY D 252 15.16 -14.76 47.59
N LEU D 253 15.92 -15.01 46.53
CA LEU D 253 17.08 -14.17 46.22
C LEU D 253 16.70 -12.90 45.46
N VAL D 254 16.96 -11.74 46.07
CA VAL D 254 16.74 -10.46 45.41
C VAL D 254 17.89 -10.14 44.45
N HIS D 255 17.57 -10.03 43.15
CA HIS D 255 18.59 -9.74 42.13
C HIS D 255 18.71 -8.30 41.74
N GLY D 256 17.83 -7.43 42.26
CA GLY D 256 17.93 -6.02 41.96
C GLY D 256 16.62 -5.30 42.19
N LEU D 257 16.52 -4.10 41.62
CA LEU D 257 15.31 -3.25 41.69
C LEU D 257 14.65 -2.98 40.34
N ALA D 258 13.32 -3.03 40.32
CA ALA D 258 12.52 -2.71 39.11
C ALA D 258 11.95 -1.32 39.25
N PHE D 259 11.93 -0.55 38.16
CA PHE D 259 11.44 0.82 38.18
C PHE D 259 10.31 1.00 37.17
N TRP D 260 9.30 1.81 37.53
CA TRP D 260 8.33 2.36 36.57
C TRP D 260 7.83 3.67 37.08
N PHE D 261 6.90 4.32 36.37
CA PHE D 261 6.39 5.62 36.79
C PHE D 261 4.98 5.91 36.32
N ASP D 262 4.31 6.78 37.08
CA ASP D 262 2.99 7.33 36.76
C ASP D 262 3.03 8.85 36.69
N VAL D 263 2.15 9.46 35.90
CA VAL D 263 1.90 10.91 36.04
C VAL D 263 0.39 11.16 36.18
N ALA D 264 0.05 12.29 36.80
CA ALA D 264 -1.35 12.67 37.03
C ALA D 264 -1.59 14.07 36.51
N PHE D 265 -2.68 14.19 35.77
CA PHE D 265 -3.18 15.46 35.29
C PHE D 265 -4.29 15.91 36.23
N ILE D 266 -3.96 16.82 37.14
CA ILE D 266 -4.91 17.28 38.16
C ILE D 266 -5.69 18.49 37.62
N GLY D 267 -6.85 18.22 37.04
CA GLY D 267 -7.66 19.23 36.37
C GLY D 267 -8.77 19.74 37.29
N SER D 268 -9.43 20.82 36.87
CA SER D 268 -10.53 21.44 37.62
C SER D 268 -11.74 20.54 37.67
N ILE D 269 -11.89 19.70 36.65
CA ILE D 269 -13.03 18.79 36.58
C ILE D 269 -12.68 17.39 37.11
N MET D 270 -11.52 16.86 36.75
CA MET D 270 -11.13 15.53 37.21
C MET D 270 -9.63 15.28 37.10
N THR D 271 -9.18 14.25 37.79
CA THR D 271 -7.76 13.87 37.79
C THR D 271 -7.60 12.62 36.94
N VAL D 272 -6.72 12.71 35.94
CA VAL D 272 -6.48 11.61 35.01
C VAL D 272 -5.04 11.06 35.15
N TRP D 273 -4.91 9.75 35.27
CA TRP D 273 -3.61 9.10 35.41
C TRP D 273 -3.12 8.45 34.14
N LEU D 274 -1.82 8.64 33.87
CA LEU D 274 -1.12 7.84 32.87
C LEU D 274 -0.10 6.95 33.59
N SER D 275 -0.26 5.63 33.49
CA SER D 275 0.61 4.72 34.21
C SER D 275 1.45 3.85 33.26
N THR D 276 2.73 3.65 33.59
CA THR D 276 3.60 2.67 32.93
C THR D 276 3.92 1.44 33.79
N ALA D 277 3.10 1.19 34.81
CA ALA D 277 3.30 0.03 35.70
C ALA D 277 3.23 -1.31 34.94
N PRO D 278 3.93 -2.36 35.44
CA PRO D 278 3.88 -3.69 34.78
C PRO D 278 2.52 -4.40 34.95
N THR D 279 1.63 -3.80 35.73
CA THR D 279 0.25 -4.28 35.92
C THR D 279 -0.70 -3.65 34.89
N GLU D 280 -0.20 -2.70 34.10
CA GLU D 280 -0.99 -2.01 33.09
C GLU D 280 -0.55 -2.43 31.69
N PRO D 281 -1.37 -2.12 30.65
CA PRO D 281 -0.96 -2.34 29.27
C PRO D 281 0.42 -1.75 28.98
N LEU D 282 1.23 -2.49 28.22
CA LEU D 282 2.58 -2.08 27.85
C LEU D 282 2.59 -0.73 27.14
N THR D 283 3.54 0.13 27.51
CA THR D 283 3.77 1.36 26.77
C THR D 283 5.18 1.37 26.14
N HIS D 284 5.46 2.41 25.37
CA HIS D 284 6.78 2.56 24.73
C HIS D 284 7.88 2.83 25.73
N TRP D 285 7.53 3.13 26.98
CA TRP D 285 8.53 3.26 28.05
C TRP D 285 8.94 1.92 28.63
N TYR D 286 8.13 0.89 28.39
CA TYR D 286 8.35 -0.43 28.98
C TYR D 286 8.52 -0.26 30.51
N GLN D 287 9.49 -0.96 31.10
CA GLN D 287 9.94 -0.78 32.50
C GLN D 287 11.48 -0.85 32.55
N VAL D 288 12.07 -0.51 33.70
CA VAL D 288 13.54 -0.53 33.82
C VAL D 288 13.99 -1.38 35.02
N ARG D 289 15.00 -2.21 34.82
CA ARG D 289 15.58 -2.99 35.91
C ARG D 289 17.09 -2.81 36.05
N CYS D 290 17.52 -2.58 37.29
CA CYS D 290 18.92 -2.38 37.65
C CYS D 290 19.32 -3.52 38.55
N LEU D 291 20.21 -4.37 38.06
CA LEU D 291 20.68 -5.52 38.84
C LEU D 291 21.62 -5.15 40.01
N PHE D 292 21.56 -5.94 41.09
CA PHE D 292 22.61 -5.93 42.11
C PHE D 292 23.81 -6.75 41.64
N GLN D 293 25.00 -6.37 42.10
CA GLN D 293 26.23 -7.11 41.79
C GLN D 293 26.20 -8.52 42.39
N SER D 294 25.77 -8.63 43.64
CA SER D 294 25.56 -9.91 44.29
C SER D 294 24.13 -9.93 44.78
N PRO D 295 23.43 -11.05 44.57
CA PRO D 295 22.06 -11.19 45.06
C PRO D 295 22.00 -11.19 46.59
N LEU D 296 20.82 -10.90 47.14
CA LEU D 296 20.61 -10.86 48.58
C LEU D 296 19.47 -11.78 48.97
N PHE D 297 19.73 -12.73 49.88
CA PHE D 297 18.64 -13.57 50.40
C PHE D 297 17.76 -12.81 51.40
N ALA D 298 16.45 -12.79 51.15
CA ALA D 298 15.49 -12.17 52.07
C ALA D 298 14.30 -13.10 52.31
N LYS D 299 13.83 -13.15 53.56
CA LYS D 299 12.65 -13.94 53.93
C LYS D 299 11.45 -13.00 53.93
N ALA D 300 10.26 -13.53 53.64
CA ALA D 300 9.03 -12.72 53.76
C ALA D 300 8.92 -12.21 55.19
N GLY D 301 8.54 -10.95 55.35
CA GLY D 301 8.61 -10.30 56.67
C GLY D 301 9.91 -9.56 56.98
N ASP D 302 11.01 -9.92 56.31
CA ASP D 302 12.25 -9.12 56.37
C ASP D 302 12.05 -7.72 55.79
N THR D 303 12.96 -6.81 56.15
CA THR D 303 12.96 -5.49 55.56
C THR D 303 14.22 -5.36 54.74
N LEU D 304 14.10 -4.80 53.53
CA LEU D 304 15.25 -4.56 52.67
C LEU D 304 15.39 -3.05 52.53
N SER D 305 16.42 -2.49 53.17
CA SER D 305 16.56 -1.04 53.23
C SER D 305 17.80 -0.50 52.50
N GLY D 306 17.71 0.75 52.07
CA GLY D 306 18.80 1.38 51.34
C GLY D 306 18.32 2.64 50.68
N THR D 307 19.13 3.14 49.76
CA THR D 307 18.78 4.32 48.99
C THR D 307 19.16 4.15 47.50
N CYS D 308 18.39 4.78 46.63
CA CYS D 308 18.73 4.91 45.22
C CYS D 308 19.05 6.37 44.99
N LEU D 309 20.24 6.65 44.51
CA LEU D 309 20.67 8.03 44.36
C LEU D 309 20.89 8.36 42.90
N LEU D 310 20.17 9.35 42.38
CA LEU D 310 20.34 9.72 41.00
C LEU D 310 21.04 11.05 40.89
N ILE D 311 22.27 11.00 40.38
CA ILE D 311 23.10 12.17 40.24
C ILE D 311 23.12 12.60 38.77
N ALA D 312 22.63 13.81 38.50
CA ALA D 312 22.55 14.29 37.13
C ALA D 312 23.97 14.49 36.57
N ASN D 313 24.12 14.24 35.27
CA ASN D 313 25.38 14.44 34.54
C ASN D 313 25.11 15.28 33.30
N LYS D 314 26.18 15.77 32.66
CA LYS D 314 26.06 16.63 31.49
C LYS D 314 25.69 15.91 30.16
N ARG D 315 25.39 14.61 30.25
CA ARG D 315 24.94 13.83 29.10
C ARG D 315 23.43 13.61 29.13
N GLN D 316 22.71 14.58 29.68
CA GLN D 316 21.23 14.55 29.70
C GLN D 316 20.68 13.32 30.38
N SER D 317 21.35 12.85 31.42
CA SER D 317 20.92 11.67 32.13
C SER D 317 21.43 11.62 33.57
N TYR D 318 21.44 10.42 34.15
CA TYR D 318 21.80 10.22 35.54
C TYR D 318 22.76 9.05 35.73
N ASP D 319 23.68 9.22 36.67
CA ASP D 319 24.41 8.11 37.23
C ASP D 319 23.60 7.60 38.40
N ILE D 320 23.39 6.29 38.41
CA ILE D 320 22.50 5.66 39.37
C ILE D 320 23.35 4.95 40.42
N SER D 321 23.21 5.35 41.67
CA SER D 321 23.82 4.60 42.76
C SER D 321 22.75 3.90 43.61
N ILE D 322 22.88 2.59 43.74
CA ILE D 322 21.96 1.80 44.56
C ILE D 322 22.73 1.05 45.65
N VAL D 323 22.36 1.27 46.91
CA VAL D 323 22.88 0.47 48.03
C VAL D 323 21.67 -0.15 48.76
N ALA D 324 21.80 -1.42 49.11
CA ALA D 324 20.68 -2.15 49.75
C ALA D 324 21.20 -3.16 50.73
N GLN D 325 20.43 -3.37 51.80
CA GLN D 325 20.78 -4.37 52.80
C GLN D 325 19.56 -5.02 53.42
N VAL D 326 19.72 -6.28 53.81
CA VAL D 326 18.69 -7.00 54.52
C VAL D 326 18.89 -6.67 56.00
N ASP D 327 17.96 -5.91 56.57
CA ASP D 327 18.17 -5.39 57.93
C ASP D 327 18.39 -6.49 58.96
N GLN D 328 17.65 -7.60 58.81
CA GLN D 328 17.73 -8.74 59.73
C GLN D 328 19.03 -9.52 59.70
N THR D 329 19.79 -9.45 58.60
CA THR D 329 21.00 -10.24 58.46
C THR D 329 22.28 -9.43 58.30
N GLY D 330 22.13 -8.15 57.93
CA GLY D 330 23.26 -7.30 57.60
C GLY D 330 23.80 -7.53 56.20
N SER D 331 23.18 -8.45 55.46
CA SER D 331 23.65 -8.78 54.11
C SER D 331 23.40 -7.60 53.17
N LYS D 332 24.44 -7.19 52.43
CA LYS D 332 24.33 -5.96 51.63
C LYS D 332 24.93 -5.98 50.22
N SER D 333 24.40 -5.15 49.33
CA SER D 333 24.97 -5.02 47.97
C SER D 333 24.88 -3.60 47.43
N SER D 334 25.66 -3.34 46.40
N SER D 334 25.89 -3.24 46.64
CA SER D 334 25.52 -2.09 45.67
CA SER D 334 26.16 -1.84 46.22
C SER D 334 25.55 -2.32 44.16
C SER D 334 26.58 -1.77 44.73
N ASN D 335 25.25 -1.27 43.41
N ASN D 335 25.91 -0.94 43.95
CA ASN D 335 25.66 -1.21 42.02
CA ASN D 335 26.08 -0.95 42.50
C ASN D 335 25.70 0.23 41.60
C ASN D 335 26.05 0.42 41.86
N LEU D 336 26.56 0.49 40.63
CA LEU D 336 26.67 1.77 39.95
C LEU D 336 26.23 1.55 38.49
N LEU D 337 25.26 2.34 38.01
CA LEU D 337 24.79 2.15 36.63
C LEU D 337 24.80 3.42 35.80
N ASP D 338 24.94 3.29 34.49
CA ASP D 338 24.91 4.44 33.57
C ASP D 338 23.55 4.45 32.82
N LEU D 339 22.67 5.37 33.20
CA LEU D 339 21.30 5.39 32.70
C LEU D 339 21.23 5.74 31.20
N LYS D 340 22.12 6.64 30.75
CA LYS D 340 22.21 7.06 29.34
C LYS D 340 22.53 5.87 28.45
N ASN D 341 23.21 4.86 29.01
CA ASN D 341 23.69 3.73 28.21
C ASN D 341 23.16 2.36 28.62
N PRO D 342 21.84 2.16 28.47
CA PRO D 342 21.22 0.95 29.00
C PRO D 342 21.18 -0.17 27.94
N PHE D 343 20.72 -1.34 28.36
CA PHE D 343 20.49 -2.46 27.43
C PHE D 343 19.01 -2.51 27.07
N PHE D 344 18.71 -2.14 25.82
CA PHE D 344 17.34 -2.23 25.29
C PHE D 344 17.06 -3.66 24.89
N ARG D 345 16.66 -4.45 25.88
CA ARG D 345 16.55 -5.89 25.75
C ARG D 345 15.37 -6.31 24.87
N TYR D 346 14.28 -5.54 24.91
CA TYR D 346 13.09 -5.83 24.07
C TYR D 346 13.38 -5.92 22.57
N THR D 347 14.38 -5.16 22.09
CA THR D 347 14.77 -5.19 20.69
C THR D 347 15.42 -6.54 20.39
N SAH E . -39.93 -11.63 -11.22
CA SAH E . -38.68 -12.22 -11.85
CB SAH E . -37.68 -11.14 -12.32
CG SAH E . -37.01 -10.27 -11.22
SD SAH E . -35.85 -9.05 -11.80
C SAH E . -38.03 -13.17 -10.88
O SAH E . -37.25 -14.06 -11.28
OXT SAH E . -38.22 -13.07 -9.66
C5' SAH E . -36.83 -7.57 -11.83
C4' SAH E . -37.60 -7.43 -13.14
O4' SAH E . -38.44 -6.28 -13.08
C3' SAH E . -36.73 -7.23 -14.39
O3' SAH E . -37.16 -8.19 -15.35
C2' SAH E . -37.00 -5.81 -14.86
O2' SAH E . -36.99 -5.64 -16.28
C1' SAH E . -38.41 -5.60 -14.34
N9 SAH E . -38.73 -4.19 -14.02
C8 SAH E . -37.95 -3.34 -13.32
N7 SAH E . -38.59 -2.14 -13.18
C5 SAH E . -39.78 -2.25 -13.78
C6 SAH E . -40.93 -1.34 -14.02
N6 SAH E . -40.92 -0.06 -13.54
N1 SAH E . -42.00 -1.86 -14.69
C2 SAH E . -42.04 -3.12 -15.18
N3 SAH E . -41.00 -3.99 -14.99
C4 SAH E . -39.88 -3.60 -14.32
CAZ BW7 F . -22.83 -8.15 -13.05
CBA BW7 F . -21.40 -8.24 -13.56
OBB BW7 F . -21.40 -7.87 -14.95
CBC BW7 F . -21.65 -6.43 -15.11
CBD BW7 F . -23.07 -6.10 -14.65
NAY BW7 F . -23.55 -6.90 -13.48
CAH BW7 F . -24.68 -6.55 -12.81
CAI BW7 F . -25.07 -7.27 -11.69
CAG BW7 F . -25.45 -5.50 -13.20
CAF BW7 F . -25.35 -4.63 -14.19
NAE BW7 F . -26.40 -3.80 -14.08
NAD BW7 F . -27.10 -4.12 -13.11
CAB BW7 F . -28.36 -3.42 -12.70
CAC BW7 F . -28.33 -1.89 -12.95
CAA BW7 F . -29.50 -4.01 -13.47
CAL BW7 F . -26.55 -5.17 -12.51
NAK BW7 F . -26.95 -5.86 -11.42
CAJ BW7 F . -26.23 -6.91 -10.98
CAM BW7 F . -26.68 -7.63 -9.86
CAX BW7 F . -28.06 -7.77 -9.63
CAN BW7 F . -25.77 -8.18 -8.97
CAO BW7 F . -26.21 -8.89 -7.86
CAP BW7 F . -27.56 -9.04 -7.62
CAQ BW7 F . -28.49 -8.50 -8.51
OAR BW7 F . -29.79 -8.70 -8.21
CAS BW7 F . -30.80 -8.33 -9.16
CAT BW7 F . -32.17 -8.58 -8.55
OAU BW7 F . -32.44 -10.00 -8.52
CAV BW7 F . -33.24 -7.90 -9.42
NAW BW7 F . -34.48 -7.77 -8.66
C1 GOL G . -34.79 -22.53 -0.64
O1 GOL G . -33.66 -22.78 0.19
C2 GOL G . -36.11 -22.83 0.10
O2 GOL G . -35.93 -22.84 1.52
C3 GOL G . -36.67 -24.17 -0.36
O3 GOL G . -37.68 -24.57 0.55
C1 GOL H . -34.50 -12.26 11.12
O1 GOL H . -35.66 -12.38 11.97
C2 GOL H . -34.52 -13.47 10.20
O2 GOL H . -34.63 -14.67 10.99
C3 GOL H . -33.24 -13.51 9.39
O3 GOL H . -33.14 -14.77 8.72
C1 GOL I . -26.80 -18.02 -6.31
O1 GOL I . -27.09 -19.13 -7.17
C2 GOL I . -25.39 -18.10 -5.75
O2 GOL I . -25.12 -19.42 -5.26
C3 GOL I . -24.41 -17.79 -6.85
O3 GOL I . -23.25 -17.27 -6.21
C1 GOL J . -22.03 -19.73 3.47
O1 GOL J . -21.18 -20.65 2.78
C2 GOL J . -22.05 -20.12 4.93
O2 GOL J . -23.21 -20.91 5.20
C3 GOL J . -22.11 -18.84 5.75
O3 GOL J . -21.46 -19.05 7.01
N SAH K . -5.49 7.90 -26.67
CA SAH K . -5.69 7.25 -25.31
CB SAH K . -7.16 6.81 -25.18
CG SAH K . -7.64 5.92 -26.36
SD SAH K . -9.23 5.13 -26.05
C SAH K . -4.71 6.11 -25.21
O SAH K . -4.15 5.74 -26.24
OXT SAH K . -4.42 5.55 -24.11
C5' SAH K . -10.22 6.17 -27.10
C4' SAH K . -10.53 7.52 -26.47
O4' SAH K . -11.16 8.33 -27.45
C3' SAH K . -11.51 7.48 -25.28
O3' SAH K . -10.91 8.21 -24.21
C2' SAH K . -12.77 8.14 -25.81
O2' SAH K . -13.55 8.84 -24.84
C1' SAH K . -12.21 9.10 -26.87
N9 SAH K . -13.16 9.37 -27.97
C8 SAH K . -13.87 8.41 -28.60
N7 SAH K . -14.61 8.95 -29.58
C5 SAH K . -14.36 10.28 -29.60
C6 SAH K . -14.86 11.42 -30.42
N6 SAH K . -15.78 11.25 -31.40
N1 SAH K . -14.35 12.64 -30.10
C2 SAH K . -13.46 12.85 -29.11
N3 SAH K . -12.97 11.87 -28.34
C4 SAH K . -13.41 10.57 -28.54
CAZ BW7 L . -17.57 -3.72 -20.42
CBA BW7 L . -18.10 -5.01 -19.72
OBB BW7 L . -17.00 -5.77 -19.07
CBC BW7 L . -15.91 -6.13 -19.95
CBD BW7 L . -15.25 -4.86 -20.49
NAY BW7 L . -16.27 -3.94 -21.09
CAH BW7 L . -15.97 -3.28 -22.25
CAI BW7 L . -14.78 -3.62 -22.90
CAG BW7 L . -16.76 -2.33 -22.79
CAF BW7 L . -17.91 -1.77 -22.44
NAE BW7 L . -18.22 -0.83 -23.38
NAD BW7 L . -17.38 -0.81 -24.22
CAB BW7 L . -17.48 0.12 -25.40
CAC BW7 L . -18.89 0.73 -25.56
CAA BW7 L . -16.51 1.26 -25.22
CAL BW7 L . -16.41 -1.70 -23.94
NAK BW7 L . -15.27 -2.04 -24.58
CAJ BW7 L . -14.44 -2.97 -24.09
CAM BW7 L . -13.25 -3.31 -24.74
CAX BW7 L . -12.45 -2.32 -25.33
CAN BW7 L . -12.84 -4.63 -24.81
CAO BW7 L . -11.66 -4.97 -25.45
CAP BW7 L . -10.87 -3.99 -26.05
CAQ BW7 L . -11.27 -2.66 -25.99
OAR BW7 L . -10.45 -1.74 -26.58
CAS BW7 L . -10.82 -0.38 -26.44
CAT BW7 L . -9.87 0.42 -27.34
OAU BW7 L . -8.54 0.23 -26.88
CAV BW7 L . -10.21 1.91 -27.35
NAW BW7 L . -9.49 2.59 -28.49
C1 GOL M . 2.22 -8.56 -41.27
O1 GOL M . 3.29 -8.44 -42.21
C2 GOL M . 2.74 -8.00 -39.95
O2 GOL M . 4.02 -8.56 -39.69
C3 GOL M . 1.81 -8.37 -38.82
O3 GOL M . 2.49 -8.16 -37.59
C1 GOL N . -34.36 -25.14 -29.93
O1 GOL N . -33.14 -25.28 -30.67
C2 GOL N . -35.25 -26.37 -29.92
O2 GOL N . -36.07 -26.38 -31.09
C3 GOL N . -36.14 -26.37 -28.68
O3 GOL N . -36.07 -27.61 -28.00
N SAH O . 40.58 -5.30 14.19
CA SAH O . 39.46 -5.67 15.11
CB SAH O . 38.44 -4.52 15.22
CG SAH O . 37.74 -4.22 13.88
SD SAH O . 36.48 -2.99 14.01
C SAH O . 38.84 -6.91 14.55
O SAH O . 39.02 -7.23 13.36
OXT SAH O . 38.17 -7.66 15.26
C5' SAH O . 37.36 -1.50 13.59
C4' SAH O . 38.19 -0.93 14.76
O4' SAH O . 38.97 0.20 14.30
C3' SAH O . 37.32 -0.37 15.88
O3' SAH O . 37.80 -0.93 17.09
C2' SAH O . 37.49 1.14 15.84
O2' SAH O . 37.43 1.79 17.11
C1' SAH O . 38.86 1.27 15.24
N9 SAH O . 39.11 2.53 14.48
C8 SAH O . 38.27 3.09 13.60
N7 SAH O . 38.81 4.21 13.07
C5 SAH O . 40.04 4.36 13.60
C6 SAH O . 41.13 5.35 13.44
N6 SAH O . 40.99 6.41 12.60
N1 SAH O . 42.26 5.13 14.18
C2 SAH O . 42.38 4.10 15.03
N3 SAH O . 41.41 3.17 15.21
C4 SAH O . 40.24 3.25 14.53
CAZ BW7 P . 23.11 -1.98 14.86
CBA BW7 P . 21.77 -1.92 15.62
OBB BW7 P . 21.96 -1.31 16.91
CBC BW7 P . 22.29 0.08 16.74
CBD BW7 P . 23.74 0.15 16.23
NAY BW7 P . 24.01 -0.81 15.11
CAH BW7 P . 25.13 -0.65 14.34
CAI BW7 P . 25.56 -1.71 13.53
CAG BW7 P . 25.81 0.50 14.32
CAF BW7 P . 25.67 1.67 14.96
NAE BW7 P . 26.66 2.47 14.58
NAD BW7 P . 27.38 1.90 13.76
CAB BW7 P . 28.58 2.53 13.12
CAC BW7 P . 28.23 3.78 12.31
CAA BW7 P . 29.60 2.92 14.21
CAL BW7 P . 26.91 0.65 13.55
NAK BW7 P . 27.34 -0.36 12.76
CAJ BW7 P . 26.70 -1.54 12.73
CAM BW7 P . 27.19 -2.54 11.87
CAX BW7 P . 28.56 -2.78 11.72
CAN BW7 P . 26.27 -3.29 11.12
CAO BW7 P . 26.70 -4.28 10.23
CAP BW7 P . 28.07 -4.53 10.09
CAQ BW7 P . 29.00 -3.78 10.82
OAR BW7 P . 30.33 -4.09 10.64
CAS BW7 P . 31.32 -3.21 11.18
CAT BW7 P . 32.71 -3.71 10.75
OAU BW7 P . 32.91 -5.05 11.20
CAV BW7 P . 33.80 -2.79 11.33
NAW BW7 P . 35.08 -2.98 10.62
C1 GOL Q . 35.92 -19.56 8.36
O1 GOL Q . 34.88 -19.37 7.40
C2 GOL Q . 37.22 -20.02 7.70
O2 GOL Q . 37.07 -20.13 6.28
C3 GOL Q . 37.63 -21.36 8.29
O3 GOL Q . 38.88 -21.74 7.69
C1 GOL R . 34.59 -13.50 -6.42
O1 GOL R . 35.76 -13.69 -7.24
C2 GOL R . 34.86 -14.17 -5.08
O2 GOL R . 35.59 -15.37 -5.32
C3 GOL R . 33.54 -14.50 -4.38
O3 GOL R . 33.80 -15.35 -3.25
N SAH S . 4.91 16.76 22.47
CA SAH S . 5.25 15.62 21.56
CB SAH S . 6.74 15.29 21.67
CG SAH S . 7.20 14.77 23.04
SD SAH S . 8.87 14.15 22.99
C SAH S . 4.37 14.44 21.90
O SAH S . 4.19 13.51 21.10
OXT SAH S . 3.81 14.39 23.00
C5' SAH S . 9.81 15.49 23.64
C4' SAH S . 10.04 16.56 22.58
O4' SAH S . 10.53 17.73 23.24
C3' SAH S . 11.05 16.19 21.49
O3' SAH S . 10.45 16.49 20.22
C2' SAH S . 12.25 17.07 21.80
O2' SAH S . 12.99 17.48 20.64
C1' SAH S . 11.62 18.28 22.49
N9 SAH S . 12.52 18.97 23.45
C8 SAH S . 13.29 18.39 24.39
N7 SAH S . 13.96 19.31 25.11
C5 SAH S . 13.62 20.52 24.65
C6 SAH S . 13.97 21.92 24.98
N6 SAH S . 14.86 22.20 25.97
N1 SAH S . 13.37 22.89 24.25
C2 SAH S . 12.48 22.64 23.25
N3 SAH S . 12.12 21.38 22.90
C4 SAH S . 12.65 20.30 23.55
CAZ BW7 T . 18.10 4.47 20.81
CBA BW7 T . 18.70 3.04 20.78
OBB BW7 T . 17.73 2.07 20.23
CBC BW7 T . 16.50 2.04 21.04
CBD BW7 T . 15.81 3.39 20.92
NAY BW7 T . 16.72 4.47 21.37
CAH BW7 T . 16.29 5.40 22.25
CAI BW7 T . 15.09 5.18 22.92
CAG BW7 T . 16.96 6.54 22.47
CAF BW7 T . 18.11 7.03 21.99
NAE BW7 T . 18.32 8.23 22.57
NAD BW7 T . 17.40 8.48 23.36
CAB BW7 T . 17.37 9.74 24.16
CAC BW7 T . 18.75 10.33 24.39
CAA BW7 T . 16.51 10.78 23.46
CAL BW7 T . 16.51 7.46 23.33
NAK BW7 T . 15.35 7.26 24.00
CAJ BW7 T . 14.62 6.15 23.82
CAM BW7 T . 13.43 5.95 24.52
CAX BW7 T . 12.56 7.03 24.76
CAN BW7 T . 13.08 4.67 24.96
CAO BW7 T . 11.88 4.46 25.64
CAP BW7 T . 11.03 5.54 25.89
CAQ BW7 T . 11.36 6.82 25.45
OAR BW7 T . 10.49 7.82 25.74
CAS BW7 T . 10.63 9.06 25.04
CAT BW7 T . 9.64 10.05 25.65
OAU BW7 T . 8.36 9.74 25.16
CAV BW7 T . 10.01 11.47 25.24
NAW BW7 T . 9.25 12.48 26.01
C1 GOL U . -2.13 -6.44 32.49
O1 GOL U . -2.46 -5.28 31.70
C2 GOL U . -0.63 -6.72 32.44
O2 GOL U . -0.18 -6.67 31.08
C3 GOL U . -0.33 -8.10 33.01
O3 GOL U . -0.44 -8.10 34.45
C1 GOL V . 2.75 -1.18 42.84
O1 GOL V . 2.39 0.05 43.48
C2 GOL V . 3.31 -2.20 43.84
O2 GOL V . 2.22 -2.79 44.54
C3 GOL V . 4.05 -3.27 43.04
O3 GOL V . 5.05 -3.94 43.81
C1 GOL W . -5.79 31.58 34.82
O1 GOL W . -7.09 31.63 34.22
C2 GOL W . -5.41 30.14 35.14
O2 GOL W . -6.41 29.24 34.65
C3 GOL W . -5.31 29.98 36.65
O3 GOL W . -4.47 31.00 37.20
#